data_3QZ2
#
_entry.id   3QZ2
#
_cell.length_a   262.073
_cell.length_b   262.073
_cell.length_c   90.838
_cell.angle_alpha   90.00
_cell.angle_beta   90.00
_cell.angle_gamma   120.00
#
_symmetry.space_group_name_H-M   'P 65'
#
loop_
_entity.id
_entity.type
_entity.pdbx_description
1 polymer 'Insulin-degrading enzyme'
2 non-polymer 'ZINC ION'
3 water water
#
_entity_poly.entity_id   1
_entity_poly.type   'polypeptide(L)'
_entity_poly.pdbx_seq_one_letter_code
;MHHHHHHAAGIPMNNPAIKRIGNHITKSPEDKREYRGLELANGIKVLLISDPTTDKSSAALDVHIGSLSDPPNIAGLSHF
LEHMLFLGTKKYPKENEYSQFLSEHAGSSNAFTSGEHTNYYFDVSHEHLEGALDRFAQFFLSPLFDESAKDREVNAVDSE
HEKNVMNDAWRLFQLEKATGNPKHPFSKFGTGNKYTLETRPNQEGIDVRQELLKFHSAYYSSNLMAVVVLGRESLDDLTN
LVVKLFSEVENKNVPLPEFPEHPFQEEHLKQLYKIVPIKDIRNLYVTFPIPDLQKYYKSNPGHYLGHLIGHEGPGSLLSE
LKSKGWVNTLVGGQKEGARGFMFFIINVDLTEEGLLHVEDIILHMFQYIQKLRAEGPQEWVFQELKDLNAVAFRFKDKER
PRGYTSKIAGILHYYPLEEVLTAEYLLEEFRPDLIEMVLDKLRPENVRVAIVSKSFEGKTDRTEEWYGTQYKQEAIPDEV
IKKWQNADLNGKFKLPTKNEFIPTNFEILPLEKEATPYPALIKDTAMSKLWFKQDDKFFLPKANLNFEFFSPFAYVDPLH
SNMAYLYLELLKDSLNEYAYAAELAGLSYDLQNTIYGMYLSVKGYNDKQPILLKKIIEKMATFEIDEKRFEIIKEAYMRS
LNNFRAEQPHQHAMYYLRLLMTEVAWTKDELKEALDDVTLPRLKAFIPQLLSRLHIEALLHGNITKQAALGIMQMVEDTL
IEHAHTKPLLPSQLVRYREVQLPDRGWFVYQQRNEVHNNSGIEIYYQTDMQSTSENMFLELFAQIISEPAFNTLRTKEQL
GYIVFSGPRRANGIQGLRFIIQSEKPPHYLESRVEAFLITMEKSIEDMTEEAFQKHIQALAIRRLDKPKKLSAESAKYWG
EIISQQYNFDRDNTEVAYLKTLTKEDIIKFYKEMLAVDAPRRHKVSVHVLAREMDSNPVVGEFPAQNDINLSQAPALPQP
EVIQNMTEFKRGLPLFPLVKPHINFMAAKL
;
_entity_poly.pdbx_strand_id   A,B
#
loop_
_chem_comp.id
_chem_comp.type
_chem_comp.name
_chem_comp.formula
ZN non-polymer 'ZINC ION' 'Zn 2'
#
# COMPACT_ATOMS: atom_id res chain seq x y z
N ASN A 14 0.36 -69.96 -30.24
CA ASN A 14 1.31 -68.87 -30.59
C ASN A 14 0.72 -67.68 -31.45
N ASN A 15 1.54 -66.61 -31.65
CA ASN A 15 1.23 -65.46 -32.54
C ASN A 15 2.35 -65.09 -33.53
N PRO A 16 2.03 -65.11 -34.85
CA PRO A 16 2.93 -64.71 -35.93
C PRO A 16 3.50 -63.30 -35.74
N ALA A 17 2.65 -62.38 -35.29
CA ALA A 17 2.97 -60.95 -35.26
C ALA A 17 3.90 -60.54 -34.12
N ILE A 18 4.19 -61.47 -33.21
CA ILE A 18 4.92 -61.19 -31.98
C ILE A 18 6.15 -62.13 -31.87
N LYS A 19 7.35 -61.56 -31.71
CA LYS A 19 8.56 -62.36 -31.50
C LYS A 19 8.66 -62.87 -30.07
N ARG A 20 8.15 -62.13 -29.10
CA ARG A 20 8.08 -62.68 -27.74
C ARG A 20 7.37 -61.79 -26.77
N ILE A 21 6.66 -62.40 -25.82
CA ILE A 21 6.26 -61.70 -24.61
C ILE A 21 7.43 -61.83 -23.65
N GLY A 22 7.68 -60.78 -22.87
CA GLY A 22 8.74 -60.86 -21.88
C GLY A 22 8.08 -61.36 -20.61
N ASN A 23 8.91 -61.64 -19.59
CA ASN A 23 8.44 -62.16 -18.28
C ASN A 23 7.87 -61.09 -17.36
N HIS A 24 7.60 -61.44 -16.08
CA HIS A 24 7.16 -60.43 -15.11
C HIS A 24 8.05 -59.20 -15.28
N ILE A 25 7.44 -58.02 -15.47
CA ILE A 25 8.14 -56.72 -15.49
C ILE A 25 8.27 -56.19 -14.06
N THR A 26 9.48 -56.01 -13.55
CA THR A 26 9.66 -55.71 -12.11
C THR A 26 9.13 -54.34 -11.83
N LYS A 27 8.27 -54.18 -10.83
CA LYS A 27 7.81 -52.84 -10.49
C LYS A 27 7.94 -52.58 -8.99
N SER A 28 7.77 -51.33 -8.54
CA SER A 28 7.66 -51.07 -7.09
C SER A 28 6.45 -51.84 -6.61
N PRO A 29 6.42 -52.29 -5.34
CA PRO A 29 5.19 -53.00 -4.93
C PRO A 29 4.06 -52.04 -4.62
N GLU A 30 4.36 -50.74 -4.58
CA GLU A 30 3.32 -49.72 -4.43
C GLU A 30 2.69 -49.36 -5.80
N ASP A 31 3.34 -49.80 -6.86
CA ASP A 31 2.88 -49.49 -8.19
C ASP A 31 1.69 -50.36 -8.55
N LYS A 32 0.52 -49.72 -8.56
CA LYS A 32 -0.73 -50.44 -8.77
C LYS A 32 -0.93 -50.71 -10.25
N ARG A 33 -0.13 -50.09 -11.12
CA ARG A 33 -0.29 -50.27 -12.58
C ARG A 33 0.14 -51.68 -13.02
N GLU A 34 -0.49 -52.20 -14.07
CA GLU A 34 -0.09 -53.50 -14.62
C GLU A 34 0.69 -53.36 -15.94
N TYR A 35 1.66 -54.24 -16.16
CA TYR A 35 2.67 -54.07 -17.21
C TYR A 35 3.00 -55.30 -18.05
N ARG A 36 3.04 -55.15 -19.37
CA ARG A 36 3.55 -56.23 -20.21
C ARG A 36 4.57 -55.72 -21.21
N GLY A 37 5.76 -56.30 -21.21
CA GLY A 37 6.75 -55.99 -22.21
C GLY A 37 6.66 -57.03 -23.28
N LEU A 38 6.80 -56.63 -24.54
CA LEU A 38 6.87 -57.60 -25.62
C LEU A 38 7.69 -57.03 -26.77
N GLU A 39 8.29 -57.92 -27.57
CA GLU A 39 9.01 -57.53 -28.76
C GLU A 39 8.15 -57.99 -29.90
N LEU A 40 7.92 -57.10 -30.85
CA LEU A 40 7.14 -57.42 -32.03
C LEU A 40 7.95 -58.23 -33.04
N ALA A 41 7.21 -58.77 -34.00
CA ALA A 41 7.79 -59.47 -35.14
C ALA A 41 8.83 -58.63 -35.88
N ASN A 42 8.52 -57.36 -36.16
CA ASN A 42 9.44 -56.53 -36.91
C ASN A 42 10.51 -55.83 -36.04
N GLY A 43 10.58 -56.19 -34.76
CA GLY A 43 11.70 -55.72 -33.92
C GLY A 43 11.42 -54.56 -32.99
N ILE A 44 10.17 -54.08 -33.01
CA ILE A 44 9.76 -53.02 -32.12
C ILE A 44 9.67 -53.54 -30.71
N LYS A 45 10.50 -52.96 -29.85
CA LYS A 45 10.41 -53.16 -28.41
C LYS A 45 9.24 -52.33 -27.87
N VAL A 46 8.33 -52.96 -27.14
CA VAL A 46 7.06 -52.34 -26.72
C VAL A 46 6.76 -52.56 -25.25
N LEU A 47 6.44 -51.49 -24.50
CA LEU A 47 5.95 -51.63 -23.14
C LEU A 47 4.48 -51.24 -23.09
N LEU A 48 3.66 -52.01 -22.41
CA LEU A 48 2.23 -51.68 -22.32
C LEU A 48 1.80 -51.50 -20.88
N ILE A 49 1.21 -50.34 -20.62
CA ILE A 49 0.81 -50.03 -19.29
C ILE A 49 -0.71 -50.06 -19.16
N SER A 50 -1.24 -50.89 -18.28
CA SER A 50 -2.62 -50.73 -17.95
C SER A 50 -2.85 -50.06 -16.59
N ASP A 51 -3.50 -48.91 -16.64
CA ASP A 51 -3.98 -48.23 -15.47
C ASP A 51 -5.47 -47.97 -15.66
N PRO A 52 -6.33 -48.87 -15.11
CA PRO A 52 -7.79 -48.74 -15.25
C PRO A 52 -8.32 -47.48 -14.61
N THR A 53 -7.48 -46.75 -13.89
CA THR A 53 -7.93 -45.55 -13.18
C THR A 53 -7.58 -44.26 -13.92
N THR A 54 -6.67 -44.32 -14.89
CA THR A 54 -6.13 -43.07 -15.49
C THR A 54 -7.16 -42.20 -16.18
N ASP A 55 -7.02 -40.88 -16.11
CA ASP A 55 -7.98 -40.03 -16.80
C ASP A 55 -7.54 -39.72 -18.21
N LYS A 56 -6.26 -39.46 -18.40
CA LYS A 56 -5.67 -39.39 -19.75
C LYS A 56 -4.92 -40.69 -20.11
N SER A 57 -4.90 -41.07 -21.38
CA SER A 57 -4.06 -42.18 -21.84
C SER A 57 -2.91 -41.57 -22.62
N SER A 58 -1.88 -42.34 -22.91
CA SER A 58 -0.71 -41.80 -23.55
C SER A 58 -0.02 -42.87 -24.37
N ALA A 59 0.76 -42.48 -25.38
CA ALA A 59 1.71 -43.41 -25.99
C ALA A 59 2.90 -42.62 -26.42
N ALA A 60 4.04 -43.29 -26.59
CA ALA A 60 5.27 -42.62 -27.04
C ALA A 60 6.06 -43.53 -27.96
N LEU A 61 6.74 -42.97 -28.94
CA LEU A 61 7.59 -43.77 -29.76
C LEU A 61 8.92 -43.11 -29.82
N ASP A 62 9.94 -43.94 -29.57
CA ASP A 62 11.31 -43.48 -29.65
C ASP A 62 12.00 -44.20 -30.77
N VAL A 63 12.68 -43.44 -31.62
CA VAL A 63 13.38 -44.01 -32.76
C VAL A 63 14.81 -43.76 -32.46
N HIS A 64 15.59 -44.81 -32.56
CA HIS A 64 16.96 -44.69 -32.15
C HIS A 64 17.86 -43.95 -33.14
N ILE A 65 17.28 -43.05 -33.91
CA ILE A 65 18.06 -42.23 -34.78
C ILE A 65 17.89 -40.78 -34.39
N GLY A 66 18.93 -39.97 -34.68
CA GLY A 66 18.92 -38.53 -34.39
C GLY A 66 19.99 -37.70 -35.11
N SER A 67 20.10 -36.44 -34.71
CA SER A 67 20.93 -35.49 -35.44
C SER A 67 22.41 -35.86 -35.62
N LEU A 68 22.94 -36.85 -34.89
CA LEU A 68 24.30 -37.36 -35.17
C LEU A 68 24.31 -38.06 -36.52
N SER A 69 23.16 -38.60 -36.88
CA SER A 69 23.02 -39.24 -38.18
C SER A 69 22.52 -38.32 -39.31
N ASP A 70 22.54 -37.00 -39.11
CA ASP A 70 22.12 -36.05 -40.15
C ASP A 70 23.03 -36.20 -41.36
N PRO A 71 22.51 -36.04 -42.60
CA PRO A 71 23.53 -36.04 -43.66
C PRO A 71 24.53 -34.93 -43.39
N PRO A 72 25.82 -35.15 -43.76
CA PRO A 72 26.74 -34.07 -43.33
C PRO A 72 26.50 -32.79 -44.08
N ASN A 73 25.70 -32.82 -45.13
CA ASN A 73 25.49 -31.65 -45.96
C ASN A 73 24.07 -31.12 -45.93
N ILE A 74 23.23 -31.61 -45.01
CA ILE A 74 21.95 -30.93 -44.71
C ILE A 74 21.72 -30.96 -43.19
N ALA A 75 22.43 -30.10 -42.48
CA ALA A 75 22.42 -30.10 -41.02
C ALA A 75 21.03 -29.82 -40.48
N GLY A 76 20.64 -30.56 -39.45
CA GLY A 76 19.31 -30.38 -38.85
C GLY A 76 18.16 -31.16 -39.47
N LEU A 77 18.44 -31.89 -40.55
CA LEU A 77 17.40 -32.62 -41.27
C LEU A 77 16.60 -33.55 -40.36
N SER A 78 17.26 -34.20 -39.41
CA SER A 78 16.49 -35.13 -38.58
C SER A 78 15.66 -34.47 -37.46
N HIS A 79 16.15 -33.35 -36.91
CA HIS A 79 15.29 -32.42 -36.17
C HIS A 79 14.11 -32.04 -37.07
N PHE A 80 14.39 -31.58 -38.30
CA PHE A 80 13.35 -31.05 -39.18
C PHE A 80 12.34 -32.11 -39.59
N LEU A 81 12.79 -33.35 -39.72
CA LEU A 81 11.88 -34.45 -40.02
C LEU A 81 10.89 -34.51 -38.87
N GLU A 82 11.39 -34.40 -37.64
CA GLU A 82 10.54 -34.48 -36.41
C GLU A 82 9.41 -33.46 -36.49
N HIS A 83 9.76 -32.24 -36.88
CA HIS A 83 8.77 -31.21 -37.02
C HIS A 83 7.69 -31.58 -38.00
N MET A 84 8.07 -32.32 -39.04
CA MET A 84 7.23 -32.53 -40.22
C MET A 84 6.33 -33.70 -40.08
N LEU A 85 6.58 -34.65 -39.19
CA LEU A 85 5.64 -35.79 -39.12
C LEU A 85 4.23 -35.37 -38.62
N PHE A 86 4.20 -34.23 -37.92
CA PHE A 86 2.96 -33.67 -37.41
C PHE A 86 2.02 -33.11 -38.49
N LEU A 87 2.56 -32.69 -39.62
CA LEU A 87 1.75 -32.04 -40.61
C LEU A 87 1.18 -32.88 -41.78
N GLY A 88 0.85 -34.16 -41.55
CA GLY A 88 0.08 -34.92 -42.54
C GLY A 88 0.66 -36.26 -42.93
N THR A 89 -0.19 -37.28 -42.95
CA THR A 89 0.16 -38.62 -43.47
C THR A 89 -0.88 -39.06 -44.53
N LYS A 90 -0.63 -40.15 -45.26
CA LYS A 90 -1.53 -40.62 -46.33
C LYS A 90 -2.93 -40.92 -45.82
N LYS A 91 -3.02 -41.68 -44.74
CA LYS A 91 -4.31 -41.96 -44.12
C LYS A 91 -4.99 -40.70 -43.48
N TYR A 92 -4.23 -39.82 -42.86
CA TYR A 92 -4.81 -38.63 -42.30
C TYR A 92 -4.08 -37.45 -42.85
N PRO A 93 -4.57 -36.90 -43.98
CA PRO A 93 -3.77 -35.95 -44.75
C PRO A 93 -4.04 -34.48 -44.42
N LYS A 94 -5.07 -34.16 -43.62
CA LYS A 94 -5.29 -32.76 -43.26
C LYS A 94 -4.04 -32.21 -42.54
N GLU A 95 -3.58 -31.02 -42.91
CA GLU A 95 -2.29 -30.60 -42.36
C GLU A 95 -2.23 -30.67 -40.84
N ASN A 96 -3.35 -30.49 -40.18
CA ASN A 96 -3.37 -30.46 -38.73
C ASN A 96 -4.34 -31.44 -38.06
N GLU A 97 -4.78 -32.46 -38.80
CA GLU A 97 -5.66 -33.52 -38.29
C GLU A 97 -5.25 -34.02 -36.91
N TYR A 98 -3.96 -34.28 -36.74
CA TYR A 98 -3.46 -34.84 -35.53
C TYR A 98 -3.60 -33.86 -34.36
N SER A 99 -2.95 -32.70 -34.47
CA SER A 99 -3.03 -31.71 -33.38
C SER A 99 -4.47 -31.26 -33.11
N GLN A 100 -5.32 -31.23 -34.12
CA GLN A 100 -6.72 -30.96 -33.90
C GLN A 100 -7.46 -32.11 -33.19
N PHE A 101 -7.26 -33.34 -33.63
CA PHE A 101 -7.89 -34.47 -32.96
C PHE A 101 -7.51 -34.51 -31.48
N LEU A 102 -6.33 -34.02 -31.17
CA LEU A 102 -5.87 -34.04 -29.80
C LEU A 102 -6.51 -32.92 -28.95
N SER A 103 -6.69 -31.74 -29.55
CA SER A 103 -7.22 -30.61 -28.85
C SER A 103 -8.66 -30.91 -28.49
N GLU A 104 -9.34 -31.55 -29.43
CA GLU A 104 -10.76 -31.83 -29.31
C GLU A 104 -11.02 -32.95 -28.37
N HIS A 105 -9.98 -33.65 -27.96
CA HIS A 105 -10.21 -34.73 -27.03
C HIS A 105 -9.30 -34.70 -25.84
N ALA A 106 -8.98 -33.48 -25.40
CA ALA A 106 -8.21 -33.24 -24.18
C ALA A 106 -6.73 -33.75 -24.17
N GLY A 107 -6.12 -33.86 -25.35
CA GLY A 107 -4.74 -34.29 -25.46
C GLY A 107 -3.75 -33.14 -25.70
N SER A 108 -2.48 -33.37 -25.40
CA SER A 108 -1.41 -32.52 -25.86
C SER A 108 -0.37 -33.39 -26.58
N SER A 109 0.64 -32.78 -27.17
CA SER A 109 1.66 -33.58 -27.87
C SER A 109 3.00 -32.89 -28.14
N ASN A 110 4.11 -33.62 -28.14
CA ASN A 110 5.38 -33.01 -28.51
C ASN A 110 6.41 -34.02 -28.96
N ALA A 111 7.60 -33.52 -29.20
CA ALA A 111 8.65 -34.34 -29.73
C ALA A 111 9.94 -33.69 -29.37
N PHE A 112 11.03 -34.44 -29.41
CA PHE A 112 12.38 -33.86 -29.31
C PHE A 112 13.37 -34.75 -30.05
N THR A 113 14.53 -34.16 -30.36
CA THR A 113 15.58 -34.82 -31.14
C THR A 113 16.94 -34.62 -30.49
N SER A 114 17.46 -35.63 -29.80
CA SER A 114 18.82 -35.54 -29.22
C SER A 114 19.80 -36.01 -30.29
N GLY A 115 21.06 -36.24 -29.95
CA GLY A 115 22.02 -36.68 -30.96
C GLY A 115 21.64 -38.01 -31.60
N GLU A 116 21.03 -38.91 -30.81
CA GLU A 116 20.74 -40.26 -31.28
C GLU A 116 19.30 -40.70 -31.10
N HIS A 117 18.40 -39.80 -30.80
CA HIS A 117 17.03 -40.24 -30.64
C HIS A 117 16.12 -39.25 -31.17
N THR A 118 15.03 -39.75 -31.74
CA THR A 118 13.90 -38.91 -32.01
C THR A 118 12.69 -39.51 -31.27
N ASN A 119 12.09 -38.69 -30.42
CA ASN A 119 11.08 -39.14 -29.46
C ASN A 119 9.76 -38.39 -29.54
N TYR A 120 8.68 -39.13 -29.78
CA TYR A 120 7.36 -38.55 -30.12
C TYR A 120 6.35 -38.99 -29.08
N TYR A 121 5.72 -38.06 -28.40
CA TYR A 121 4.80 -38.51 -27.37
C TYR A 121 3.52 -37.70 -27.46
N PHE A 122 2.43 -38.26 -26.93
CA PHE A 122 1.16 -37.52 -26.73
C PHE A 122 0.38 -38.12 -25.59
N ASP A 123 -0.58 -37.34 -25.10
CA ASP A 123 -1.68 -37.88 -24.28
C ASP A 123 -3.08 -37.48 -24.78
N VAL A 124 -4.14 -38.10 -24.28
CA VAL A 124 -5.49 -37.82 -24.76
C VAL A 124 -6.48 -38.30 -23.67
N SER A 125 -7.77 -37.94 -23.79
CA SER A 125 -8.85 -38.54 -22.97
C SER A 125 -8.82 -40.06 -23.06
N HIS A 126 -8.98 -40.75 -21.94
CA HIS A 126 -8.76 -42.19 -21.91
C HIS A 126 -9.65 -42.91 -22.92
N GLU A 127 -10.88 -42.39 -23.08
CA GLU A 127 -11.84 -42.82 -24.09
C GLU A 127 -11.28 -42.84 -25.53
N HIS A 128 -10.28 -42.03 -25.86
CA HIS A 128 -9.89 -41.85 -27.24
C HIS A 128 -8.46 -42.24 -27.59
N LEU A 129 -7.87 -43.08 -26.75
CA LEU A 129 -6.52 -43.60 -26.96
C LEU A 129 -6.38 -44.26 -28.30
N GLU A 130 -7.48 -44.89 -28.76
CA GLU A 130 -7.45 -45.77 -29.94
C GLU A 130 -7.33 -44.91 -31.22
N GLY A 131 -8.01 -43.77 -31.23
CA GLY A 131 -8.11 -42.97 -32.42
C GLY A 131 -6.94 -42.05 -32.44
N ALA A 132 -6.52 -41.62 -31.24
CA ALA A 132 -5.28 -40.86 -31.10
C ALA A 132 -4.11 -41.67 -31.64
N LEU A 133 -4.05 -42.92 -31.22
CA LEU A 133 -2.93 -43.77 -31.52
C LEU A 133 -2.88 -44.08 -32.99
N ASP A 134 -4.05 -44.32 -33.58
CA ASP A 134 -4.13 -44.59 -35.02
C ASP A 134 -3.48 -43.46 -35.80
N ARG A 135 -4.04 -42.27 -35.67
CA ARG A 135 -3.44 -41.05 -36.24
C ARG A 135 -1.94 -40.93 -36.06
N PHE A 136 -1.42 -41.50 -34.97
CA PHE A 136 -0.02 -41.32 -34.59
C PHE A 136 0.88 -42.38 -35.23
N ALA A 137 0.35 -43.58 -35.42
CA ALA A 137 1.15 -44.68 -35.97
C ALA A 137 1.51 -44.30 -37.39
N GLN A 138 0.58 -43.60 -38.01
CA GLN A 138 0.77 -43.15 -39.36
C GLN A 138 2.01 -42.26 -39.54
N PHE A 139 2.48 -41.60 -38.49
CA PHE A 139 3.72 -40.82 -38.60
C PHE A 139 4.84 -41.70 -39.09
N PHE A 140 4.72 -43.00 -38.82
CA PHE A 140 5.85 -43.90 -39.00
C PHE A 140 5.69 -44.77 -40.20
N LEU A 141 4.58 -44.55 -40.91
CA LEU A 141 4.23 -45.30 -42.12
C LEU A 141 4.15 -44.45 -43.39
N SER A 142 3.36 -43.37 -43.40
CA SER A 142 3.10 -42.60 -44.61
C SER A 142 3.23 -41.09 -44.44
N PRO A 143 4.32 -40.63 -43.83
CA PRO A 143 4.27 -39.15 -43.68
C PRO A 143 4.21 -38.52 -45.05
N LEU A 144 3.36 -37.52 -45.26
CA LEU A 144 3.32 -36.88 -46.58
C LEU A 144 4.52 -35.99 -46.92
N PHE A 145 5.04 -35.28 -45.92
CA PHE A 145 5.92 -34.13 -46.13
C PHE A 145 5.43 -33.26 -47.28
N ASP A 146 4.27 -32.62 -47.12
CA ASP A 146 3.71 -31.70 -48.13
C ASP A 146 4.73 -30.67 -48.59
N GLU A 147 4.77 -30.38 -49.89
CA GLU A 147 5.79 -29.47 -50.42
C GLU A 147 5.54 -28.08 -49.86
N SER A 148 4.28 -27.70 -49.78
CA SER A 148 3.92 -26.38 -49.31
C SER A 148 4.01 -26.20 -47.75
N ALA A 149 3.83 -27.30 -46.99
CA ALA A 149 4.09 -27.34 -45.55
C ALA A 149 5.56 -27.26 -45.25
N LYS A 150 6.37 -28.14 -45.86
CA LYS A 150 7.84 -28.07 -45.82
C LYS A 150 8.37 -26.66 -45.98
N ASP A 151 7.94 -25.96 -47.03
CA ASP A 151 8.21 -24.51 -47.15
C ASP A 151 7.85 -23.64 -45.95
N ARG A 152 6.71 -23.87 -45.34
CA ARG A 152 6.35 -23.01 -44.25
C ARG A 152 7.09 -23.38 -42.97
N GLU A 153 7.11 -24.67 -42.65
CA GLU A 153 7.62 -25.10 -41.35
C GLU A 153 9.14 -24.88 -41.18
N VAL A 154 9.88 -24.82 -42.29
CA VAL A 154 11.30 -24.44 -42.23
C VAL A 154 11.53 -23.14 -41.41
N ASN A 155 10.55 -22.23 -41.42
CA ASN A 155 10.57 -21.03 -40.56
C ASN A 155 10.38 -21.30 -39.08
N ALA A 156 9.61 -22.32 -38.74
CA ALA A 156 9.46 -22.70 -37.35
C ALA A 156 10.86 -23.09 -36.85
N VAL A 157 11.57 -23.91 -37.62
CA VAL A 157 12.92 -24.31 -37.21
C VAL A 157 13.86 -23.08 -37.09
N ASP A 158 13.92 -22.24 -38.10
CA ASP A 158 14.72 -21.02 -38.00
C ASP A 158 14.40 -20.13 -36.77
N SER A 159 13.12 -20.01 -36.41
CA SER A 159 12.73 -19.36 -35.18
C SER A 159 13.29 -20.08 -33.98
N GLU A 160 13.03 -21.39 -33.89
CA GLU A 160 13.57 -22.24 -32.81
C GLU A 160 15.04 -21.92 -32.62
N HIS A 161 15.77 -21.70 -33.70
CA HIS A 161 17.18 -21.51 -33.57
C HIS A 161 17.53 -20.10 -33.12
N GLU A 162 16.84 -19.09 -33.63
CA GLU A 162 17.09 -17.69 -33.25
C GLU A 162 16.99 -17.52 -31.76
N LYS A 163 15.87 -17.99 -31.23
CA LYS A 163 15.66 -18.14 -29.79
C LYS A 163 16.90 -18.67 -29.04
N ASN A 164 17.61 -19.62 -29.65
CA ASN A 164 18.76 -20.22 -29.00
C ASN A 164 20.07 -19.49 -29.30
N VAL A 165 20.06 -18.59 -30.26
CA VAL A 165 21.30 -17.96 -30.70
C VAL A 165 21.97 -17.19 -29.57
N MET A 166 21.18 -16.40 -28.84
CA MET A 166 21.71 -15.47 -27.86
C MET A 166 21.65 -16.07 -26.47
N ASN A 167 20.99 -17.22 -26.30
CA ASN A 167 21.10 -17.91 -25.01
C ASN A 167 22.46 -18.67 -24.77
N ASP A 168 23.05 -18.47 -23.57
CA ASP A 168 24.43 -18.90 -23.26
C ASP A 168 24.68 -20.41 -23.17
N ALA A 169 23.72 -21.13 -22.62
CA ALA A 169 23.81 -22.59 -22.52
C ALA A 169 23.91 -23.24 -23.90
N TRP A 170 23.01 -22.85 -24.81
CA TRP A 170 23.05 -23.32 -26.19
C TRP A 170 24.40 -23.01 -26.81
N ARG A 171 24.88 -21.77 -26.63
CA ARG A 171 26.15 -21.35 -27.23
C ARG A 171 27.28 -22.26 -26.80
N LEU A 172 27.32 -22.55 -25.50
CA LEU A 172 28.38 -23.37 -24.93
C LEU A 172 28.28 -24.79 -25.43
N PHE A 173 27.03 -25.28 -25.45
CA PHE A 173 26.71 -26.60 -25.97
C PHE A 173 27.30 -26.83 -27.38
N GLN A 174 27.02 -25.92 -28.33
CA GLN A 174 27.60 -26.04 -29.67
C GLN A 174 29.10 -25.81 -29.70
N LEU A 175 29.62 -24.92 -28.85
CA LEU A 175 31.05 -24.60 -28.82
C LEU A 175 31.92 -25.81 -28.41
N GLU A 176 31.48 -26.58 -27.42
CA GLU A 176 32.13 -27.83 -27.10
C GLU A 176 32.09 -28.72 -28.34
N LYS A 177 30.95 -28.84 -29.02
CA LYS A 177 30.87 -29.67 -30.22
C LYS A 177 31.83 -29.24 -31.31
N ALA A 178 32.14 -27.95 -31.36
CA ALA A 178 32.92 -27.38 -32.48
C ALA A 178 34.44 -27.26 -32.23
N THR A 179 34.89 -27.71 -31.06
CA THR A 179 36.32 -27.76 -30.77
C THR A 179 36.75 -29.17 -30.39
N GLY A 180 35.90 -30.15 -30.72
CA GLY A 180 36.28 -31.56 -30.73
C GLY A 180 36.93 -31.77 -32.06
N ASN A 181 36.99 -33.03 -32.50
CA ASN A 181 37.42 -33.35 -33.88
C ASN A 181 36.34 -32.88 -34.84
N PRO A 182 36.68 -31.97 -35.80
CA PRO A 182 35.62 -31.55 -36.71
C PRO A 182 35.21 -32.66 -37.69
N LYS A 183 36.09 -33.63 -37.96
CA LYS A 183 35.72 -34.71 -38.86
C LYS A 183 34.66 -35.61 -38.22
N HIS A 184 34.42 -35.46 -36.91
CA HIS A 184 33.51 -36.34 -36.09
C HIS A 184 32.01 -35.95 -36.11
N PRO A 185 31.11 -36.94 -36.26
CA PRO A 185 29.68 -36.65 -36.18
C PRO A 185 29.27 -35.69 -35.05
N PHE A 186 29.90 -35.79 -33.87
CA PHE A 186 29.65 -34.96 -32.69
C PHE A 186 29.74 -33.49 -33.00
N SER A 187 30.54 -33.16 -34.01
CA SER A 187 30.75 -31.74 -34.36
C SER A 187 29.60 -31.14 -35.13
N LYS A 188 28.59 -31.94 -35.47
CA LYS A 188 27.46 -31.46 -36.25
C LYS A 188 26.58 -30.45 -35.53
N PHE A 189 25.74 -29.77 -36.31
CA PHE A 189 24.84 -28.77 -35.75
C PHE A 189 23.39 -29.27 -35.79
N GLY A 190 22.93 -29.73 -34.61
CA GLY A 190 21.59 -30.32 -34.38
C GLY A 190 20.34 -29.61 -34.88
N THR A 191 20.11 -28.39 -34.44
CA THR A 191 18.89 -27.69 -34.74
C THR A 191 18.62 -27.49 -36.23
N GLY A 192 19.64 -27.10 -36.97
CA GLY A 192 19.43 -26.61 -38.34
C GLY A 192 18.81 -25.23 -38.29
N ASN A 193 18.83 -24.53 -39.43
CA ASN A 193 18.00 -23.33 -39.56
C ASN A 193 17.55 -23.18 -40.99
N LYS A 194 17.11 -21.97 -41.37
CA LYS A 194 16.59 -21.72 -42.72
C LYS A 194 17.71 -21.80 -43.73
N TYR A 195 18.85 -21.21 -43.37
CA TYR A 195 20.03 -21.32 -44.20
C TYR A 195 20.33 -22.79 -44.54
N THR A 196 20.54 -23.65 -43.54
CA THR A 196 20.91 -25.07 -43.79
C THR A 196 19.83 -26.02 -44.37
N LEU A 197 18.56 -25.67 -44.24
CA LEU A 197 17.43 -26.53 -44.60
C LEU A 197 16.68 -26.05 -45.83
N GLU A 198 16.75 -24.74 -46.14
CA GLU A 198 16.17 -24.20 -47.39
C GLU A 198 17.24 -23.57 -48.29
N THR A 199 17.88 -22.48 -47.86
CA THR A 199 18.94 -21.83 -48.66
C THR A 199 20.05 -22.77 -49.19
N ARG A 200 20.94 -23.25 -48.32
CA ARG A 200 22.11 -24.04 -48.78
C ARG A 200 21.63 -25.17 -49.72
N PRO A 201 20.55 -25.92 -49.36
CA PRO A 201 20.13 -27.00 -50.25
C PRO A 201 19.54 -26.57 -51.60
N ASN A 202 18.95 -25.37 -51.69
CA ASN A 202 18.46 -24.94 -52.99
C ASN A 202 19.62 -24.57 -53.86
N GLN A 203 20.54 -23.80 -53.32
CA GLN A 203 21.80 -23.55 -53.99
C GLN A 203 22.49 -24.82 -54.53
N GLU A 204 22.42 -25.92 -53.79
CA GLU A 204 23.07 -27.14 -54.23
C GLU A 204 22.13 -28.14 -54.89
N GLY A 205 20.97 -27.67 -55.35
CA GLY A 205 20.08 -28.47 -56.19
C GLY A 205 19.34 -29.67 -55.58
N ILE A 206 19.24 -29.68 -54.25
CA ILE A 206 18.57 -30.69 -53.45
C ILE A 206 17.04 -30.48 -53.42
N ASP A 207 16.29 -31.55 -53.62
CA ASP A 207 14.88 -31.49 -53.30
C ASP A 207 14.80 -31.97 -51.88
N VAL A 208 14.54 -31.04 -50.96
CA VAL A 208 14.39 -31.42 -49.55
C VAL A 208 13.25 -32.45 -49.35
N ARG A 209 12.10 -32.31 -50.00
CA ARG A 209 11.06 -33.30 -49.78
C ARG A 209 11.58 -34.71 -50.06
N GLN A 210 12.47 -34.87 -51.05
CA GLN A 210 13.12 -36.18 -51.32
C GLN A 210 13.98 -36.60 -50.13
N GLU A 211 14.91 -35.74 -49.76
CA GLU A 211 15.82 -36.05 -48.67
C GLU A 211 15.08 -36.36 -47.34
N LEU A 212 13.99 -35.65 -47.05
CA LEU A 212 13.07 -36.05 -45.95
C LEU A 212 12.54 -37.46 -46.22
N LEU A 213 11.79 -37.62 -47.31
CA LEU A 213 11.34 -38.95 -47.73
C LEU A 213 12.43 -40.03 -47.68
N LYS A 214 13.64 -39.74 -48.20
CA LYS A 214 14.77 -40.70 -48.23
C LYS A 214 15.30 -41.07 -46.87
N PHE A 215 15.46 -40.08 -46.00
CA PHE A 215 15.93 -40.29 -44.63
C PHE A 215 14.95 -41.09 -43.76
N HIS A 216 13.66 -40.77 -43.87
CA HIS A 216 12.64 -41.48 -43.15
C HIS A 216 12.63 -42.93 -43.53
N SER A 217 12.65 -43.15 -44.85
CA SER A 217 12.62 -44.50 -45.42
C SER A 217 13.87 -45.30 -45.05
N ALA A 218 15.01 -44.60 -44.96
CA ALA A 218 16.30 -45.21 -44.66
C ALA A 218 16.34 -45.69 -43.23
N TYR A 219 15.89 -44.81 -42.32
CA TYR A 219 16.17 -44.92 -40.89
C TYR A 219 15.02 -45.14 -39.95
N TYR A 220 13.88 -44.54 -40.21
CA TYR A 220 12.71 -44.88 -39.40
C TYR A 220 12.48 -46.30 -39.96
N SER A 221 13.14 -47.29 -39.37
CA SER A 221 12.95 -48.72 -39.55
C SER A 221 12.56 -49.30 -38.23
N SER A 222 11.64 -50.26 -38.30
CA SER A 222 11.10 -50.90 -37.10
C SER A 222 12.12 -51.48 -36.11
N ASN A 223 13.29 -51.91 -36.64
CA ASN A 223 14.27 -52.52 -35.75
C ASN A 223 14.90 -51.49 -34.81
N LEU A 224 14.60 -50.22 -35.04
CA LEU A 224 15.19 -49.17 -34.24
C LEU A 224 14.16 -48.41 -33.43
N MET A 225 12.99 -49.03 -33.24
CA MET A 225 11.88 -48.38 -32.59
C MET A 225 11.45 -49.04 -31.31
N ALA A 226 11.18 -48.19 -30.32
CA ALA A 226 10.50 -48.51 -29.07
C ALA A 226 9.18 -47.71 -28.92
N VAL A 227 8.17 -48.39 -28.41
CA VAL A 227 6.80 -47.89 -28.21
C VAL A 227 6.33 -48.20 -26.79
N VAL A 228 5.67 -47.25 -26.14
CA VAL A 228 5.09 -47.48 -24.82
C VAL A 228 3.68 -46.98 -24.94
N VAL A 229 2.70 -47.74 -24.47
CA VAL A 229 1.31 -47.30 -24.53
C VAL A 229 0.63 -47.54 -23.19
N LEU A 230 -0.09 -46.54 -22.68
CA LEU A 230 -0.72 -46.61 -21.37
C LEU A 230 -2.17 -46.15 -21.50
N GLY A 231 -3.11 -47.00 -21.06
CA GLY A 231 -4.56 -46.78 -21.24
C GLY A 231 -5.33 -47.55 -20.17
N ARG A 232 -6.65 -47.39 -20.10
CA ARG A 232 -7.44 -48.17 -19.12
C ARG A 232 -7.60 -49.61 -19.55
N GLU A 233 -7.51 -49.83 -20.84
CA GLU A 233 -7.70 -51.15 -21.48
C GLU A 233 -6.93 -52.25 -20.77
N SER A 234 -7.50 -53.45 -20.72
CA SER A 234 -6.75 -54.59 -20.25
C SER A 234 -5.41 -54.68 -21.00
N LEU A 235 -4.41 -55.32 -20.37
CA LEU A 235 -3.14 -55.68 -21.04
C LEU A 235 -3.28 -56.45 -22.37
N ASP A 236 -4.22 -57.39 -22.42
CA ASP A 236 -4.60 -58.03 -23.69
C ASP A 236 -5.10 -57.04 -24.74
N ASP A 237 -6.11 -56.25 -24.41
CA ASP A 237 -6.60 -55.23 -25.34
C ASP A 237 -5.49 -54.35 -25.88
N LEU A 238 -4.58 -53.93 -25.01
CA LEU A 238 -3.47 -53.10 -25.43
C LEU A 238 -2.56 -53.84 -26.37
N THR A 239 -2.29 -55.11 -26.11
CA THR A 239 -1.50 -55.95 -27.02
C THR A 239 -2.10 -55.99 -28.47
N ASN A 240 -3.39 -56.37 -28.55
CA ASN A 240 -4.13 -56.34 -29.83
C ASN A 240 -4.07 -55.04 -30.58
N LEU A 241 -4.20 -53.94 -29.84
CA LEU A 241 -4.09 -52.61 -30.39
C LEU A 241 -2.71 -52.37 -31.01
N VAL A 242 -1.65 -52.62 -30.25
CA VAL A 242 -0.28 -52.33 -30.70
C VAL A 242 0.08 -53.19 -31.90
N VAL A 243 -0.20 -54.50 -31.81
CA VAL A 243 -0.03 -55.36 -32.98
C VAL A 243 -0.74 -54.77 -34.23
N LYS A 244 -2.05 -54.56 -34.13
CA LYS A 244 -2.80 -53.92 -35.19
C LYS A 244 -1.97 -52.79 -35.81
N LEU A 245 -1.73 -51.71 -35.06
CA LEU A 245 -1.24 -50.46 -35.68
C LEU A 245 0.25 -50.43 -36.03
N PHE A 246 1.07 -51.27 -35.40
CA PHE A 246 2.53 -51.25 -35.63
C PHE A 246 3.21 -52.49 -36.27
N SER A 247 2.45 -53.50 -36.67
CA SER A 247 3.05 -54.72 -37.21
C SER A 247 3.50 -54.42 -38.60
N GLU A 248 2.76 -53.54 -39.24
CA GLU A 248 3.04 -53.18 -40.59
C GLU A 248 4.14 -52.12 -40.69
N VAL A 249 4.84 -51.80 -39.61
CA VAL A 249 5.98 -50.88 -39.76
C VAL A 249 7.11 -51.61 -40.43
N GLU A 250 7.68 -51.05 -41.47
CA GLU A 250 8.67 -51.82 -42.17
C GLU A 250 10.02 -52.04 -41.48
N ASN A 251 10.54 -53.27 -41.50
CA ASN A 251 11.85 -53.53 -40.92
C ASN A 251 13.00 -53.48 -41.91
N LYS A 252 13.77 -52.40 -41.93
CA LYS A 252 14.85 -52.30 -42.89
C LYS A 252 16.20 -52.82 -42.35
N ASN A 253 16.18 -53.50 -41.20
CA ASN A 253 17.38 -53.99 -40.54
C ASN A 253 18.57 -53.08 -40.58
N VAL A 254 18.44 -51.89 -40.01
CA VAL A 254 19.46 -50.87 -40.12
C VAL A 254 20.45 -51.06 -39.02
N PRO A 255 21.76 -51.18 -39.36
CA PRO A 255 22.74 -51.27 -38.28
C PRO A 255 22.60 -50.03 -37.39
N LEU A 256 22.52 -50.21 -36.08
CA LEU A 256 22.42 -49.10 -35.11
C LEU A 256 23.78 -48.43 -35.09
N PRO A 257 23.81 -47.11 -35.23
CA PRO A 257 25.11 -46.45 -35.34
C PRO A 257 25.85 -46.42 -34.00
N GLU A 258 27.17 -46.58 -34.03
CA GLU A 258 28.04 -46.55 -32.82
C GLU A 258 29.13 -45.53 -33.03
N PHE A 259 29.62 -44.91 -31.96
CA PHE A 259 30.70 -43.93 -32.10
C PHE A 259 31.88 -44.24 -31.23
N PRO A 260 32.69 -45.24 -31.65
CA PRO A 260 33.69 -45.81 -30.76
C PRO A 260 34.78 -44.79 -30.35
N GLU A 261 35.26 -44.03 -31.34
CA GLU A 261 36.29 -43.02 -31.14
C GLU A 261 35.76 -41.75 -30.51
N HIS A 262 36.44 -41.29 -29.46
CA HIS A 262 36.04 -40.06 -28.77
C HIS A 262 36.35 -38.84 -29.65
N PRO A 263 35.46 -37.84 -29.64
CA PRO A 263 35.70 -36.59 -30.38
C PRO A 263 36.84 -35.73 -29.77
N PHE A 264 37.01 -35.77 -28.45
CA PHE A 264 38.13 -35.10 -27.82
C PHE A 264 39.04 -36.32 -27.90
N GLN A 265 39.92 -36.28 -28.88
CA GLN A 265 41.09 -37.13 -28.99
C GLN A 265 42.25 -36.54 -28.20
N GLU A 266 43.44 -37.11 -28.39
CA GLU A 266 44.63 -36.70 -27.61
C GLU A 266 45.21 -35.42 -28.18
N GLU A 267 44.44 -34.72 -28.99
CA GLU A 267 44.94 -33.55 -29.66
C GLU A 267 44.11 -32.35 -29.20
N HIS A 268 42.83 -32.61 -28.89
CA HIS A 268 41.94 -31.56 -28.40
C HIS A 268 41.97 -31.46 -26.89
N LEU A 269 42.75 -32.34 -26.29
CA LEU A 269 43.00 -32.30 -24.85
C LEU A 269 44.01 -31.21 -24.45
N LYS A 270 44.22 -31.04 -23.15
CA LYS A 270 45.04 -29.94 -22.61
C LYS A 270 44.79 -28.56 -23.25
N GLN A 271 43.54 -28.28 -23.56
CA GLN A 271 43.19 -27.02 -24.14
C GLN A 271 42.52 -26.08 -23.12
N LEU A 272 42.87 -24.79 -23.18
CA LEU A 272 42.18 -23.77 -22.42
C LEU A 272 41.39 -22.98 -23.43
N TYR A 273 40.12 -22.72 -23.15
CA TYR A 273 39.26 -22.00 -24.08
C TYR A 273 38.83 -20.80 -23.31
N LYS A 274 38.77 -19.64 -23.96
CA LYS A 274 38.34 -18.46 -23.26
C LYS A 274 37.16 -17.89 -23.99
N ILE A 275 36.02 -17.88 -23.30
CA ILE A 275 34.71 -17.58 -23.91
C ILE A 275 34.12 -16.26 -23.45
N VAL A 276 33.72 -15.43 -24.40
CA VAL A 276 32.94 -14.24 -24.14
C VAL A 276 31.44 -14.61 -24.08
N PRO A 277 30.79 -14.42 -22.92
CA PRO A 277 29.38 -14.76 -22.78
C PRO A 277 28.43 -13.60 -23.06
N ILE A 278 27.17 -13.92 -23.37
CA ILE A 278 26.16 -12.90 -23.50
C ILE A 278 25.83 -12.26 -22.14
N LYS A 279 25.35 -13.04 -21.19
CA LYS A 279 25.04 -12.50 -19.87
C LYS A 279 26.33 -12.25 -19.13
N ASP A 280 26.30 -11.43 -18.08
CA ASP A 280 27.45 -11.20 -17.24
C ASP A 280 27.53 -12.33 -16.26
N ILE A 281 28.13 -13.43 -16.71
CA ILE A 281 28.39 -14.62 -15.92
C ILE A 281 29.90 -14.87 -15.85
N ARG A 282 30.28 -15.82 -14.99
CA ARG A 282 31.68 -16.11 -14.71
C ARG A 282 31.78 -17.59 -14.35
N ASN A 283 32.34 -18.40 -15.23
CA ASN A 283 32.16 -19.82 -15.08
C ASN A 283 33.37 -20.53 -15.57
N LEU A 284 33.68 -21.64 -14.90
CA LEU A 284 34.76 -22.52 -15.32
C LEU A 284 34.20 -23.89 -15.62
N TYR A 285 34.45 -24.39 -16.82
CA TYR A 285 34.04 -25.74 -17.11
C TYR A 285 35.25 -26.62 -17.27
N VAL A 286 35.51 -27.47 -16.27
CA VAL A 286 36.52 -28.50 -16.40
C VAL A 286 35.88 -29.80 -16.88
N THR A 287 36.49 -30.44 -17.88
CA THR A 287 35.89 -31.60 -18.56
C THR A 287 36.95 -32.62 -19.05
N PHE A 288 36.75 -33.88 -18.69
CA PHE A 288 37.59 -34.98 -19.14
C PHE A 288 36.79 -35.94 -20.04
N PRO A 289 37.42 -36.48 -21.10
CA PRO A 289 36.77 -37.52 -21.89
C PRO A 289 36.85 -38.84 -21.15
N ILE A 290 35.81 -39.66 -21.24
CA ILE A 290 35.79 -41.00 -20.61
C ILE A 290 35.19 -42.04 -21.62
N PRO A 291 35.49 -43.34 -21.45
CA PRO A 291 34.71 -44.31 -22.22
C PRO A 291 33.19 -44.21 -21.91
N ASP A 292 32.37 -44.92 -22.69
CA ASP A 292 30.92 -44.95 -22.47
C ASP A 292 30.65 -45.87 -21.28
N LEU A 293 30.00 -45.35 -20.24
CA LEU A 293 29.82 -46.10 -19.01
C LEU A 293 28.49 -46.81 -18.97
N GLN A 294 27.65 -46.54 -19.97
CA GLN A 294 26.27 -47.02 -20.01
C GLN A 294 26.14 -48.48 -19.62
N LYS A 295 26.82 -49.36 -20.34
CA LYS A 295 26.72 -50.78 -20.05
C LYS A 295 26.90 -51.11 -18.57
N TYR A 296 27.64 -50.29 -17.82
CA TYR A 296 27.91 -50.56 -16.39
C TYR A 296 26.81 -50.02 -15.46
N TYR A 297 25.56 -50.17 -15.85
CA TYR A 297 24.48 -49.50 -15.18
C TYR A 297 24.17 -50.18 -13.87
N LYS A 298 24.58 -51.42 -13.74
CA LYS A 298 24.29 -52.16 -12.52
C LYS A 298 25.20 -51.69 -11.39
N SER A 299 26.31 -51.05 -11.73
CA SER A 299 27.25 -50.53 -10.73
C SER A 299 27.42 -49.00 -10.69
N ASN A 300 27.41 -48.35 -11.83
CA ASN A 300 27.43 -46.86 -11.93
C ASN A 300 28.63 -46.15 -11.35
N PRO A 301 29.82 -46.56 -11.77
CA PRO A 301 31.09 -45.96 -11.45
C PRO A 301 31.08 -44.47 -11.69
N GLY A 302 30.54 -44.05 -12.83
CA GLY A 302 30.32 -42.62 -13.03
C GLY A 302 29.66 -41.92 -11.84
N HIS A 303 28.45 -42.35 -11.51
CA HIS A 303 27.63 -41.64 -10.54
C HIS A 303 28.19 -41.66 -9.16
N TYR A 304 28.95 -42.70 -8.86
CA TYR A 304 29.65 -42.81 -7.57
C TYR A 304 30.68 -41.68 -7.44
N LEU A 305 31.56 -41.53 -8.43
CA LEU A 305 32.52 -40.41 -8.40
C LEU A 305 31.79 -39.10 -8.51
N GLY A 306 30.69 -39.11 -9.29
CA GLY A 306 29.74 -37.99 -9.36
C GLY A 306 29.28 -37.59 -7.96
N HIS A 307 28.63 -38.53 -7.30
CA HIS A 307 28.25 -38.35 -5.92
C HIS A 307 29.36 -37.82 -5.02
N LEU A 308 30.60 -38.23 -5.28
CA LEU A 308 31.70 -37.81 -4.42
C LEU A 308 32.24 -36.41 -4.68
N ILE A 309 32.87 -36.23 -5.84
CA ILE A 309 33.31 -34.91 -6.30
C ILE A 309 32.24 -33.77 -6.14
N GLY A 310 31.01 -34.04 -6.60
CA GLY A 310 29.87 -33.12 -6.47
C GLY A 310 29.32 -32.87 -5.08
N HIS A 311 29.76 -33.63 -4.08
CA HIS A 311 29.20 -33.51 -2.75
C HIS A 311 29.32 -32.07 -2.26
N GLU A 312 28.32 -31.61 -1.52
CA GLU A 312 28.37 -30.30 -0.90
C GLU A 312 28.42 -30.32 0.68
N GLY A 313 28.82 -31.44 1.27
CA GLY A 313 28.81 -31.58 2.73
C GLY A 313 30.10 -31.13 3.37
N PRO A 314 30.19 -31.20 4.73
CA PRO A 314 31.47 -30.95 5.37
C PRO A 314 32.56 -31.74 4.68
N GLY A 315 33.66 -31.05 4.40
CA GLY A 315 34.90 -31.68 4.01
C GLY A 315 34.93 -31.99 2.55
N SER A 316 33.97 -31.45 1.79
CA SER A 316 33.89 -31.67 0.33
C SER A 316 34.70 -30.66 -0.42
N LEU A 317 34.79 -30.85 -1.73
CA LEU A 317 35.48 -29.92 -2.61
C LEU A 317 34.79 -28.55 -2.69
N LEU A 318 33.51 -28.55 -3.07
CA LEU A 318 32.74 -27.31 -3.11
C LEU A 318 32.93 -26.57 -1.82
N SER A 319 33.07 -27.31 -0.73
CA SER A 319 33.12 -26.72 0.59
C SER A 319 34.33 -25.85 0.83
N GLU A 320 35.52 -26.41 0.60
CA GLU A 320 36.73 -25.60 0.66
C GLU A 320 36.71 -24.51 -0.40
N LEU A 321 36.33 -24.80 -1.64
CA LEU A 321 36.36 -23.77 -2.70
C LEU A 321 35.51 -22.57 -2.37
N LYS A 322 34.42 -22.81 -1.69
CA LYS A 322 33.50 -21.77 -1.31
C LYS A 322 34.10 -21.00 -0.13
N SER A 323 34.70 -21.72 0.83
CA SER A 323 35.47 -21.15 1.96
C SER A 323 36.55 -20.15 1.59
N LYS A 324 37.38 -20.46 0.59
CA LYS A 324 38.36 -19.50 0.06
C LYS A 324 37.67 -18.49 -0.86
N GLY A 325 36.35 -18.32 -0.72
CA GLY A 325 35.56 -17.34 -1.49
C GLY A 325 35.86 -17.26 -2.98
N TRP A 326 35.87 -18.41 -3.65
CA TRP A 326 36.29 -18.51 -5.03
C TRP A 326 35.17 -19.00 -5.92
N VAL A 327 34.43 -20.01 -5.46
CA VAL A 327 33.27 -20.55 -6.17
C VAL A 327 32.01 -20.44 -5.30
N ASN A 328 30.86 -20.64 -5.94
CA ASN A 328 29.58 -20.55 -5.26
C ASN A 328 28.72 -21.80 -5.30
N THR A 329 28.65 -22.39 -6.49
CA THR A 329 27.93 -23.64 -6.68
C THR A 329 28.91 -24.50 -7.45
N LEU A 330 28.64 -25.81 -7.51
CA LEU A 330 29.48 -26.74 -8.26
C LEU A 330 28.63 -27.91 -8.79
N VAL A 331 28.78 -28.32 -10.03
CA VAL A 331 28.20 -29.62 -10.35
C VAL A 331 29.33 -30.50 -10.85
N GLY A 332 29.19 -31.81 -10.71
CA GLY A 332 30.22 -32.74 -11.22
C GLY A 332 29.69 -34.14 -11.35
N GLY A 333 30.13 -34.85 -12.35
CA GLY A 333 29.62 -36.17 -12.59
C GLY A 333 29.73 -36.46 -14.06
N GLN A 334 29.08 -37.54 -14.49
CA GLN A 334 29.13 -37.91 -15.89
C GLN A 334 28.12 -37.17 -16.72
N LYS A 335 28.57 -36.55 -17.80
CA LYS A 335 27.70 -35.96 -18.79
C LYS A 335 27.61 -37.04 -19.84
N GLU A 336 26.44 -37.15 -20.46
CA GLU A 336 26.18 -38.16 -21.47
C GLU A 336 26.84 -37.79 -22.79
N GLY A 337 27.28 -38.78 -23.53
CA GLY A 337 28.01 -38.52 -24.78
C GLY A 337 27.23 -38.96 -25.98
N ALA A 338 27.33 -40.24 -26.31
CA ALA A 338 26.52 -40.98 -27.30
C ALA A 338 27.09 -42.39 -27.17
N ARG A 339 26.54 -43.39 -27.88
CA ARG A 339 27.08 -44.80 -27.78
C ARG A 339 28.50 -44.60 -28.13
N GLY A 340 29.43 -45.03 -27.27
CA GLY A 340 30.87 -44.91 -27.57
C GLY A 340 31.67 -43.89 -26.76
N PHE A 341 31.19 -42.65 -26.64
CA PHE A 341 31.82 -41.69 -25.73
C PHE A 341 30.92 -41.14 -24.59
N MET A 342 31.58 -40.65 -23.55
CA MET A 342 30.97 -39.96 -22.42
C MET A 342 31.94 -38.93 -21.87
N PHE A 343 31.48 -38.08 -20.97
CA PHE A 343 32.37 -37.10 -20.38
C PHE A 343 32.20 -37.13 -18.90
N PHE A 344 33.25 -36.76 -18.19
CA PHE A 344 33.08 -36.46 -16.84
C PHE A 344 33.32 -34.99 -16.77
N ILE A 345 32.49 -34.30 -16.02
CA ILE A 345 32.66 -32.87 -15.89
C ILE A 345 32.72 -32.46 -14.41
N ILE A 346 33.28 -31.28 -14.16
CA ILE A 346 33.30 -30.61 -12.86
C ILE A 346 33.22 -29.16 -13.24
N ASN A 347 32.08 -28.52 -12.99
CA ASN A 347 31.93 -27.13 -13.37
C ASN A 347 31.56 -26.31 -12.15
N VAL A 348 32.05 -25.08 -12.10
CA VAL A 348 31.81 -24.17 -11.00
C VAL A 348 31.42 -22.86 -11.60
N ASP A 349 30.76 -22.00 -10.83
CA ASP A 349 30.73 -20.59 -11.21
C ASP A 349 31.83 -19.91 -10.42
N LEU A 350 32.10 -18.63 -10.68
CA LEU A 350 33.29 -17.98 -10.14
C LEU A 350 32.95 -16.68 -9.47
N THR A 351 33.55 -16.44 -8.32
CA THR A 351 33.45 -15.16 -7.71
C THR A 351 34.41 -14.27 -8.48
N GLU A 352 34.46 -12.98 -8.12
CA GLU A 352 35.41 -12.07 -8.73
C GLU A 352 36.82 -12.55 -8.43
N GLU A 353 37.10 -12.87 -7.15
CA GLU A 353 38.40 -13.38 -6.74
C GLU A 353 38.64 -14.67 -7.51
N GLY A 354 37.61 -15.49 -7.55
CA GLY A 354 37.69 -16.81 -8.20
C GLY A 354 38.20 -16.88 -9.63
N LEU A 355 38.03 -15.79 -10.38
CA LEU A 355 38.36 -15.78 -11.79
C LEU A 355 39.88 -15.63 -11.89
N LEU A 356 40.45 -15.07 -10.82
CA LEU A 356 41.88 -14.83 -10.75
C LEU A 356 42.63 -16.00 -10.11
N HIS A 357 41.89 -17.03 -9.70
CA HIS A 357 42.51 -18.20 -9.10
C HIS A 357 42.07 -19.50 -9.76
N VAL A 358 41.80 -19.45 -11.05
CA VAL A 358 41.41 -20.65 -11.77
C VAL A 358 42.48 -21.73 -11.62
N GLU A 359 43.74 -21.33 -11.74
CA GLU A 359 44.85 -22.24 -11.70
C GLU A 359 44.88 -22.99 -10.39
N ASP A 360 44.70 -22.25 -9.28
CA ASP A 360 44.63 -22.87 -7.96
C ASP A 360 43.39 -23.75 -7.84
N ILE A 361 42.25 -23.29 -8.38
CA ILE A 361 40.98 -24.02 -8.21
C ILE A 361 41.07 -25.42 -8.81
N ILE A 362 41.47 -25.51 -10.07
CA ILE A 362 41.76 -26.78 -10.72
C ILE A 362 42.73 -27.72 -9.94
N LEU A 363 43.75 -27.13 -9.29
CA LEU A 363 44.67 -27.92 -8.41
C LEU A 363 43.91 -28.51 -7.20
N HIS A 364 43.08 -27.69 -6.57
CA HIS A 364 42.22 -28.20 -5.52
C HIS A 364 41.36 -29.36 -6.02
N MET A 365 40.93 -29.30 -7.30
CA MET A 365 40.12 -30.38 -7.88
C MET A 365 40.90 -31.68 -7.92
N PHE A 366 42.15 -31.60 -8.40
CA PHE A 366 43.02 -32.78 -8.46
C PHE A 366 43.45 -33.30 -7.08
N GLN A 367 43.55 -32.38 -6.12
CA GLN A 367 43.85 -32.74 -4.74
C GLN A 367 42.73 -33.58 -4.16
N TYR A 368 41.51 -33.17 -4.45
CA TYR A 368 40.38 -33.92 -4.02
C TYR A 368 40.42 -35.29 -4.74
N ILE A 369 40.53 -35.28 -6.08
CA ILE A 369 40.66 -36.55 -6.84
C ILE A 369 41.76 -37.47 -6.24
N GLN A 370 42.93 -36.89 -5.91
CA GLN A 370 44.00 -37.64 -5.25
C GLN A 370 43.49 -38.31 -4.00
N LYS A 371 42.75 -37.55 -3.17
CA LYS A 371 42.18 -38.10 -1.96
C LYS A 371 41.39 -39.34 -2.33
N LEU A 372 40.48 -39.24 -3.30
CA LEU A 372 39.68 -40.41 -3.65
C LEU A 372 40.58 -41.56 -4.07
N ARG A 373 41.61 -41.29 -4.88
CA ARG A 373 42.57 -42.33 -5.25
C ARG A 373 43.25 -42.95 -4.03
N ALA A 374 43.63 -42.10 -3.07
CA ALA A 374 44.31 -42.55 -1.85
C ALA A 374 43.44 -43.32 -0.85
N GLU A 375 42.14 -43.06 -0.86
CA GLU A 375 41.24 -43.70 0.09
C GLU A 375 40.82 -45.04 -0.37
N GLY A 376 40.84 -45.25 -1.70
CA GLY A 376 40.32 -46.47 -2.33
C GLY A 376 38.88 -46.20 -2.72
N PRO A 377 38.17 -47.23 -3.22
CA PRO A 377 36.73 -47.09 -3.38
C PRO A 377 36.08 -47.48 -2.07
N GLN A 378 34.92 -46.93 -1.72
CA GLN A 378 34.25 -47.29 -0.45
C GLN A 378 32.97 -48.05 -0.67
N GLU A 379 32.99 -49.33 -0.31
CA GLU A 379 31.78 -50.09 -0.36
C GLU A 379 30.66 -49.53 0.52
N TRP A 380 31.01 -48.97 1.68
CA TRP A 380 29.98 -48.37 2.52
C TRP A 380 29.21 -47.18 1.84
N VAL A 381 29.88 -46.46 0.92
CA VAL A 381 29.30 -45.34 0.12
C VAL A 381 28.44 -45.87 -0.99
N PHE A 382 28.96 -46.90 -1.68
CA PHE A 382 28.17 -47.63 -2.64
C PHE A 382 26.85 -48.09 -2.01
N GLN A 383 26.95 -48.57 -0.77
CA GLN A 383 25.84 -49.17 -0.08
C GLN A 383 24.76 -48.17 0.22
N GLU A 384 25.18 -47.01 0.70
CA GLU A 384 24.31 -45.84 0.90
C GLU A 384 23.57 -45.53 -0.40
N LEU A 385 24.34 -45.21 -1.44
CA LEU A 385 23.79 -44.96 -2.76
C LEU A 385 22.76 -45.98 -3.23
N LYS A 386 22.95 -47.24 -2.85
CA LYS A 386 22.09 -48.34 -3.32
C LYS A 386 20.71 -48.30 -2.68
N ASP A 387 20.66 -47.78 -1.45
CA ASP A 387 19.48 -47.83 -0.63
C ASP A 387 18.64 -46.64 -0.85
N LEU A 388 19.31 -45.51 -0.99
CA LEU A 388 18.68 -44.30 -1.36
C LEU A 388 17.96 -44.55 -2.67
N ASN A 389 18.67 -45.12 -3.64
CA ASN A 389 18.01 -45.52 -4.85
C ASN A 389 16.90 -46.54 -4.67
N ALA A 390 17.05 -47.53 -3.80
CA ALA A 390 16.00 -48.59 -3.70
C ALA A 390 14.71 -48.07 -3.04
N VAL A 391 14.94 -47.16 -2.10
CA VAL A 391 13.93 -46.45 -1.39
C VAL A 391 13.26 -45.52 -2.36
N ALA A 392 14.03 -44.73 -3.13
CA ALA A 392 13.44 -43.85 -4.16
C ALA A 392 12.51 -44.60 -5.15
N PHE A 393 12.90 -45.78 -5.59
CA PHE A 393 12.13 -46.54 -6.56
C PHE A 393 10.84 -47.17 -5.95
N ARG A 394 10.98 -47.61 -4.69
CA ARG A 394 9.88 -48.21 -3.97
C ARG A 394 8.79 -47.18 -3.83
N PHE A 395 9.18 -45.97 -3.48
CA PHE A 395 8.21 -44.97 -3.15
C PHE A 395 8.19 -43.83 -4.17
N LYS A 396 8.49 -44.12 -5.43
CA LYS A 396 8.51 -43.07 -6.44
C LYS A 396 7.07 -42.63 -6.63
N ASP A 397 6.84 -41.32 -6.68
CA ASP A 397 5.52 -40.76 -7.01
C ASP A 397 5.07 -41.28 -8.37
N LYS A 398 3.79 -41.58 -8.52
CA LYS A 398 3.22 -41.90 -9.82
C LYS A 398 3.47 -40.73 -10.79
N GLU A 399 4.00 -41.03 -11.99
CA GLU A 399 4.28 -39.99 -13.03
C GLU A 399 3.04 -39.70 -13.90
N ARG A 400 2.96 -38.47 -14.42
CA ARG A 400 1.95 -38.10 -15.42
C ARG A 400 2.20 -39.01 -16.63
N PRO A 401 1.15 -39.56 -17.26
CA PRO A 401 1.34 -40.55 -18.30
C PRO A 401 2.20 -40.14 -19.50
N ARG A 402 2.10 -38.92 -19.99
CA ARG A 402 2.92 -38.56 -21.17
C ARG A 402 4.47 -38.51 -20.92
N GLY A 403 4.91 -37.79 -19.88
CA GLY A 403 6.27 -37.94 -19.39
C GLY A 403 6.73 -39.40 -19.18
N TYR A 404 5.88 -40.22 -18.58
CA TYR A 404 6.21 -41.62 -18.33
C TYR A 404 6.50 -42.43 -19.63
N THR A 405 5.54 -42.45 -20.54
CA THR A 405 5.68 -43.22 -21.77
C THR A 405 6.85 -42.70 -22.57
N SER A 406 6.95 -41.38 -22.72
CA SER A 406 8.12 -40.81 -23.39
C SER A 406 9.43 -41.37 -22.82
N LYS A 407 9.61 -41.16 -21.52
CA LYS A 407 10.77 -41.66 -20.78
C LYS A 407 11.08 -43.18 -21.02
N ILE A 408 10.09 -44.07 -20.86
CA ILE A 408 10.31 -45.51 -20.97
C ILE A 408 10.74 -45.85 -22.39
N ALA A 409 9.99 -45.27 -23.33
CA ALA A 409 10.22 -45.42 -24.78
C ALA A 409 11.69 -45.17 -25.08
N GLY A 410 12.25 -44.13 -24.47
CA GLY A 410 13.68 -43.85 -24.55
C GLY A 410 14.48 -44.98 -23.96
N ILE A 411 14.16 -45.40 -22.74
CA ILE A 411 15.01 -46.38 -22.11
C ILE A 411 14.69 -47.82 -22.53
N LEU A 412 13.66 -48.05 -23.35
CA LEU A 412 13.52 -49.41 -23.89
C LEU A 412 14.74 -49.84 -24.75
N HIS A 413 15.38 -48.90 -25.41
CA HIS A 413 16.56 -49.22 -26.19
C HIS A 413 17.74 -49.75 -25.42
N TYR A 414 17.86 -49.34 -24.17
CA TYR A 414 19.08 -49.60 -23.42
C TYR A 414 19.10 -50.83 -22.52
N TYR A 415 17.94 -51.28 -22.05
CA TYR A 415 17.85 -52.27 -21.00
C TYR A 415 16.91 -53.38 -21.43
N PRO A 416 17.11 -54.61 -20.93
CA PRO A 416 16.15 -55.70 -21.10
C PRO A 416 14.70 -55.34 -20.68
N LEU A 417 13.71 -55.93 -21.35
CA LEU A 417 12.28 -55.60 -21.11
C LEU A 417 11.95 -55.70 -19.62
N GLU A 418 12.28 -56.85 -19.02
CA GLU A 418 11.92 -57.10 -17.62
C GLU A 418 12.47 -56.01 -16.67
N GLU A 419 13.58 -55.39 -17.06
CA GLU A 419 14.28 -54.40 -16.23
C GLU A 419 13.99 -52.88 -16.44
N VAL A 420 13.25 -52.47 -17.50
CA VAL A 420 13.00 -51.02 -17.78
C VAL A 420 12.63 -50.16 -16.58
N LEU A 421 11.60 -50.55 -15.87
CA LEU A 421 11.22 -49.82 -14.69
C LEU A 421 12.32 -49.66 -13.58
N THR A 422 13.19 -50.65 -13.42
CA THR A 422 14.17 -50.67 -12.32
C THR A 422 15.60 -50.35 -12.75
N ALA A 423 15.88 -50.35 -14.04
CA ALA A 423 17.26 -50.27 -14.46
C ALA A 423 17.85 -48.93 -14.07
N GLU A 424 17.12 -47.84 -14.28
CA GLU A 424 17.71 -46.54 -13.95
C GLU A 424 17.83 -46.22 -12.43
N TYR A 425 17.38 -47.16 -11.60
CA TYR A 425 17.26 -46.94 -10.18
C TYR A 425 18.14 -47.85 -9.39
N LEU A 426 17.91 -49.14 -9.47
CA LEU A 426 18.47 -50.06 -8.48
C LEU A 426 19.91 -50.27 -8.81
N LEU A 427 20.73 -50.47 -7.80
CA LEU A 427 22.11 -50.84 -8.02
C LEU A 427 22.30 -52.26 -7.55
N GLU A 428 23.37 -52.90 -8.02
CA GLU A 428 23.54 -54.33 -7.77
C GLU A 428 24.96 -54.57 -7.43
N GLU A 429 25.85 -54.32 -8.36
CA GLU A 429 27.23 -54.73 -8.27
C GLU A 429 28.07 -53.65 -7.65
N PHE A 430 28.94 -54.01 -6.71
CA PHE A 430 29.93 -53.05 -6.25
C PHE A 430 31.24 -53.24 -7.04
N ARG A 431 31.62 -52.29 -7.90
CA ARG A 431 32.83 -52.48 -8.72
C ARG A 431 33.92 -51.51 -8.38
N PRO A 432 34.84 -51.94 -7.49
CA PRO A 432 36.01 -51.15 -7.14
C PRO A 432 36.83 -50.88 -8.39
N ASP A 433 36.93 -51.88 -9.26
CA ASP A 433 37.74 -51.84 -10.46
C ASP A 433 37.23 -50.86 -11.50
N LEU A 434 35.92 -50.66 -11.56
CA LEU A 434 35.37 -49.68 -12.53
C LEU A 434 35.51 -48.29 -11.98
N ILE A 435 35.43 -48.18 -10.67
CA ILE A 435 35.68 -46.94 -10.03
C ILE A 435 37.13 -46.56 -10.22
N GLU A 436 38.07 -47.40 -9.79
CA GLU A 436 39.51 -47.15 -10.02
C GLU A 436 39.75 -46.77 -11.47
N MET A 437 39.12 -47.53 -12.38
CA MET A 437 39.28 -47.40 -13.83
C MET A 437 38.93 -45.98 -14.42
N VAL A 438 37.70 -45.54 -14.20
CA VAL A 438 37.22 -44.23 -14.58
C VAL A 438 37.99 -43.16 -13.82
N LEU A 439 38.35 -43.46 -12.57
CA LEU A 439 39.12 -42.54 -11.73
C LEU A 439 40.59 -42.40 -12.18
N ASP A 440 41.08 -43.35 -12.98
CA ASP A 440 42.40 -43.17 -13.56
C ASP A 440 42.38 -42.21 -14.80
N LYS A 441 41.19 -41.84 -15.26
CA LYS A 441 41.05 -41.00 -16.46
C LYS A 441 40.80 -39.54 -16.08
N LEU A 442 40.76 -39.24 -14.79
CA LEU A 442 40.55 -37.87 -14.35
C LEU A 442 41.90 -37.35 -13.91
N ARG A 443 42.75 -37.10 -14.90
CA ARG A 443 44.13 -36.71 -14.67
C ARG A 443 44.37 -35.45 -15.50
N PRO A 444 45.43 -34.66 -15.17
CA PRO A 444 45.67 -33.43 -15.91
C PRO A 444 46.08 -33.66 -17.35
N GLU A 445 46.71 -34.82 -17.63
CA GLU A 445 47.16 -35.12 -19.00
C GLU A 445 46.00 -35.23 -19.98
N ASN A 446 44.82 -35.63 -19.54
CA ASN A 446 43.71 -35.40 -20.44
C ASN A 446 42.55 -34.55 -19.92
N VAL A 447 42.88 -33.33 -19.50
CA VAL A 447 41.87 -32.39 -19.11
C VAL A 447 41.61 -31.36 -20.18
N ARG A 448 40.40 -30.77 -20.13
CA ARG A 448 39.99 -29.60 -20.96
C ARG A 448 39.43 -28.54 -20.05
N VAL A 449 39.76 -27.27 -20.32
CA VAL A 449 39.38 -26.15 -19.42
C VAL A 449 38.80 -24.97 -20.21
N ALA A 450 37.55 -24.58 -19.89
CA ALA A 450 36.91 -23.36 -20.44
C ALA A 450 36.64 -22.33 -19.34
N ILE A 451 37.08 -21.10 -19.55
CA ILE A 451 36.67 -20.01 -18.70
C ILE A 451 35.73 -19.13 -19.54
N VAL A 452 34.52 -18.88 -19.04
CA VAL A 452 33.57 -17.99 -19.67
C VAL A 452 33.57 -16.71 -18.82
N SER A 453 33.88 -15.56 -19.43
CA SER A 453 33.92 -14.27 -18.70
C SER A 453 33.94 -13.04 -19.60
N LYS A 454 33.15 -12.03 -19.26
CA LYS A 454 33.20 -10.76 -19.99
C LYS A 454 34.61 -10.13 -20.11
N SER A 455 35.55 -10.49 -19.23
CA SER A 455 36.90 -9.92 -19.26
C SER A 455 37.78 -10.40 -20.44
N PHE A 456 37.25 -11.34 -21.24
CA PHE A 456 37.86 -11.76 -22.54
C PHE A 456 37.29 -11.00 -23.75
N GLU A 457 36.30 -10.15 -23.49
CA GLU A 457 35.70 -9.27 -24.49
C GLU A 457 36.83 -8.42 -25.09
N GLY A 458 36.97 -8.47 -26.42
CA GLY A 458 38.05 -7.75 -27.10
C GLY A 458 39.29 -8.60 -27.34
N LYS A 459 39.56 -9.53 -26.44
CA LYS A 459 40.78 -10.35 -26.47
C LYS A 459 40.66 -11.76 -27.09
N THR A 460 39.67 -11.95 -27.95
CA THR A 460 39.31 -13.26 -28.52
C THR A 460 39.49 -13.27 -30.03
N ASP A 461 40.10 -14.32 -30.58
CA ASP A 461 40.50 -14.37 -31.98
C ASP A 461 39.76 -15.37 -32.86
N ARG A 462 38.62 -15.86 -32.38
CA ARG A 462 37.89 -16.87 -33.13
C ARG A 462 36.41 -16.67 -32.98
N THR A 463 35.65 -17.14 -33.96
CA THR A 463 34.19 -16.98 -33.98
C THR A 463 33.59 -18.32 -34.33
N GLU A 464 32.71 -18.85 -33.47
CA GLU A 464 32.09 -20.13 -33.73
C GLU A 464 30.98 -19.86 -34.72
N GLU A 465 31.07 -20.53 -35.87
CA GLU A 465 30.19 -20.34 -37.05
C GLU A 465 28.70 -20.20 -36.73
N TRP A 466 28.11 -21.20 -36.08
CA TRP A 466 26.65 -21.25 -35.88
C TRP A 466 25.99 -20.31 -34.88
N TYR A 467 26.70 -19.88 -33.84
CA TYR A 467 26.08 -19.01 -32.85
C TYR A 467 26.79 -17.68 -32.83
N GLY A 468 27.98 -17.62 -33.42
CA GLY A 468 28.75 -16.38 -33.39
C GLY A 468 29.66 -16.20 -32.18
N THR A 469 29.77 -17.24 -31.35
CA THR A 469 30.48 -17.20 -30.08
C THR A 469 31.90 -16.70 -30.24
N GLN A 470 32.18 -15.61 -29.54
CA GLN A 470 33.52 -15.04 -29.46
C GLN A 470 34.42 -15.87 -28.52
N TYR A 471 35.57 -16.36 -29.00
CA TYR A 471 36.47 -17.10 -28.11
C TYR A 471 37.93 -17.16 -28.55
N LYS A 472 38.79 -17.61 -27.62
CA LYS A 472 40.20 -17.85 -27.86
C LYS A 472 40.61 -19.27 -27.40
N GLN A 473 41.63 -19.86 -28.05
CA GLN A 473 42.14 -21.21 -27.70
C GLN A 473 43.66 -21.26 -27.48
N GLU A 474 44.12 -22.05 -26.51
CA GLU A 474 45.55 -22.10 -26.09
C GLU A 474 45.92 -23.46 -25.54
N ALA A 475 47.18 -23.85 -25.74
CA ALA A 475 47.76 -25.01 -25.05
C ALA A 475 47.97 -24.56 -23.62
N ILE A 476 47.68 -25.44 -22.67
CA ILE A 476 47.95 -25.13 -21.27
C ILE A 476 49.46 -25.25 -20.99
N PRO A 477 50.08 -24.16 -20.48
CA PRO A 477 51.52 -24.18 -20.32
C PRO A 477 51.93 -25.46 -19.65
N ASP A 478 52.96 -26.09 -20.20
CA ASP A 478 53.25 -27.44 -19.85
C ASP A 478 53.57 -27.70 -18.38
N GLU A 479 54.13 -26.71 -17.69
CA GLU A 479 54.43 -26.91 -16.27
C GLU A 479 53.28 -26.42 -15.35
N VAL A 480 52.23 -25.88 -15.98
CA VAL A 480 50.92 -25.81 -15.33
C VAL A 480 50.30 -27.24 -15.22
N ILE A 481 50.42 -28.05 -16.28
CA ILE A 481 49.98 -29.44 -16.19
C ILE A 481 50.73 -30.10 -15.03
N LYS A 482 52.06 -30.10 -15.19
CA LYS A 482 53.03 -30.73 -14.28
C LYS A 482 52.59 -30.44 -12.85
N LYS A 483 52.33 -29.18 -12.53
CA LYS A 483 52.01 -28.77 -11.17
C LYS A 483 50.71 -29.44 -10.67
N TRP A 484 49.76 -29.67 -11.58
CA TRP A 484 48.52 -30.37 -11.22
C TRP A 484 48.74 -31.87 -11.06
N GLN A 485 49.65 -32.43 -11.86
CA GLN A 485 49.99 -33.83 -11.73
C GLN A 485 50.60 -34.11 -10.38
N ASN A 486 51.21 -33.08 -9.82
CA ASN A 486 51.91 -33.21 -8.57
C ASN A 486 51.11 -32.84 -7.35
N ALA A 487 49.79 -32.95 -7.40
CA ALA A 487 48.99 -32.53 -6.28
C ALA A 487 49.04 -33.58 -5.17
N ASP A 488 49.59 -33.20 -4.00
CA ASP A 488 49.49 -34.03 -2.78
C ASP A 488 48.18 -33.71 -2.06
N LEU A 489 47.79 -34.56 -1.12
CA LEU A 489 46.52 -34.46 -0.42
C LEU A 489 46.51 -33.20 0.41
N ASN A 490 45.35 -32.58 0.50
CA ASN A 490 45.17 -31.31 1.16
C ASN A 490 44.20 -31.61 2.27
N GLY A 491 44.64 -31.42 3.50
CA GLY A 491 43.89 -31.81 4.69
C GLY A 491 42.47 -31.27 4.88
N LYS A 492 42.02 -30.31 4.09
CA LYS A 492 40.66 -29.79 4.28
C LYS A 492 39.62 -30.74 3.68
N PHE A 493 40.10 -31.76 2.97
CA PHE A 493 39.28 -32.68 2.17
C PHE A 493 39.10 -34.09 2.78
N LYS A 494 37.88 -34.40 3.18
CA LYS A 494 37.53 -35.70 3.74
C LYS A 494 36.28 -36.20 3.04
N LEU A 495 36.21 -37.49 2.72
CA LEU A 495 34.95 -38.13 2.30
C LEU A 495 33.82 -37.77 3.28
N PRO A 496 32.57 -37.69 2.79
CA PRO A 496 31.44 -37.40 3.68
C PRO A 496 31.27 -38.52 4.67
N THR A 497 30.78 -38.22 5.87
CA THR A 497 30.59 -39.29 6.86
C THR A 497 29.25 -40.00 6.60
N LYS A 498 28.78 -40.84 7.52
CA LYS A 498 27.47 -41.51 7.35
C LYS A 498 26.35 -40.46 7.18
N ASN A 499 25.32 -40.80 6.42
CA ASN A 499 24.25 -39.86 6.09
C ASN A 499 23.00 -40.05 6.96
N GLU A 500 22.98 -39.33 8.08
CA GLU A 500 21.98 -39.46 9.12
C GLU A 500 20.56 -39.13 8.71
N PHE A 501 20.39 -38.51 7.54
CA PHE A 501 19.08 -38.04 7.11
C PHE A 501 18.30 -39.10 6.36
N ILE A 502 18.95 -40.24 6.12
CA ILE A 502 18.37 -41.39 5.42
C ILE A 502 17.19 -41.85 6.23
N PRO A 503 16.01 -41.90 5.61
CA PRO A 503 14.85 -42.26 6.41
C PRO A 503 14.85 -43.77 6.73
N THR A 504 14.22 -44.15 7.82
CA THR A 504 14.14 -45.57 8.14
C THR A 504 12.74 -45.92 8.49
N ASN A 505 11.99 -44.97 9.00
CA ASN A 505 10.62 -45.25 9.32
C ASN A 505 9.71 -44.89 8.14
N PHE A 506 9.00 -45.90 7.58
CA PHE A 506 8.14 -45.72 6.38
C PHE A 506 6.65 -46.02 6.56
N GLU A 507 6.22 -45.89 7.80
CA GLU A 507 4.95 -46.37 8.25
C GLU A 507 3.89 -45.40 7.73
N ILE A 508 2.97 -45.87 6.88
CA ILE A 508 1.84 -45.04 6.50
C ILE A 508 0.85 -45.06 7.66
N LEU A 509 0.51 -43.90 8.22
CA LEU A 509 -0.33 -43.87 9.42
C LEU A 509 -1.73 -44.30 9.07
N PRO A 510 -2.50 -44.85 10.04
CA PRO A 510 -3.85 -45.32 9.69
C PRO A 510 -4.71 -44.13 9.33
N LEU A 511 -5.74 -44.33 8.51
CA LEU A 511 -6.51 -43.18 8.07
C LEU A 511 -7.49 -42.72 9.16
N GLU A 512 -7.15 -41.62 9.85
CA GLU A 512 -7.88 -41.09 11.04
C GLU A 512 -9.43 -41.09 11.02
N LYS A 513 -10.02 -41.32 12.21
CA LYS A 513 -11.49 -41.41 12.43
C LYS A 513 -12.37 -40.29 11.70
N GLU A 514 -12.23 -39.02 12.09
CA GLU A 514 -12.90 -37.89 11.41
C GLU A 514 -11.89 -37.15 10.50
N ALA A 515 -11.44 -37.80 9.42
CA ALA A 515 -10.61 -37.15 8.36
C ALA A 515 -11.50 -36.78 7.17
N THR A 516 -11.01 -35.90 6.29
CA THR A 516 -11.83 -35.24 5.21
C THR A 516 -11.24 -35.25 3.75
N PRO A 517 -12.09 -35.00 2.72
CA PRO A 517 -11.61 -35.09 1.35
C PRO A 517 -10.75 -33.91 0.92
N TYR A 518 -10.94 -32.76 1.56
CA TYR A 518 -10.21 -31.55 1.25
C TYR A 518 -9.66 -30.95 2.55
N PRO A 519 -8.67 -30.02 2.44
CA PRO A 519 -8.03 -29.49 3.67
C PRO A 519 -9.01 -28.76 4.56
N ALA A 520 -8.80 -28.94 5.86
CA ALA A 520 -9.68 -28.44 6.90
C ALA A 520 -8.92 -27.33 7.60
N LEU A 521 -9.59 -26.20 7.87
CA LEU A 521 -8.90 -25.16 8.65
C LEU A 521 -8.90 -25.55 10.13
N ILE A 522 -7.79 -26.10 10.61
CA ILE A 522 -7.84 -26.66 11.95
C ILE A 522 -7.21 -25.77 13.00
N LYS A 523 -6.75 -24.58 12.62
CA LYS A 523 -6.22 -23.62 13.59
C LYS A 523 -6.45 -22.22 13.08
N ASP A 524 -7.01 -21.34 13.92
CA ASP A 524 -7.34 -19.99 13.44
C ASP A 524 -6.88 -18.80 14.27
N THR A 525 -5.62 -18.75 14.68
CA THR A 525 -5.18 -17.71 15.64
C THR A 525 -4.69 -16.44 14.93
N ALA A 526 -4.25 -15.43 15.68
CA ALA A 526 -3.68 -14.21 15.06
C ALA A 526 -2.32 -14.48 14.40
N MET A 527 -1.57 -15.38 15.00
CA MET A 527 -0.29 -15.82 14.49
C MET A 527 -0.39 -16.80 13.29
N SER A 528 -1.46 -17.59 13.20
CA SER A 528 -1.57 -18.56 12.08
C SER A 528 -2.93 -19.19 11.71
N LYS A 529 -3.02 -19.53 10.42
CA LYS A 529 -4.11 -20.28 9.84
C LYS A 529 -3.57 -21.61 9.28
N LEU A 530 -3.89 -22.73 9.94
CA LEU A 530 -3.36 -24.04 9.57
C LEU A 530 -4.37 -24.89 8.81
N TRP A 531 -4.09 -25.15 7.54
CA TRP A 531 -4.93 -25.99 6.74
C TRP A 531 -4.33 -27.37 6.73
N PHE A 532 -5.14 -28.40 6.98
CA PHE A 532 -4.60 -29.74 7.14
C PHE A 532 -5.41 -30.76 6.41
N LYS A 533 -4.70 -31.62 5.70
CA LYS A 533 -5.31 -32.83 5.15
C LYS A 533 -4.30 -33.93 5.17
N GLN A 534 -4.75 -35.05 5.71
CA GLN A 534 -3.94 -36.25 5.75
C GLN A 534 -4.17 -36.98 4.43
N ASP A 535 -3.08 -37.49 3.83
CA ASP A 535 -3.16 -38.30 2.59
C ASP A 535 -4.23 -39.40 2.60
N ASP A 536 -5.12 -39.38 1.63
CA ASP A 536 -6.11 -40.43 1.49
C ASP A 536 -6.10 -41.07 0.07
N LYS A 537 -5.07 -40.82 -0.75
CA LYS A 537 -5.03 -41.30 -2.13
C LYS A 537 -3.75 -41.99 -2.42
N PHE A 538 -2.64 -41.53 -1.86
CA PHE A 538 -1.32 -41.98 -2.37
C PHE A 538 -0.53 -42.94 -1.47
N PHE A 539 -0.68 -42.83 -0.15
CA PHE A 539 -0.14 -43.80 0.79
C PHE A 539 1.38 -44.07 0.61
N LEU A 540 2.12 -43.00 0.32
CA LEU A 540 3.56 -43.06 0.41
C LEU A 540 3.99 -42.30 1.64
N PRO A 541 5.10 -42.72 2.27
CA PRO A 541 5.59 -42.14 3.50
C PRO A 541 6.19 -40.75 3.30
N LYS A 542 5.46 -39.88 2.60
CA LYS A 542 5.89 -38.52 2.36
C LYS A 542 4.89 -37.51 2.88
N ALA A 543 5.33 -36.29 3.00
CA ALA A 543 4.40 -35.23 3.33
C ALA A 543 4.91 -33.90 2.83
N ASN A 544 3.97 -33.02 2.53
CA ASN A 544 4.28 -31.71 2.04
C ASN A 544 3.88 -30.71 3.09
N LEU A 545 4.79 -29.80 3.40
CA LEU A 545 4.55 -28.73 4.37
C LEU A 545 4.84 -27.36 3.77
N ASN A 546 3.76 -26.64 3.49
CA ASN A 546 3.88 -25.34 2.88
C ASN A 546 3.55 -24.23 3.88
N PHE A 547 4.26 -23.09 3.76
CA PHE A 547 4.07 -21.93 4.66
C PHE A 547 4.15 -20.57 4.00
N GLU A 548 3.13 -19.71 4.07
CA GLU A 548 3.36 -18.27 3.72
C GLU A 548 3.56 -17.49 4.97
N PHE A 549 4.69 -16.81 5.04
CA PHE A 549 4.91 -15.82 6.06
C PHE A 549 4.51 -14.47 5.51
N PHE A 550 3.53 -13.83 6.12
CA PHE A 550 3.17 -12.46 5.72
C PHE A 550 3.99 -11.44 6.51
N SER A 551 4.57 -10.47 5.81
CA SER A 551 5.11 -9.27 6.42
C SER A 551 5.18 -8.23 5.33
N PRO A 552 4.46 -7.13 5.51
CA PRO A 552 4.39 -6.13 4.45
C PRO A 552 5.78 -5.56 4.26
N PHE A 553 6.63 -5.84 5.24
CA PHE A 553 7.98 -5.30 5.27
C PHE A 553 8.92 -5.82 4.21
N ALA A 554 8.56 -6.89 3.53
CA ALA A 554 9.50 -7.52 2.63
C ALA A 554 9.36 -6.90 1.25
N TYR A 555 8.35 -6.06 1.10
CA TYR A 555 8.11 -5.48 -0.20
C TYR A 555 7.66 -4.03 -0.06
N VAL A 556 7.99 -3.43 1.07
CA VAL A 556 7.53 -2.06 1.35
C VAL A 556 8.12 -1.12 0.33
N ASP A 557 9.37 -1.32 -0.03
CA ASP A 557 10.06 -0.44 -0.94
C ASP A 557 11.09 -1.28 -1.74
N PRO A 558 11.72 -0.73 -2.82
CA PRO A 558 12.63 -1.63 -3.52
C PRO A 558 13.81 -2.05 -2.67
N LEU A 559 14.26 -1.17 -1.78
CA LEU A 559 15.38 -1.49 -0.88
C LEU A 559 15.06 -2.69 0.01
N HIS A 560 13.89 -2.67 0.66
CA HIS A 560 13.52 -3.75 1.56
C HIS A 560 13.34 -5.07 0.80
N SER A 561 12.80 -4.96 -0.41
CA SER A 561 12.66 -6.12 -1.25
C SER A 561 14.05 -6.70 -1.49
N ASN A 562 15.01 -5.85 -1.79
CA ASN A 562 16.37 -6.33 -1.93
C ASN A 562 16.88 -7.10 -0.74
N MET A 563 16.52 -6.66 0.43
CA MET A 563 17.01 -7.33 1.64
C MET A 563 16.25 -8.65 1.86
N ALA A 564 14.92 -8.59 1.73
CA ALA A 564 14.07 -9.76 1.80
C ALA A 564 14.79 -10.85 1.04
N TYR A 565 15.14 -10.52 -0.20
CA TYR A 565 15.83 -11.43 -1.07
C TYR A 565 17.23 -11.85 -0.57
N LEU A 566 18.07 -10.87 -0.25
CA LEU A 566 19.45 -11.13 0.10
C LEU A 566 19.52 -12.03 1.31
N TYR A 567 18.65 -11.73 2.25
CA TYR A 567 18.62 -12.39 3.56
C TYR A 567 18.37 -13.82 3.29
N LEU A 568 17.27 -14.07 2.61
CA LEU A 568 16.92 -15.40 2.22
C LEU A 568 18.03 -16.19 1.47
N GLU A 569 18.80 -15.54 0.59
CA GLU A 569 19.86 -16.25 -0.10
C GLU A 569 21.02 -16.59 0.79
N LEU A 570 21.36 -15.69 1.72
CA LEU A 570 22.49 -15.96 2.60
C LEU A 570 22.13 -17.05 3.58
N LEU A 571 20.85 -17.07 3.96
CA LEU A 571 20.33 -18.10 4.82
C LEU A 571 20.35 -19.47 4.13
N LYS A 572 19.87 -19.51 2.89
CA LYS A 572 19.91 -20.73 2.08
C LYS A 572 21.36 -21.11 1.90
N ASP A 573 22.22 -20.13 1.68
CA ASP A 573 23.61 -20.47 1.47
C ASP A 573 24.25 -21.10 2.70
N SER A 574 24.00 -20.51 3.86
CA SER A 574 24.52 -20.98 5.15
C SER A 574 24.15 -22.46 5.44
N LEU A 575 22.84 -22.76 5.44
CA LEU A 575 22.30 -24.14 5.49
C LEU A 575 22.76 -25.16 4.45
N ASN A 576 23.36 -24.69 3.36
CA ASN A 576 23.49 -25.57 2.24
C ASN A 576 24.27 -26.79 2.60
N GLU A 577 25.41 -26.58 3.23
CA GLU A 577 26.29 -27.68 3.64
C GLU A 577 25.55 -28.73 4.47
N TYR A 578 24.64 -28.29 5.32
CA TYR A 578 23.95 -29.20 6.20
C TYR A 578 22.68 -29.74 5.59
N ALA A 579 22.03 -28.98 4.72
CA ALA A 579 20.77 -29.45 4.09
C ALA A 579 21.01 -30.44 2.95
N TYR A 580 22.20 -30.41 2.37
CA TYR A 580 22.51 -31.19 1.22
C TYR A 580 22.34 -32.66 1.53
N ALA A 581 22.86 -33.07 2.70
CA ALA A 581 22.72 -34.44 3.23
C ALA A 581 21.27 -34.86 3.12
N ALA A 582 20.38 -34.01 3.63
CA ALA A 582 18.96 -34.31 3.63
C ALA A 582 18.44 -34.41 2.23
N GLU A 583 18.84 -33.53 1.34
CA GLU A 583 18.39 -33.60 -0.04
C GLU A 583 18.63 -34.93 -0.77
N LEU A 584 19.86 -35.45 -0.73
CA LEU A 584 20.14 -36.82 -1.19
C LEU A 584 19.28 -37.88 -0.46
N ALA A 585 19.00 -37.65 0.81
CA ALA A 585 18.06 -38.47 1.55
C ALA A 585 16.60 -38.25 1.09
N GLY A 586 16.38 -37.66 -0.07
CA GLY A 586 15.00 -37.47 -0.54
C GLY A 586 14.13 -36.54 0.31
N LEU A 587 14.79 -35.53 0.87
CA LEU A 587 14.15 -34.56 1.74
C LEU A 587 14.65 -33.16 1.34
N SER A 588 13.76 -32.28 0.89
CA SER A 588 14.27 -31.00 0.38
C SER A 588 13.40 -29.81 0.72
N TYR A 589 13.95 -28.61 0.56
CA TYR A 589 13.21 -27.44 0.89
C TYR A 589 13.42 -26.30 -0.09
N ASP A 590 12.34 -25.59 -0.31
CA ASP A 590 12.40 -24.46 -1.13
C ASP A 590 12.08 -23.20 -0.28
N LEU A 591 13.03 -22.28 -0.19
CA LEU A 591 12.84 -21.05 0.59
C LEU A 591 13.10 -19.76 -0.23
N GLN A 592 12.07 -18.92 -0.31
CA GLN A 592 12.15 -17.66 -1.06
C GLN A 592 11.17 -16.54 -0.65
N ASN A 593 11.53 -15.32 -1.04
CA ASN A 593 10.88 -14.07 -0.69
C ASN A 593 9.83 -13.76 -1.72
N THR A 594 8.72 -13.20 -1.29
CA THR A 594 7.68 -12.89 -2.23
C THR A 594 7.25 -11.48 -1.96
N ILE A 595 6.31 -11.01 -2.77
CA ILE A 595 5.75 -9.68 -2.61
C ILE A 595 5.00 -9.52 -1.26
N TYR A 596 4.66 -10.63 -0.62
CA TYR A 596 3.91 -10.51 0.64
C TYR A 596 4.68 -10.98 1.85
N GLY A 597 6.01 -11.15 1.69
CA GLY A 597 6.87 -11.71 2.73
C GLY A 597 7.10 -13.04 2.05
N MET A 598 7.51 -14.04 2.81
CA MET A 598 8.26 -15.26 2.48
C MET A 598 7.44 -16.53 2.27
N TYR A 599 8.04 -17.44 1.53
CA TYR A 599 7.45 -18.73 1.24
C TYR A 599 8.46 -19.83 1.56
N LEU A 600 8.00 -20.86 2.27
CA LEU A 600 8.88 -21.96 2.66
C LEU A 600 8.16 -23.27 2.53
N SER A 601 8.73 -24.17 1.72
CA SER A 601 8.15 -25.50 1.47
C SER A 601 9.08 -26.60 1.90
N VAL A 602 8.57 -27.63 2.56
CA VAL A 602 9.42 -28.77 2.91
C VAL A 602 8.70 -29.99 2.35
N LYS A 603 9.34 -30.75 1.48
CA LYS A 603 8.68 -31.85 0.74
C LYS A 603 9.47 -33.15 0.90
N GLY A 604 8.82 -34.31 0.95
CA GLY A 604 9.57 -35.56 0.86
C GLY A 604 9.25 -36.50 1.99
N TYR A 605 10.14 -37.46 2.29
CA TYR A 605 9.80 -38.51 3.27
C TYR A 605 9.61 -37.91 4.66
N ASN A 606 8.38 -38.01 5.16
CA ASN A 606 7.97 -37.35 6.41
C ASN A 606 8.82 -37.69 7.62
N ASP A 607 9.45 -38.87 7.59
CA ASP A 607 10.36 -39.30 8.66
C ASP A 607 11.36 -38.32 9.32
N LYS A 608 12.25 -37.68 8.58
CA LYS A 608 13.21 -36.79 9.21
C LYS A 608 12.80 -35.32 9.09
N GLN A 609 11.65 -35.10 8.50
CA GLN A 609 11.21 -33.75 8.16
C GLN A 609 11.18 -32.76 9.31
N PRO A 610 10.62 -33.14 10.49
CA PRO A 610 10.68 -32.11 11.52
C PRO A 610 12.09 -31.72 11.96
N ILE A 611 13.06 -32.64 11.94
CA ILE A 611 14.46 -32.26 12.15
C ILE A 611 14.80 -31.08 11.21
N LEU A 612 14.57 -31.23 9.93
CA LEU A 612 15.00 -30.19 8.99
C LEU A 612 14.22 -28.90 9.11
N LEU A 613 12.89 -28.99 9.25
CA LEU A 613 12.07 -27.79 9.35
C LEU A 613 12.58 -26.97 10.51
N LYS A 614 12.79 -27.60 11.65
CA LYS A 614 13.26 -26.92 12.82
C LYS A 614 14.59 -26.29 12.58
N LYS A 615 15.52 -26.97 11.92
CA LYS A 615 16.82 -26.31 11.65
C LYS A 615 16.60 -25.04 10.82
N ILE A 616 15.73 -25.10 9.81
CA ILE A 616 15.43 -23.92 8.99
C ILE A 616 14.87 -22.73 9.78
N ILE A 617 13.88 -22.95 10.66
CA ILE A 617 13.29 -21.84 11.39
C ILE A 617 14.29 -21.29 12.42
N GLU A 618 14.85 -22.15 13.24
CA GLU A 618 15.91 -21.69 14.12
C GLU A 618 16.91 -20.80 13.37
N LYS A 619 17.49 -21.29 12.25
CA LYS A 619 18.54 -20.54 11.52
C LYS A 619 18.05 -19.19 11.11
N MET A 620 16.89 -19.16 10.49
CA MET A 620 16.36 -17.95 9.96
C MET A 620 15.91 -16.97 11.03
N ALA A 621 15.92 -17.38 12.30
CA ALA A 621 15.54 -16.45 13.37
C ALA A 621 16.65 -16.11 14.36
N THR A 622 17.85 -16.65 14.16
CA THR A 622 18.99 -16.36 15.00
C THR A 622 20.17 -16.13 14.08
N PHE A 623 19.89 -15.80 12.84
CA PHE A 623 20.89 -15.78 11.80
C PHE A 623 22.08 -14.89 12.11
N GLU A 624 23.27 -15.38 11.86
CA GLU A 624 24.44 -14.51 11.80
C GLU A 624 24.98 -14.48 10.38
N ILE A 625 25.06 -13.27 9.83
CA ILE A 625 25.46 -13.07 8.44
C ILE A 625 26.98 -12.95 8.29
N ASP A 626 27.60 -13.87 7.56
CA ASP A 626 29.04 -13.75 7.33
C ASP A 626 29.29 -12.49 6.47
N GLU A 627 30.25 -11.65 6.85
CA GLU A 627 30.56 -10.41 6.08
C GLU A 627 31.00 -10.75 4.64
N LYS A 628 31.81 -11.81 4.47
CA LYS A 628 32.33 -12.25 3.16
C LYS A 628 31.21 -12.66 2.22
N ARG A 629 30.33 -13.52 2.72
CA ARG A 629 29.35 -14.21 1.89
C ARG A 629 28.26 -13.25 1.54
N PHE A 630 28.13 -12.19 2.34
CA PHE A 630 27.26 -11.07 1.98
C PHE A 630 27.76 -10.31 0.75
N GLU A 631 29.06 -9.99 0.76
CA GLU A 631 29.60 -9.17 -0.31
C GLU A 631 29.53 -9.91 -1.64
N ILE A 632 29.78 -11.22 -1.59
CA ILE A 632 29.78 -12.12 -2.77
C ILE A 632 28.41 -12.26 -3.42
N ILE A 633 27.41 -12.54 -2.59
CA ILE A 633 26.08 -12.82 -3.05
C ILE A 633 25.42 -11.60 -3.65
N LYS A 634 25.72 -10.44 -3.08
CA LYS A 634 25.28 -9.15 -3.57
C LYS A 634 25.82 -8.92 -5.00
N GLU A 635 27.12 -9.10 -5.18
CA GLU A 635 27.75 -8.98 -6.49
C GLU A 635 27.06 -9.88 -7.50
N ALA A 636 26.75 -11.12 -7.09
CA ALA A 636 26.05 -12.11 -7.93
C ALA A 636 24.63 -11.62 -8.24
N TYR A 637 23.97 -11.03 -7.23
CA TYR A 637 22.60 -10.55 -7.37
C TYR A 637 22.51 -9.35 -8.29
N MET A 638 23.48 -8.45 -8.17
CA MET A 638 23.64 -7.32 -9.08
C MET A 638 23.66 -7.84 -10.50
N ARG A 639 24.54 -8.80 -10.76
CA ARG A 639 24.66 -9.34 -12.09
C ARG A 639 23.33 -9.90 -12.56
N SER A 640 22.76 -10.76 -11.73
CA SER A 640 21.45 -11.30 -11.99
C SER A 640 20.40 -10.25 -12.47
N LEU A 641 20.14 -9.21 -11.69
CA LEU A 641 19.27 -8.09 -12.13
C LEU A 641 19.65 -7.57 -13.50
N ASN A 642 20.87 -7.05 -13.62
CA ASN A 642 21.42 -6.59 -14.90
C ASN A 642 21.17 -7.55 -16.02
N ASN A 643 21.34 -8.83 -15.73
CA ASN A 643 21.29 -9.87 -16.77
C ASN A 643 19.93 -10.09 -17.37
N PHE A 644 18.91 -9.48 -16.81
CA PHE A 644 17.58 -9.62 -17.32
C PHE A 644 17.46 -8.97 -18.71
N ARG A 645 18.34 -8.02 -18.99
CA ARG A 645 18.38 -7.41 -20.32
C ARG A 645 18.76 -8.42 -21.45
N ALA A 646 19.25 -9.59 -21.06
CA ALA A 646 19.50 -10.69 -21.99
C ALA A 646 18.40 -11.75 -22.00
N GLU A 647 17.43 -11.67 -21.10
CA GLU A 647 16.27 -12.55 -21.19
C GLU A 647 15.47 -12.32 -22.48
N GLN A 648 14.71 -13.32 -22.88
CA GLN A 648 14.07 -13.34 -24.20
C GLN A 648 12.95 -12.29 -24.40
N PRO A 649 12.82 -11.72 -25.65
CA PRO A 649 11.85 -10.63 -25.94
C PRO A 649 10.40 -10.82 -25.45
N HIS A 650 9.99 -12.06 -25.13
CA HIS A 650 8.60 -12.37 -24.77
C HIS A 650 8.21 -12.57 -23.27
N HIS A 652 10.29 -10.69 -21.76
CA HIS A 652 10.25 -9.25 -21.49
C HIS A 652 8.85 -8.76 -21.53
N ALA A 653 8.17 -8.99 -22.65
CA ALA A 653 6.78 -8.60 -22.81
C ALA A 653 5.99 -9.01 -21.59
N MET A 654 6.09 -10.28 -21.18
CA MET A 654 5.37 -10.75 -19.99
C MET A 654 5.69 -9.92 -18.79
N TYR A 655 6.98 -9.61 -18.62
CA TYR A 655 7.45 -8.86 -17.48
C TYR A 655 6.82 -7.44 -17.39
N TYR A 656 6.94 -6.63 -18.44
CA TYR A 656 6.29 -5.30 -18.46
C TYR A 656 4.77 -5.34 -18.24
N LEU A 657 4.14 -6.42 -18.66
CA LEU A 657 2.72 -6.54 -18.42
C LEU A 657 2.51 -6.83 -16.92
N ARG A 658 3.26 -7.73 -16.30
CA ARG A 658 3.12 -7.88 -14.84
C ARG A 658 3.27 -6.49 -14.16
N LEU A 659 4.25 -5.69 -14.60
CA LEU A 659 4.48 -4.39 -13.98
C LEU A 659 3.33 -3.41 -14.21
N LEU A 660 2.79 -3.40 -15.42
CA LEU A 660 1.73 -2.46 -15.75
C LEU A 660 0.40 -2.70 -15.05
N MET A 661 0.12 -3.93 -14.64
CA MET A 661 -1.20 -4.28 -14.15
C MET A 661 -1.33 -4.57 -12.68
N THR A 662 -0.24 -4.76 -11.95
CA THR A 662 -0.34 -5.02 -10.50
C THR A 662 -0.33 -3.61 -9.96
N GLU A 663 -1.04 -3.43 -8.86
CA GLU A 663 -1.03 -2.28 -7.98
C GLU A 663 0.39 -1.86 -7.63
N VAL A 664 1.20 -2.80 -7.18
CA VAL A 664 2.54 -2.51 -6.64
C VAL A 664 3.55 -3.47 -7.27
N ALA A 665 4.62 -2.93 -7.87
CA ALA A 665 5.68 -3.78 -8.44
C ALA A 665 6.94 -2.98 -8.61
N TRP A 666 8.01 -3.42 -7.99
CA TRP A 666 9.24 -2.69 -8.14
C TRP A 666 9.89 -3.24 -9.41
N THR A 667 10.52 -2.37 -10.21
CA THR A 667 11.12 -2.78 -11.49
C THR A 667 12.51 -3.31 -11.18
N LYS A 668 13.10 -4.07 -12.10
CA LYS A 668 14.51 -4.53 -12.01
C LYS A 668 15.44 -3.31 -11.93
N ASP A 669 15.04 -2.19 -12.52
CA ASP A 669 15.84 -0.96 -12.56
C ASP A 669 15.86 -0.21 -11.21
N GLU A 670 14.72 -0.21 -10.52
CA GLU A 670 14.63 0.33 -9.17
C GLU A 670 15.38 -0.50 -8.13
N LEU A 671 15.24 -1.84 -8.23
CA LEU A 671 15.97 -2.78 -7.38
C LEU A 671 17.48 -2.63 -7.55
N LYS A 672 17.90 -2.53 -8.81
CA LYS A 672 19.31 -2.31 -9.20
C LYS A 672 19.88 -1.06 -8.52
N GLU A 673 19.19 0.08 -8.64
CA GLU A 673 19.61 1.35 -8.02
C GLU A 673 19.70 1.21 -6.52
N ALA A 674 18.54 1.05 -5.90
CA ALA A 674 18.40 0.90 -4.47
C ALA A 674 19.26 -0.23 -3.84
N LEU A 675 19.90 -1.04 -4.66
CA LEU A 675 20.75 -2.13 -4.16
C LEU A 675 22.10 -1.66 -3.64
N ASP A 676 22.50 -0.44 -4.01
CA ASP A 676 23.80 0.07 -3.53
C ASP A 676 23.81 0.45 -2.03
N ASP A 677 22.63 0.80 -1.52
CA ASP A 677 22.48 1.27 -0.15
C ASP A 677 22.01 0.18 0.80
N VAL A 678 22.37 -1.05 0.44
CA VAL A 678 22.15 -2.20 1.28
C VAL A 678 23.53 -2.45 1.84
N THR A 679 23.80 -1.89 3.01
CA THR A 679 25.07 -2.17 3.71
C THR A 679 24.83 -3.28 4.71
N LEU A 680 25.91 -3.98 5.04
CA LEU A 680 25.87 -4.97 6.11
C LEU A 680 25.15 -4.52 7.42
N PRO A 681 25.57 -3.39 8.03
CA PRO A 681 24.76 -2.83 9.10
C PRO A 681 23.27 -2.86 8.77
N ARG A 682 22.88 -2.39 7.58
CA ARG A 682 21.45 -2.21 7.30
C ARG A 682 20.56 -3.49 7.17
N LEU A 683 21.16 -4.58 6.66
CA LEU A 683 20.55 -5.94 6.59
C LEU A 683 20.31 -6.53 7.99
N LYS A 684 21.38 -6.53 8.79
CA LYS A 684 21.33 -6.89 10.19
C LYS A 684 20.18 -6.24 10.92
N ALA A 685 19.80 -5.02 10.54
CA ALA A 685 18.62 -4.37 11.12
C ALA A 685 17.31 -4.94 10.55
N PHE A 686 17.21 -4.99 9.22
CA PHE A 686 16.06 -5.55 8.50
C PHE A 686 15.45 -6.84 9.12
N ILE A 687 16.27 -7.90 9.15
CA ILE A 687 15.86 -9.22 9.65
C ILE A 687 14.99 -9.19 10.91
N PRO A 688 15.50 -8.66 12.05
CA PRO A 688 14.74 -8.67 13.30
C PRO A 688 13.46 -7.91 13.16
N GLN A 689 13.49 -6.80 12.40
CA GLN A 689 12.29 -5.99 12.07
C GLN A 689 11.25 -6.90 11.38
N LEU A 690 11.57 -7.36 10.17
CA LEU A 690 10.74 -8.27 9.39
C LEU A 690 10.05 -9.38 10.16
N LEU A 691 10.86 -10.11 10.92
CA LEU A 691 10.41 -11.22 11.75
C LEU A 691 9.61 -10.83 13.01
N SER A 692 9.58 -9.55 13.38
CA SER A 692 8.97 -9.14 14.64
C SER A 692 7.46 -9.25 14.66
N ARG A 693 6.83 -8.90 13.53
CA ARG A 693 5.37 -9.10 13.32
C ARG A 693 5.16 -9.91 12.02
N LEU A 694 4.54 -11.09 12.17
CA LEU A 694 4.21 -11.98 11.05
C LEU A 694 2.82 -12.57 11.17
N HIS A 695 2.29 -13.11 10.08
CA HIS A 695 1.16 -14.04 10.14
C HIS A 695 1.45 -15.26 9.29
N ILE A 696 1.04 -16.46 9.71
CA ILE A 696 1.39 -17.65 8.92
C ILE A 696 0.20 -18.45 8.42
N GLU A 697 0.18 -18.68 7.12
CA GLU A 697 -0.82 -19.55 6.54
C GLU A 697 -0.07 -20.71 5.95
N ALA A 698 -0.52 -21.90 6.32
CA ALA A 698 0.19 -23.12 6.05
C ALA A 698 -0.79 -24.18 5.65
N LEU A 699 -0.31 -25.07 4.78
CA LEU A 699 -1.02 -26.27 4.42
C LEU A 699 -0.07 -27.41 4.68
N LEU A 700 -0.40 -28.22 5.67
CA LEU A 700 0.35 -29.44 5.94
C LEU A 700 -0.44 -30.66 5.41
N HIS A 701 0.18 -31.37 4.48
CA HIS A 701 -0.51 -32.36 3.62
C HIS A 701 0.27 -33.66 3.44
N GLY A 702 -0.32 -34.78 3.80
CA GLY A 702 0.38 -36.05 3.58
C GLY A 702 0.35 -37.14 4.64
N ASN A 703 1.45 -37.87 4.78
CA ASN A 703 1.51 -38.88 5.80
C ASN A 703 1.76 -38.34 7.20
N ILE A 704 0.79 -37.58 7.71
CA ILE A 704 0.84 -36.98 9.05
C ILE A 704 -0.53 -36.85 9.62
N THR A 705 -0.61 -36.89 10.96
CA THR A 705 -1.90 -36.89 11.67
C THR A 705 -2.28 -35.47 12.09
N LYS A 706 -3.55 -35.28 12.48
CA LYS A 706 -4.00 -33.95 12.95
C LYS A 706 -3.00 -33.42 13.98
N GLN A 707 -2.77 -34.21 15.01
CA GLN A 707 -1.98 -33.74 16.09
C GLN A 707 -0.52 -33.54 15.68
N ALA A 708 0.01 -34.44 14.85
CA ALA A 708 1.42 -34.31 14.36
C ALA A 708 1.59 -32.97 13.66
N ALA A 709 0.56 -32.64 12.87
CA ALA A 709 0.46 -31.39 12.12
C ALA A 709 0.33 -30.18 13.04
N LEU A 710 -0.61 -30.20 13.97
CA LEU A 710 -0.71 -29.09 14.91
C LEU A 710 0.60 -28.78 15.63
N GLY A 711 1.36 -29.82 15.95
CA GLY A 711 2.63 -29.62 16.65
C GLY A 711 3.68 -28.96 15.79
N ILE A 712 3.74 -29.39 14.53
CA ILE A 712 4.65 -28.78 13.56
C ILE A 712 4.36 -27.29 13.46
N MET A 713 3.08 -26.95 13.29
CA MET A 713 2.68 -25.54 13.16
C MET A 713 3.09 -24.76 14.39
N GLN A 714 2.83 -25.34 15.55
CA GLN A 714 3.20 -24.73 16.83
C GLN A 714 4.68 -24.59 17.02
N MET A 715 5.42 -25.62 16.62
CA MET A 715 6.87 -25.61 16.72
C MET A 715 7.48 -24.48 15.92
N VAL A 716 6.92 -24.21 14.75
CA VAL A 716 7.41 -23.09 13.95
C VAL A 716 7.18 -21.81 14.70
N GLU A 717 5.92 -21.52 14.97
CA GLU A 717 5.53 -20.37 15.77
C GLU A 717 6.47 -20.17 16.96
N ASP A 718 6.53 -21.19 17.84
CA ASP A 718 7.29 -21.19 19.11
C ASP A 718 8.75 -20.83 18.93
N THR A 719 9.37 -21.37 17.89
CA THR A 719 10.74 -21.09 17.57
C THR A 719 10.93 -19.62 17.25
N LEU A 720 9.99 -19.01 16.55
CA LEU A 720 10.09 -17.59 16.17
C LEU A 720 9.83 -16.72 17.38
N ILE A 721 8.78 -17.07 18.12
CA ILE A 721 8.48 -16.50 19.47
C ILE A 721 9.74 -16.48 20.37
N GLU A 722 10.43 -17.62 20.55
CA GLU A 722 11.65 -17.63 21.38
C GLU A 722 12.68 -16.66 20.89
N HIS A 723 13.11 -16.82 19.65
CA HIS A 723 14.30 -16.18 19.16
C HIS A 723 14.08 -14.89 18.42
N ALA A 724 12.91 -14.66 17.82
CA ALA A 724 12.73 -13.39 17.11
C ALA A 724 11.66 -12.52 17.75
N HIS A 725 11.22 -12.91 18.95
CA HIS A 725 10.15 -12.24 19.71
C HIS A 725 8.97 -11.88 18.81
N THR A 726 8.59 -12.82 17.96
CA THR A 726 7.56 -12.57 16.98
C THR A 726 6.19 -12.43 17.61
N LYS A 727 5.37 -11.57 17.04
CA LYS A 727 3.98 -11.50 17.41
C LYS A 727 3.09 -11.30 16.18
N PRO A 728 1.77 -11.48 16.36
CA PRO A 728 0.75 -11.44 15.31
C PRO A 728 0.72 -10.12 14.55
N LEU A 729 0.50 -10.20 13.25
CA LEU A 729 0.31 -9.05 12.42
C LEU A 729 -1.14 -8.64 12.65
N LEU A 730 -1.46 -7.37 12.47
CA LEU A 730 -2.84 -6.88 12.65
C LEU A 730 -3.57 -7.37 11.42
N PRO A 731 -4.83 -7.83 11.55
CA PRO A 731 -5.60 -8.36 10.40
C PRO A 731 -5.57 -7.47 9.15
N SER A 732 -5.70 -6.16 9.34
CA SER A 732 -5.74 -5.20 8.24
C SER A 732 -4.40 -5.03 7.48
N GLN A 733 -3.31 -5.54 8.04
CA GLN A 733 -2.01 -5.47 7.39
C GLN A 733 -1.79 -6.65 6.52
N LEU A 734 -2.81 -7.49 6.37
CA LEU A 734 -2.69 -8.69 5.53
C LEU A 734 -3.04 -8.41 4.05
N VAL A 735 -2.51 -7.33 3.47
CA VAL A 735 -2.93 -6.94 2.09
C VAL A 735 -2.51 -7.90 0.98
N ARG A 736 -3.52 -8.32 0.22
CA ARG A 736 -3.37 -8.77 -1.15
C ARG A 736 -3.32 -7.53 -2.09
N TYR A 737 -2.65 -7.62 -3.24
CA TYR A 737 -2.64 -6.48 -4.18
C TYR A 737 -3.68 -6.61 -5.30
N ARG A 738 -3.88 -5.53 -6.05
CA ARG A 738 -5.00 -5.42 -7.03
C ARG A 738 -4.52 -5.29 -8.48
N GLU A 739 -5.37 -5.63 -9.44
CA GLU A 739 -5.12 -5.35 -10.85
C GLU A 739 -5.77 -4.06 -11.34
N VAL A 740 -4.99 -3.25 -12.06
CA VAL A 740 -5.49 -2.06 -12.77
C VAL A 740 -6.74 -2.36 -13.61
N GLN A 741 -7.75 -1.52 -13.49
CA GLN A 741 -9.00 -1.74 -14.17
C GLN A 741 -9.02 -0.90 -15.42
N LEU A 742 -9.13 -1.54 -16.57
CA LEU A 742 -9.03 -0.80 -17.84
C LEU A 742 -10.40 -0.17 -18.22
N PRO A 743 -10.39 1.00 -18.92
CA PRO A 743 -11.64 1.60 -19.38
C PRO A 743 -12.34 0.72 -20.40
N ASP A 744 -13.67 0.76 -20.40
CA ASP A 744 -14.43 0.24 -21.53
C ASP A 744 -13.84 0.80 -22.80
N ARG A 745 -13.82 -0.03 -23.83
CA ARG A 745 -13.45 0.37 -25.18
C ARG A 745 -12.02 0.93 -25.35
N GLY A 746 -11.23 1.04 -24.27
CA GLY A 746 -9.85 1.54 -24.36
C GLY A 746 -8.84 0.61 -25.04
N TRP A 747 -7.65 1.13 -25.35
CA TRP A 747 -6.54 0.33 -25.90
C TRP A 747 -5.19 1.01 -25.65
N PHE A 748 -4.34 0.46 -24.79
CA PHE A 748 -3.03 1.05 -24.55
C PHE A 748 -1.91 0.21 -25.06
N VAL A 749 -0.81 0.87 -25.40
CA VAL A 749 0.38 0.21 -25.94
C VAL A 749 1.58 0.70 -25.15
N TYR A 750 2.32 -0.22 -24.56
CA TYR A 750 3.64 0.08 -24.04
C TYR A 750 4.69 -0.51 -24.99
N GLN A 751 5.74 0.28 -25.22
CA GLN A 751 6.82 -0.06 -26.13
C GLN A 751 8.20 0.13 -25.52
N GLN A 752 9.00 -0.93 -25.64
CA GLN A 752 10.38 -0.97 -25.15
C GLN A 752 11.08 -1.81 -26.19
N ARG A 753 12.41 -1.93 -26.05
CA ARG A 753 13.24 -2.65 -27.02
C ARG A 753 14.13 -3.60 -26.25
N ASN A 754 14.44 -4.73 -26.86
CA ASN A 754 15.36 -5.70 -26.27
C ASN A 754 16.66 -5.42 -26.94
N GLU A 755 17.68 -5.04 -26.16
CA GLU A 755 18.97 -4.69 -26.79
C GLU A 755 19.87 -5.89 -27.16
N VAL A 756 19.72 -7.03 -26.50
CA VAL A 756 20.51 -8.24 -26.80
C VAL A 756 19.95 -9.00 -28.00
N HIS A 757 18.66 -9.31 -27.93
CA HIS A 757 18.03 -10.27 -28.81
C HIS A 757 17.57 -9.65 -30.13
N ASN A 758 17.77 -10.36 -31.24
CA ASN A 758 17.31 -9.80 -32.52
C ASN A 758 15.99 -10.31 -33.06
N ASN A 759 15.13 -10.87 -32.20
CA ASN A 759 13.73 -10.99 -32.53
C ASN A 759 13.04 -9.88 -31.79
N SER A 760 11.73 -9.84 -31.91
CA SER A 760 10.90 -8.99 -31.10
C SER A 760 9.81 -9.85 -30.41
N GLY A 761 9.08 -9.24 -29.47
CA GLY A 761 8.04 -9.96 -28.77
C GLY A 761 6.80 -9.12 -28.60
N ILE A 762 5.70 -9.80 -28.30
CA ILE A 762 4.47 -9.12 -28.06
C ILE A 762 3.64 -9.90 -27.06
N GLU A 763 3.01 -9.19 -26.13
CA GLU A 763 1.88 -9.74 -25.42
C GLU A 763 0.67 -8.84 -25.59
N ILE A 764 -0.48 -9.45 -25.89
CA ILE A 764 -1.73 -8.75 -26.01
C ILE A 764 -2.62 -9.29 -24.94
N TYR A 765 -3.21 -8.40 -24.14
CA TYR A 765 -4.16 -8.77 -23.10
C TYR A 765 -5.53 -8.11 -23.28
N TYR A 766 -6.55 -8.93 -23.49
CA TYR A 766 -7.93 -8.47 -23.50
C TYR A 766 -8.48 -8.75 -22.12
N GLN A 767 -8.45 -7.77 -21.22
CA GLN A 767 -8.85 -8.00 -19.84
C GLN A 767 -10.35 -8.16 -19.85
N THR A 768 -10.91 -9.08 -19.05
CA THR A 768 -12.35 -9.30 -19.05
C THR A 768 -13.21 -8.94 -17.84
N ASP A 769 -13.03 -9.64 -16.73
CA ASP A 769 -13.60 -9.23 -15.45
C ASP A 769 -12.96 -9.99 -14.27
N MET A 770 -13.58 -9.90 -13.11
CA MET A 770 -13.10 -10.63 -11.96
C MET A 770 -13.32 -12.09 -12.17
N GLN A 771 -12.51 -12.91 -11.52
CA GLN A 771 -12.78 -14.33 -11.55
C GLN A 771 -14.08 -14.63 -10.78
N SER A 772 -14.88 -15.55 -11.31
CA SER A 772 -16.17 -15.88 -10.76
C SER A 772 -16.57 -17.16 -11.47
N THR A 773 -17.38 -18.01 -10.85
CA THR A 773 -17.72 -19.27 -11.51
C THR A 773 -18.06 -19.06 -12.96
N SER A 774 -19.02 -18.20 -13.25
CA SER A 774 -19.38 -17.98 -14.65
C SER A 774 -18.30 -17.29 -15.52
N GLU A 775 -17.74 -16.18 -15.06
CA GLU A 775 -16.71 -15.50 -15.84
C GLU A 775 -15.57 -16.46 -16.20
N ASN A 776 -15.18 -17.30 -15.26
CA ASN A 776 -14.08 -18.22 -15.48
C ASN A 776 -14.27 -19.22 -16.60
N MET A 777 -15.47 -19.77 -16.69
CA MET A 777 -15.75 -20.82 -17.65
C MET A 777 -16.03 -20.23 -18.99
N PHE A 778 -16.75 -19.10 -19.04
CA PHE A 778 -16.80 -18.33 -20.27
C PHE A 778 -15.40 -18.12 -20.86
N LEU A 779 -14.45 -17.62 -20.06
CA LEU A 779 -13.07 -17.46 -20.55
C LEU A 779 -12.47 -18.80 -20.97
N GLU A 780 -12.39 -19.76 -20.04
CA GLU A 780 -11.75 -21.06 -20.32
C GLU A 780 -12.28 -21.78 -21.55
N LEU A 781 -13.59 -21.68 -21.80
CA LEU A 781 -14.22 -22.37 -22.92
C LEU A 781 -13.74 -21.77 -24.21
N PHE A 782 -13.81 -20.45 -24.30
CA PHE A 782 -13.36 -19.77 -25.47
C PHE A 782 -11.88 -20.00 -25.68
N ALA A 783 -11.11 -20.04 -24.59
CA ALA A 783 -9.66 -20.26 -24.61
C ALA A 783 -9.35 -21.58 -25.26
N GLN A 784 -10.12 -22.60 -24.87
CA GLN A 784 -9.95 -23.97 -25.34
C GLN A 784 -10.32 -24.09 -26.79
N ILE A 785 -11.48 -23.56 -27.16
CA ILE A 785 -11.93 -23.51 -28.54
C ILE A 785 -10.92 -22.83 -29.47
N ILE A 786 -10.44 -21.65 -29.11
CA ILE A 786 -9.39 -21.03 -29.91
C ILE A 786 -7.99 -21.64 -29.75
N SER A 787 -7.77 -22.41 -28.70
CA SER A 787 -6.44 -22.91 -28.37
C SER A 787 -5.53 -23.41 -29.53
N GLU A 788 -5.98 -24.41 -30.30
CA GLU A 788 -5.14 -24.89 -31.39
C GLU A 788 -5.36 -24.16 -32.74
N PRO A 789 -6.60 -23.71 -33.09
CA PRO A 789 -6.67 -22.81 -34.22
C PRO A 789 -5.65 -21.66 -34.15
N ALA A 790 -5.38 -21.18 -32.94
CA ALA A 790 -4.44 -20.08 -32.75
C ALA A 790 -3.04 -20.53 -33.15
N PHE A 791 -2.58 -21.64 -32.57
CA PHE A 791 -1.30 -22.24 -32.94
C PHE A 791 -1.30 -22.52 -34.43
N ASN A 792 -2.36 -23.14 -34.93
CA ASN A 792 -2.36 -23.51 -36.33
C ASN A 792 -2.30 -22.34 -37.32
N THR A 793 -3.07 -21.30 -37.05
CA THR A 793 -3.04 -20.07 -37.84
C THR A 793 -1.73 -19.32 -37.67
N LEU A 794 -1.42 -18.94 -36.44
CA LEU A 794 -0.37 -17.95 -36.18
C LEU A 794 1.03 -18.53 -36.40
N ARG A 795 1.14 -19.84 -36.17
CA ARG A 795 2.41 -20.50 -36.45
C ARG A 795 2.36 -21.31 -37.73
N THR A 796 1.50 -22.30 -37.78
CA THR A 796 1.71 -23.27 -38.82
C THR A 796 1.42 -22.72 -40.22
N LYS A 797 0.21 -22.17 -40.44
CA LYS A 797 -0.09 -21.36 -41.63
C LYS A 797 0.81 -20.15 -41.80
N GLU A 798 0.73 -19.21 -40.86
CA GLU A 798 1.35 -17.91 -41.04
C GLU A 798 2.81 -17.82 -40.67
N GLN A 799 3.30 -18.76 -39.87
CA GLN A 799 4.72 -18.83 -39.50
C GLN A 799 5.26 -17.52 -38.92
N LEU A 800 4.50 -16.95 -37.97
CA LEU A 800 4.91 -15.73 -37.34
C LEU A 800 6.07 -15.97 -36.38
N GLY A 801 6.19 -17.15 -35.82
CA GLY A 801 7.37 -17.48 -35.05
C GLY A 801 7.26 -18.85 -34.42
N TYR A 802 8.32 -19.27 -33.71
CA TYR A 802 8.32 -20.54 -32.97
C TYR A 802 7.40 -20.41 -31.76
N ILE A 803 7.54 -19.33 -31.01
CA ILE A 803 6.78 -19.17 -29.80
C ILE A 803 5.45 -18.51 -30.12
N VAL A 804 4.40 -19.31 -30.25
CA VAL A 804 3.00 -18.82 -30.32
C VAL A 804 2.16 -19.42 -29.22
N PHE A 805 1.72 -18.57 -28.29
CA PHE A 805 0.91 -18.95 -27.14
C PHE A 805 -0.34 -18.12 -27.05
N SER A 806 -1.46 -18.77 -26.81
CA SER A 806 -2.69 -18.08 -26.37
C SER A 806 -3.16 -18.76 -25.09
N GLY A 807 -4.08 -18.13 -24.36
CA GLY A 807 -4.62 -18.78 -23.16
C GLY A 807 -5.11 -17.81 -22.14
N PRO A 808 -5.66 -18.33 -21.03
CA PRO A 808 -6.13 -17.40 -20.01
C PRO A 808 -4.95 -16.82 -19.23
N ARG A 809 -5.20 -15.69 -18.57
CA ARG A 809 -4.23 -15.02 -17.72
C ARG A 809 -4.92 -14.60 -16.46
N ARG A 810 -4.30 -14.98 -15.34
CA ARG A 810 -4.94 -14.86 -14.05
C ARG A 810 -3.99 -14.14 -13.16
N ALA A 811 -4.41 -12.98 -12.66
CA ALA A 811 -3.65 -12.27 -11.62
C ALA A 811 -4.54 -11.50 -10.64
N ASN A 812 -4.10 -11.44 -9.39
CA ASN A 812 -4.74 -10.66 -8.37
C ASN A 812 -6.24 -10.79 -8.50
N GLY A 813 -6.73 -11.99 -8.79
CA GLY A 813 -8.19 -12.21 -8.86
C GLY A 813 -8.94 -11.66 -10.07
N ILE A 814 -8.23 -11.05 -11.01
CA ILE A 814 -8.82 -10.64 -12.24
C ILE A 814 -8.33 -11.58 -13.32
N GLN A 815 -8.96 -11.54 -14.49
CA GLN A 815 -8.58 -12.41 -15.59
C GLN A 815 -8.84 -11.83 -16.99
N GLY A 816 -8.47 -12.64 -17.98
CA GLY A 816 -8.59 -12.25 -19.38
C GLY A 816 -7.77 -13.16 -20.27
N LEU A 817 -7.84 -12.85 -21.57
CA LEU A 817 -7.27 -13.66 -22.67
C LEU A 817 -5.99 -13.02 -23.08
N ARG A 818 -4.93 -13.81 -23.21
CA ARG A 818 -3.66 -13.24 -23.67
C ARG A 818 -3.08 -13.97 -24.89
N PHE A 819 -2.25 -13.23 -25.63
CA PHE A 819 -1.42 -13.80 -26.69
C PHE A 819 0.02 -13.40 -26.47
N ILE A 820 0.92 -14.37 -26.54
CA ILE A 820 2.34 -14.04 -26.59
C ILE A 820 2.92 -14.57 -27.89
N ILE A 821 3.67 -13.75 -28.61
CA ILE A 821 4.37 -14.24 -29.80
C ILE A 821 5.79 -13.72 -29.79
N GLN A 822 6.73 -14.51 -30.27
CA GLN A 822 8.08 -14.03 -30.49
C GLN A 822 8.33 -14.16 -31.99
N SER A 823 8.82 -13.11 -32.63
CA SER A 823 8.74 -13.01 -34.09
C SER A 823 9.84 -12.21 -34.76
N GLU A 824 10.04 -12.45 -36.06
CA GLU A 824 10.89 -11.59 -36.88
C GLU A 824 10.19 -10.25 -37.24
N LYS A 825 8.91 -10.34 -37.62
CA LYS A 825 8.07 -9.21 -37.97
C LYS A 825 7.87 -8.27 -36.76
N PRO A 826 7.65 -6.95 -37.02
CA PRO A 826 7.31 -5.97 -36.01
C PRO A 826 5.96 -6.20 -35.35
N PRO A 827 5.82 -5.78 -34.08
CA PRO A 827 4.58 -5.93 -33.36
C PRO A 827 3.37 -5.12 -33.83
N HIS A 828 3.59 -4.11 -34.65
CA HIS A 828 2.48 -3.39 -35.28
C HIS A 828 1.88 -4.27 -36.36
N TYR A 829 2.57 -5.36 -36.67
CA TYR A 829 2.11 -6.32 -37.66
C TYR A 829 1.47 -7.55 -37.04
N LEU A 830 2.10 -8.02 -35.95
CA LEU A 830 1.62 -9.15 -35.13
C LEU A 830 0.22 -8.88 -34.62
N GLU A 831 0.03 -7.75 -33.95
CA GLU A 831 -1.29 -7.20 -33.62
C GLU A 831 -2.33 -7.45 -34.68
N SER A 832 -2.07 -6.98 -35.90
CA SER A 832 -3.05 -7.10 -36.94
C SER A 832 -3.34 -8.57 -37.28
N ARG A 833 -2.35 -9.45 -37.26
CA ARG A 833 -2.67 -10.88 -37.50
C ARG A 833 -3.45 -11.58 -36.34
N VAL A 834 -3.14 -11.24 -35.10
CA VAL A 834 -3.94 -11.69 -33.96
C VAL A 834 -5.36 -11.16 -34.13
N GLU A 835 -5.48 -9.86 -34.35
CA GLU A 835 -6.78 -9.26 -34.61
C GLU A 835 -7.56 -9.91 -35.74
N ALA A 836 -6.83 -10.40 -36.75
CA ALA A 836 -7.41 -11.10 -37.89
C ALA A 836 -7.89 -12.48 -37.47
N PHE A 837 -7.08 -13.13 -36.66
CA PHE A 837 -7.43 -14.44 -36.14
C PHE A 837 -8.67 -14.36 -35.25
N LEU A 838 -8.78 -13.28 -34.48
CA LEU A 838 -9.98 -13.08 -33.69
C LEU A 838 -11.29 -13.13 -34.48
N ILE A 839 -11.33 -12.48 -35.66
CA ILE A 839 -12.51 -12.53 -36.52
C ILE A 839 -12.72 -13.90 -37.19
N THR A 840 -11.62 -14.50 -37.65
CA THR A 840 -11.65 -15.87 -38.14
C THR A 840 -12.34 -16.79 -37.13
N MET A 841 -12.22 -16.49 -35.84
CA MET A 841 -12.70 -17.39 -34.79
C MET A 841 -14.16 -17.21 -34.40
N GLU A 842 -14.67 -15.98 -34.51
CA GLU A 842 -16.10 -15.72 -34.27
C GLU A 842 -16.91 -16.44 -35.33
N LYS A 843 -16.38 -16.37 -36.56
CA LYS A 843 -16.90 -17.09 -37.70
C LYS A 843 -16.83 -18.61 -37.49
N SER A 844 -15.74 -19.11 -36.94
CA SER A 844 -15.61 -20.53 -36.65
C SER A 844 -16.62 -21.02 -35.66
N ILE A 845 -16.85 -20.21 -34.63
CA ILE A 845 -17.80 -20.56 -33.57
C ILE A 845 -19.20 -20.66 -34.19
N GLU A 846 -19.50 -19.65 -35.02
CA GLU A 846 -20.74 -19.56 -35.79
C GLU A 846 -20.95 -20.75 -36.71
N ASP A 847 -19.90 -21.21 -37.37
CA ASP A 847 -20.05 -22.33 -38.28
C ASP A 847 -20.03 -23.71 -37.65
N MET A 848 -19.53 -23.88 -36.44
CA MET A 848 -19.31 -25.23 -35.87
C MET A 848 -20.56 -25.97 -35.32
N THR A 849 -20.66 -27.28 -35.57
CA THR A 849 -21.82 -28.08 -35.17
C THR A 849 -22.02 -28.08 -33.67
N GLU A 850 -23.27 -28.22 -33.22
CA GLU A 850 -23.56 -28.24 -31.80
C GLU A 850 -22.76 -29.32 -31.13
N GLU A 851 -22.54 -30.40 -31.87
CA GLU A 851 -21.81 -31.53 -31.36
C GLU A 851 -20.29 -31.23 -31.33
N ALA A 852 -19.81 -30.46 -32.28
CA ALA A 852 -18.39 -30.01 -32.22
C ALA A 852 -18.18 -29.12 -31.04
N PHE A 853 -19.20 -28.34 -30.71
CA PHE A 853 -19.17 -27.48 -29.55
C PHE A 853 -19.15 -28.30 -28.24
N GLN A 854 -19.95 -29.35 -28.16
CA GLN A 854 -20.01 -30.12 -26.94
C GLN A 854 -18.65 -30.87 -26.71
N LYS A 855 -17.96 -31.22 -27.80
CA LYS A 855 -16.66 -31.89 -27.78
C LYS A 855 -15.68 -31.07 -26.98
N HIS A 856 -15.64 -29.78 -27.29
CA HIS A 856 -14.76 -28.84 -26.62
C HIS A 856 -15.08 -28.72 -25.14
N ILE A 857 -16.37 -28.64 -24.81
CA ILE A 857 -16.80 -28.63 -23.42
C ILE A 857 -16.23 -29.85 -22.73
N GLN A 858 -16.44 -31.01 -23.33
CA GLN A 858 -15.94 -32.28 -22.80
C GLN A 858 -14.41 -32.26 -22.67
N ALA A 859 -13.73 -31.80 -23.73
CA ALA A 859 -12.28 -31.66 -23.68
C ALA A 859 -11.83 -30.80 -22.48
N LEU A 860 -12.35 -29.57 -22.32
CA LEU A 860 -12.05 -28.74 -21.14
C LEU A 860 -12.47 -29.44 -19.85
N ALA A 861 -13.71 -29.92 -19.80
CA ALA A 861 -14.20 -30.72 -18.68
C ALA A 861 -13.18 -31.76 -18.24
N ILE A 862 -12.63 -32.54 -19.16
CA ILE A 862 -11.72 -33.60 -18.74
C ILE A 862 -10.42 -33.01 -18.21
N ARG A 863 -9.96 -31.94 -18.85
CA ARG A 863 -8.71 -31.27 -18.47
C ARG A 863 -8.78 -30.78 -17.02
N ARG A 864 -9.92 -30.19 -16.70
CA ARG A 864 -10.19 -29.76 -15.36
C ARG A 864 -10.34 -30.89 -14.33
N LEU A 865 -10.91 -32.02 -14.71
CA LEU A 865 -11.19 -33.09 -13.77
C LEU A 865 -10.06 -34.11 -13.63
N ASP A 866 -8.93 -33.89 -14.30
CA ASP A 866 -7.82 -34.85 -14.28
C ASP A 866 -7.44 -34.98 -12.83
N LYS A 867 -7.49 -36.19 -12.29
CA LYS A 867 -7.06 -36.40 -10.91
C LYS A 867 -5.52 -36.19 -10.79
N PRO A 868 -5.04 -35.62 -9.68
CA PRO A 868 -3.58 -35.59 -9.48
C PRO A 868 -2.98 -36.99 -9.22
N LYS A 869 -1.77 -37.21 -9.68
CA LYS A 869 -1.16 -38.52 -9.63
C LYS A 869 -0.25 -38.69 -8.38
N LYS A 870 0.30 -37.58 -7.91
CA LYS A 870 1.23 -37.57 -6.79
C LYS A 870 0.81 -36.51 -5.77
N LEU A 871 1.31 -36.66 -4.55
CA LEU A 871 0.99 -35.78 -3.47
C LEU A 871 1.23 -34.33 -3.88
N SER A 872 2.45 -34.05 -4.35
CA SER A 872 2.86 -32.68 -4.71
C SER A 872 1.88 -32.00 -5.67
N ALA A 873 1.11 -32.80 -6.41
CA ALA A 873 0.22 -32.24 -7.40
C ALA A 873 -1.10 -31.82 -6.78
N GLU A 874 -1.66 -32.66 -5.92
CA GLU A 874 -2.84 -32.36 -5.12
C GLU A 874 -2.52 -31.15 -4.22
N SER A 875 -1.37 -31.22 -3.55
CA SER A 875 -0.87 -30.06 -2.80
C SER A 875 -0.98 -28.76 -3.62
N ALA A 876 -0.31 -28.68 -4.75
CA ALA A 876 -0.34 -27.49 -5.60
C ALA A 876 -1.78 -26.87 -5.82
N LYS A 877 -2.75 -27.72 -6.16
CA LYS A 877 -4.13 -27.32 -6.36
C LYS A 877 -4.72 -26.67 -5.12
N TYR A 878 -4.51 -27.28 -3.96
CA TYR A 878 -4.93 -26.69 -2.69
C TYR A 878 -4.17 -25.38 -2.35
N TRP A 879 -2.87 -25.36 -2.66
CA TRP A 879 -2.04 -24.20 -2.43
C TRP A 879 -2.47 -23.01 -3.29
N GLY A 880 -3.10 -23.29 -4.43
CA GLY A 880 -3.52 -22.23 -5.31
C GLY A 880 -4.72 -21.60 -4.66
N GLU A 881 -5.61 -22.43 -4.14
CA GLU A 881 -6.82 -21.97 -3.48
C GLU A 881 -6.48 -21.08 -2.31
N ILE A 882 -5.38 -21.43 -1.64
CA ILE A 882 -5.02 -20.75 -0.43
C ILE A 882 -4.24 -19.51 -0.71
N ILE A 883 -3.17 -19.59 -1.50
CA ILE A 883 -2.37 -18.36 -1.68
C ILE A 883 -3.18 -17.29 -2.32
N SER A 884 -4.22 -17.71 -3.06
CA SER A 884 -5.08 -16.80 -3.80
C SER A 884 -6.30 -16.37 -2.99
N GLN A 885 -6.47 -16.93 -1.80
CA GLN A 885 -7.58 -16.60 -0.89
C GLN A 885 -8.97 -16.76 -1.46
N GLN A 886 -9.15 -17.81 -2.24
CA GLN A 886 -10.43 -18.11 -2.81
C GLN A 886 -11.01 -19.29 -2.08
N TYR A 887 -10.12 -20.19 -1.66
CA TYR A 887 -10.45 -21.33 -0.80
C TYR A 887 -11.65 -22.07 -1.34
N ASN A 888 -11.67 -22.22 -2.67
CA ASN A 888 -12.68 -22.97 -3.37
C ASN A 888 -12.11 -24.34 -3.64
N PHE A 889 -11.98 -25.19 -2.63
CA PHE A 889 -11.33 -26.48 -2.83
C PHE A 889 -12.11 -27.41 -3.75
N ASP A 890 -13.42 -27.24 -3.84
CA ASP A 890 -14.23 -28.08 -4.70
C ASP A 890 -14.47 -27.47 -6.08
N ARG A 891 -13.69 -26.43 -6.40
CA ARG A 891 -13.86 -25.63 -7.61
C ARG A 891 -14.10 -26.45 -8.85
N ASP A 892 -13.36 -27.54 -9.00
CA ASP A 892 -13.46 -28.39 -10.18
C ASP A 892 -14.83 -29.01 -10.47
N ASN A 893 -15.66 -29.33 -9.47
CA ASN A 893 -16.99 -29.83 -9.85
C ASN A 893 -17.99 -28.72 -9.99
N THR A 894 -18.06 -27.82 -8.99
CA THR A 894 -18.73 -26.52 -9.15
C THR A 894 -18.53 -25.99 -10.59
N GLU A 895 -17.28 -25.82 -11.04
CA GLU A 895 -16.98 -25.18 -12.33
C GLU A 895 -17.29 -26.00 -13.57
N VAL A 896 -16.85 -27.25 -13.58
CA VAL A 896 -17.27 -28.22 -14.63
C VAL A 896 -18.83 -28.41 -14.73
N ALA A 897 -19.50 -28.50 -13.57
CA ALA A 897 -20.96 -28.73 -13.56
C ALA A 897 -21.56 -27.59 -14.36
N TYR A 898 -21.17 -26.38 -14.00
CA TYR A 898 -21.63 -25.15 -14.62
C TYR A 898 -21.27 -25.00 -16.15
N LEU A 899 -20.08 -25.47 -16.50
CA LEU A 899 -19.57 -25.44 -17.86
C LEU A 899 -20.49 -26.20 -18.82
N LYS A 900 -21.03 -27.32 -18.35
CA LYS A 900 -21.88 -28.15 -19.15
C LYS A 900 -23.19 -27.45 -19.59
N THR A 901 -23.63 -26.48 -18.78
CA THR A 901 -24.74 -25.54 -19.08
C THR A 901 -24.56 -24.67 -20.29
N LEU A 902 -23.33 -24.31 -20.65
CA LEU A 902 -23.09 -23.24 -21.65
C LEU A 902 -23.45 -23.64 -23.07
N THR A 903 -23.83 -22.65 -23.89
CA THR A 903 -24.24 -22.89 -25.28
C THR A 903 -23.49 -22.01 -26.27
N LYS A 904 -23.48 -22.38 -27.56
CA LYS A 904 -22.92 -21.49 -28.57
C LYS A 904 -23.33 -20.03 -28.35
N GLU A 905 -24.64 -19.80 -28.16
CA GLU A 905 -25.20 -18.47 -27.87
C GLU A 905 -24.35 -17.71 -26.89
N ASP A 906 -24.16 -18.32 -25.71
CA ASP A 906 -23.43 -17.72 -24.59
C ASP A 906 -22.02 -17.30 -24.98
N ILE A 907 -21.32 -18.16 -25.70
CA ILE A 907 -19.96 -17.86 -26.10
C ILE A 907 -19.95 -16.80 -27.18
N ILE A 908 -20.87 -16.86 -28.12
CA ILE A 908 -20.93 -15.77 -29.11
C ILE A 908 -21.18 -14.38 -28.49
N LYS A 909 -22.11 -14.32 -27.53
CA LYS A 909 -22.45 -13.11 -26.75
C LYS A 909 -21.26 -12.65 -25.99
N PHE A 910 -20.65 -13.61 -25.29
CA PHE A 910 -19.41 -13.34 -24.59
C PHE A 910 -18.34 -12.72 -25.49
N TYR A 911 -18.10 -13.30 -26.67
CA TYR A 911 -17.06 -12.73 -27.57
C TYR A 911 -17.42 -11.31 -28.01
N LYS A 912 -18.71 -11.11 -28.32
CA LYS A 912 -19.20 -9.85 -28.85
C LYS A 912 -19.20 -8.70 -27.86
N GLU A 913 -19.34 -9.04 -26.58
CA GLU A 913 -19.40 -8.06 -25.50
C GLU A 913 -18.03 -7.75 -24.86
N MET A 914 -17.16 -8.76 -24.74
CA MET A 914 -15.83 -8.57 -24.14
C MET A 914 -14.66 -8.54 -25.12
N LEU A 915 -14.74 -9.34 -26.18
CA LEU A 915 -13.56 -9.65 -27.00
C LEU A 915 -13.55 -9.06 -28.37
N ALA A 916 -14.69 -8.90 -29.03
CA ALA A 916 -14.72 -8.45 -30.44
C ALA A 916 -14.02 -7.13 -30.64
N VAL A 917 -13.60 -6.86 -31.85
CA VAL A 917 -12.86 -5.61 -32.14
C VAL A 917 -13.60 -4.30 -31.81
N ASP A 918 -14.93 -4.36 -31.72
CA ASP A 918 -15.75 -3.21 -31.32
C ASP A 918 -16.76 -3.68 -30.25
N ALA A 919 -16.23 -4.46 -29.34
CA ALA A 919 -16.97 -4.87 -28.20
C ALA A 919 -17.14 -3.64 -27.35
N PRO A 920 -18.37 -3.44 -26.85
CA PRO A 920 -18.73 -2.34 -25.95
C PRO A 920 -17.85 -2.30 -24.69
N ARG A 921 -17.23 -3.44 -24.38
CA ARG A 921 -16.49 -3.61 -23.14
C ARG A 921 -15.11 -4.23 -23.33
N ARG A 922 -14.57 -4.13 -24.54
CA ARG A 922 -13.22 -4.60 -24.79
C ARG A 922 -12.27 -3.75 -23.99
N HIS A 923 -11.31 -4.37 -23.31
CA HIS A 923 -10.29 -3.64 -22.57
C HIS A 923 -8.99 -4.22 -23.03
N LYS A 924 -8.17 -3.45 -23.75
CA LYS A 924 -6.98 -4.03 -24.34
C LYS A 924 -5.64 -3.40 -23.95
N VAL A 925 -4.71 -4.23 -23.48
CA VAL A 925 -3.31 -3.80 -23.37
C VAL A 925 -2.41 -4.62 -24.28
N SER A 926 -1.51 -3.92 -24.94
CA SER A 926 -0.47 -4.58 -25.72
C SER A 926 0.87 -4.03 -25.27
N VAL A 927 1.82 -4.95 -25.14
CA VAL A 927 3.21 -4.67 -24.83
C VAL A 927 3.96 -5.03 -26.09
N HIS A 928 4.69 -4.07 -26.63
CA HIS A 928 5.51 -4.30 -27.82
C HIS A 928 6.96 -4.24 -27.45
N VAL A 929 7.63 -5.38 -27.56
CA VAL A 929 9.08 -5.34 -27.37
C VAL A 929 9.80 -5.54 -28.69
N LEU A 930 10.48 -4.50 -29.16
CA LEU A 930 11.12 -4.46 -30.50
C LEU A 930 12.49 -5.14 -30.53
N ALA A 931 12.91 -5.62 -31.70
CA ALA A 931 14.17 -6.36 -31.83
C ALA A 931 15.36 -5.46 -31.65
N ARG A 932 16.55 -6.05 -31.48
CA ARG A 932 17.81 -5.30 -31.38
C ARG A 932 17.87 -4.24 -32.47
N GLU A 933 17.59 -4.64 -33.70
CA GLU A 933 17.80 -3.74 -34.83
C GLU A 933 16.69 -2.72 -35.22
N MET A 934 15.44 -2.87 -34.73
CA MET A 934 14.37 -1.90 -35.05
C MET A 934 14.49 -0.64 -34.18
N ASN A 950 -2.65 -15.38 -50.56
CA ASN A 950 -2.18 -14.85 -49.28
C ASN A 950 -3.03 -15.28 -48.01
N LEU A 951 -3.62 -14.28 -47.33
CA LEU A 951 -3.98 -14.32 -45.89
C LEU A 951 -5.35 -13.73 -45.64
N SER A 952 -5.93 -14.06 -44.48
CA SER A 952 -7.25 -13.54 -44.10
C SER A 952 -7.13 -12.08 -43.70
N GLN A 953 -8.26 -11.40 -43.65
CA GLN A 953 -8.37 -9.95 -43.65
C GLN A 953 -8.29 -9.37 -42.24
N ALA A 954 -7.33 -8.49 -41.97
CA ALA A 954 -7.23 -7.82 -40.65
C ALA A 954 -8.27 -6.69 -40.55
N PRO A 955 -8.82 -6.43 -39.35
CA PRO A 955 -9.73 -5.30 -39.14
C PRO A 955 -8.97 -3.99 -38.94
N ALA A 956 -9.59 -2.85 -39.20
CA ALA A 956 -8.89 -1.57 -39.03
C ALA A 956 -8.95 -1.17 -37.55
N LEU A 957 -7.81 -0.80 -36.99
CA LEU A 957 -7.77 -0.63 -35.54
C LEU A 957 -7.96 0.83 -35.04
N PRO A 958 -8.34 1.02 -33.76
CA PRO A 958 -8.36 2.37 -33.22
C PRO A 958 -6.97 2.89 -33.12
N GLN A 959 -6.86 4.09 -32.59
CA GLN A 959 -5.58 4.72 -32.36
C GLN A 959 -5.20 4.39 -30.91
N PRO A 960 -4.09 3.63 -30.67
CA PRO A 960 -3.71 3.28 -29.28
C PRO A 960 -3.41 4.50 -28.43
N GLU A 961 -3.52 4.39 -27.11
CA GLU A 961 -2.87 5.36 -26.23
C GLU A 961 -1.48 4.84 -25.84
N VAL A 962 -0.44 5.60 -26.17
CA VAL A 962 0.89 5.09 -25.95
C VAL A 962 1.33 5.43 -24.50
N ILE A 963 1.30 4.42 -23.65
CA ILE A 963 1.77 4.47 -22.28
C ILE A 963 3.19 4.99 -22.07
N GLN A 964 3.53 5.97 -21.45
CA GLN A 964 4.62 6.92 -21.56
C GLN A 964 5.38 6.57 -20.29
N ASN A 965 4.69 6.54 -19.14
CA ASN A 965 5.33 6.31 -17.84
C ASN A 965 4.50 5.28 -17.08
N MET A 966 5.13 4.19 -16.68
CA MET A 966 4.35 3.12 -16.05
C MET A 966 3.54 3.56 -14.88
N THR A 967 4.18 4.29 -13.96
CA THR A 967 3.51 4.90 -12.80
C THR A 967 2.36 5.86 -13.10
N GLU A 968 2.51 6.72 -14.10
CA GLU A 968 1.44 7.63 -14.49
C GLU A 968 0.24 6.85 -14.97
N PHE A 969 0.44 5.98 -15.94
CA PHE A 969 -0.58 5.08 -16.43
C PHE A 969 -1.42 4.48 -15.30
N LYS A 970 -0.76 3.89 -14.30
CA LYS A 970 -1.44 3.24 -13.15
C LYS A 970 -2.19 4.20 -12.22
N ARG A 971 -1.58 5.36 -11.93
CA ARG A 971 -2.18 6.43 -11.13
C ARG A 971 -3.52 6.86 -11.73
N GLY A 972 -3.64 6.86 -13.05
CA GLY A 972 -4.83 7.40 -13.73
C GLY A 972 -5.95 6.43 -14.09
N LEU A 973 -6.09 5.36 -13.31
CA LEU A 973 -7.07 4.32 -13.61
C LEU A 973 -7.56 3.69 -12.33
N PRO A 974 -8.84 3.27 -12.32
CA PRO A 974 -9.38 2.62 -11.12
C PRO A 974 -8.65 1.30 -10.82
N LEU A 975 -8.75 0.77 -9.61
CA LEU A 975 -8.29 -0.60 -9.40
C LEU A 975 -9.48 -1.48 -9.14
N PHE A 976 -9.41 -2.76 -9.56
CA PHE A 976 -10.48 -3.73 -9.32
C PHE A 976 -10.59 -4.04 -7.87
N PRO A 977 -11.75 -4.56 -7.44
CA PRO A 977 -11.90 -5.11 -6.11
C PRO A 977 -10.95 -6.29 -5.95
N LEU A 978 -10.78 -6.76 -4.71
CA LEU A 978 -10.22 -8.09 -4.46
C LEU A 978 -11.36 -9.13 -4.40
N VAL A 979 -11.09 -10.38 -4.79
CA VAL A 979 -12.11 -11.46 -4.84
C VAL A 979 -12.60 -11.92 -3.44
N LYS A 980 -13.92 -12.10 -3.27
CA LYS A 980 -14.49 -12.63 -2.02
C LYS A 980 -14.08 -14.13 -1.74
N PRO A 981 -13.60 -14.43 -0.52
CA PRO A 981 -13.34 -15.83 -0.12
C PRO A 981 -14.62 -16.63 0.21
N HIS A 982 -14.50 -17.96 0.31
CA HIS A 982 -15.45 -19.07 0.14
C HIS A 982 -15.30 -20.11 1.30
N ASN B 14 -24.14 70.03 12.80
CA ASN B 14 -24.24 68.56 13.03
C ASN B 14 -25.69 68.08 13.42
N ASN B 15 -25.94 66.81 13.11
CA ASN B 15 -27.16 66.06 13.38
C ASN B 15 -27.56 66.01 14.89
N PRO B 16 -28.87 66.24 15.19
CA PRO B 16 -29.46 66.18 16.54
C PRO B 16 -29.47 64.79 17.16
N ALA B 17 -29.20 63.78 16.33
CA ALA B 17 -29.19 62.40 16.83
C ALA B 17 -27.77 61.82 17.09
N ILE B 18 -26.72 62.65 17.00
CA ILE B 18 -25.36 62.19 17.32
C ILE B 18 -24.71 62.95 18.49
N LYS B 19 -24.76 62.41 19.70
CA LYS B 19 -24.23 63.12 20.87
C LYS B 19 -22.74 63.58 20.75
N ARG B 20 -21.88 62.76 20.17
CA ARG B 20 -20.45 63.09 20.02
C ARG B 20 -19.83 62.40 18.79
N ILE B 21 -18.64 62.86 18.38
CA ILE B 21 -17.96 62.28 17.21
C ILE B 21 -16.52 61.94 17.52
N GLY B 22 -16.12 60.72 17.18
CA GLY B 22 -14.79 60.25 17.53
C GLY B 22 -13.85 60.45 16.38
N ASN B 23 -12.76 61.16 16.65
CA ASN B 23 -11.78 61.48 15.61
C ASN B 23 -10.62 62.18 16.27
N HIS B 24 -9.39 61.74 15.95
CA HIS B 24 -9.14 60.59 15.11
C HIS B 24 -9.22 59.32 15.97
N ILE B 25 -9.22 58.14 15.32
CA ILE B 25 -9.25 56.84 15.99
C ILE B 25 -7.88 56.18 15.81
N THR B 26 -7.07 56.14 16.86
CA THR B 26 -5.68 55.68 16.72
C THR B 26 -5.68 54.30 16.08
N LYS B 27 -4.99 54.15 14.95
CA LYS B 27 -4.93 52.87 14.27
C LYS B 27 -3.50 52.49 13.88
N SER B 28 -3.32 51.27 13.40
CA SER B 28 -2.02 50.83 12.96
C SER B 28 -1.47 51.66 11.83
N PRO B 29 -0.15 51.92 11.88
CA PRO B 29 0.50 52.64 10.80
C PRO B 29 0.30 51.98 9.43
N GLU B 30 0.19 50.65 9.38
CA GLU B 30 0.06 49.90 8.11
C GLU B 30 -1.37 49.77 7.56
N ASP B 31 -2.35 50.16 8.38
CA ASP B 31 -3.76 49.83 8.21
C ASP B 31 -4.47 50.81 7.28
N LYS B 32 -4.81 50.37 6.08
CA LYS B 32 -5.35 51.31 5.07
C LYS B 32 -6.85 51.53 5.24
N ARG B 33 -7.51 50.72 6.05
CA ARG B 33 -8.89 51.03 6.40
C ARG B 33 -9.00 52.35 7.17
N GLU B 34 -10.23 52.80 7.34
CA GLU B 34 -10.53 54.18 7.59
C GLU B 34 -11.66 54.22 8.64
N TYR B 35 -11.33 54.68 9.83
CA TYR B 35 -12.22 54.57 10.98
C TYR B 35 -12.82 55.91 11.44
N ARG B 36 -14.10 55.91 11.79
CA ARG B 36 -14.68 57.00 12.56
C ARG B 36 -15.64 56.44 13.57
N GLY B 37 -15.46 56.81 14.83
CA GLY B 37 -16.35 56.32 15.90
C GLY B 37 -17.31 57.41 16.32
N LEU B 38 -18.31 57.08 17.12
CA LEU B 38 -19.29 58.10 17.52
C LEU B 38 -20.21 57.54 18.55
N GLU B 39 -20.82 58.44 19.34
CA GLU B 39 -21.84 58.10 20.34
C GLU B 39 -23.18 58.65 19.85
N LEU B 40 -24.21 57.81 19.71
CA LEU B 40 -25.53 58.32 19.34
C LEU B 40 -26.26 59.05 20.50
N ALA B 41 -27.36 59.73 20.13
CA ALA B 41 -28.20 60.49 21.10
C ALA B 41 -28.65 59.57 22.20
N ASN B 42 -29.10 58.39 21.80
CA ASN B 42 -29.59 57.37 22.69
C ASN B 42 -28.54 56.60 23.49
N GLY B 43 -27.25 56.84 23.27
CA GLY B 43 -26.22 56.28 24.15
C GLY B 43 -25.46 55.05 23.66
N ILE B 44 -25.73 54.66 22.42
CA ILE B 44 -25.01 53.59 21.74
C ILE B 44 -23.64 54.19 21.37
N LYS B 45 -22.56 53.48 21.73
CA LYS B 45 -21.18 53.74 21.23
C LYS B 45 -21.02 52.96 19.92
N VAL B 46 -20.67 53.64 18.82
CA VAL B 46 -20.56 53.06 17.48
C VAL B 46 -19.13 53.24 16.96
N LEU B 47 -18.58 52.20 16.28
CA LEU B 47 -17.36 52.34 15.45
C LEU B 47 -17.73 52.02 14.04
N LEU B 48 -17.38 52.93 13.12
CA LEU B 48 -17.59 52.68 11.69
C LEU B 48 -16.25 52.46 11.01
N ILE B 49 -16.18 51.47 10.16
CA ILE B 49 -14.95 51.17 9.45
C ILE B 49 -15.27 51.20 7.98
N SER B 50 -14.57 52.07 7.27
CA SER B 50 -14.71 52.22 5.82
C SER B 50 -13.54 51.56 5.05
N ASP B 51 -13.85 50.48 4.34
CA ASP B 51 -12.86 49.76 3.58
C ASP B 51 -13.40 49.69 2.18
N PRO B 52 -12.83 50.49 1.27
CA PRO B 52 -13.44 50.52 -0.05
C PRO B 52 -13.19 49.21 -0.88
N THR B 53 -12.35 48.32 -0.41
CA THR B 53 -11.95 47.15 -1.20
C THR B 53 -12.45 45.79 -0.65
N THR B 54 -13.39 45.81 0.28
CA THR B 54 -13.77 44.58 0.95
C THR B 54 -14.86 43.86 0.17
N ASP B 55 -14.81 42.52 0.14
CA ASP B 55 -15.82 41.77 -0.62
C ASP B 55 -17.06 41.56 0.21
N LYS B 56 -16.80 41.36 1.52
CA LYS B 56 -17.82 41.19 2.53
C LYS B 56 -17.91 42.42 3.40
N SER B 57 -19.14 42.92 3.55
CA SER B 57 -19.45 43.85 4.59
C SER B 57 -19.86 43.06 5.83
N SER B 58 -19.93 43.72 6.98
CA SER B 58 -20.12 42.99 8.23
C SER B 58 -20.55 44.00 9.29
N ALA B 59 -21.43 43.61 10.21
CA ALA B 59 -21.72 44.44 11.38
C ALA B 59 -21.87 43.59 12.64
N ALA B 60 -21.63 44.18 13.82
CA ALA B 60 -21.89 43.49 15.09
C ALA B 60 -22.52 44.43 16.10
N LEU B 61 -23.28 43.87 17.05
CA LEU B 61 -23.78 44.63 18.18
C LEU B 61 -23.50 43.84 19.42
N ASP B 62 -23.01 44.53 20.46
CA ASP B 62 -22.78 43.90 21.75
C ASP B 62 -23.61 44.62 22.80
N VAL B 63 -24.47 43.86 23.51
CA VAL B 63 -25.23 44.37 24.67
C VAL B 63 -24.49 44.01 25.93
N HIS B 64 -24.29 44.94 26.86
CA HIS B 64 -23.57 44.62 28.08
C HIS B 64 -24.42 43.89 29.13
N ILE B 65 -25.27 42.96 28.68
CA ILE B 65 -25.97 42.04 29.57
C ILE B 65 -25.71 40.60 29.15
N GLY B 66 -25.63 39.71 30.10
CA GLY B 66 -25.46 38.29 29.78
C GLY B 66 -25.92 37.34 30.87
N SER B 67 -25.38 36.13 30.83
CA SER B 67 -25.73 35.03 31.75
C SER B 67 -25.88 35.46 33.19
N LEU B 68 -24.87 36.17 33.68
CA LEU B 68 -24.85 36.60 35.08
C LEU B 68 -26.09 37.41 35.53
N SER B 69 -27.01 37.75 34.60
CA SER B 69 -28.23 38.54 34.90
C SER B 69 -29.55 37.79 34.71
N ASP B 70 -29.46 36.50 34.40
CA ASP B 70 -30.62 35.68 34.24
C ASP B 70 -31.39 35.76 35.52
N PRO B 71 -32.73 35.83 35.45
CA PRO B 71 -33.46 35.66 36.72
C PRO B 71 -33.05 34.32 37.34
N PRO B 72 -32.95 34.25 38.68
CA PRO B 72 -32.46 33.01 39.36
C PRO B 72 -33.42 31.83 39.20
N ASN B 73 -34.69 32.08 38.93
CA ASN B 73 -35.68 31.04 38.72
C ASN B 73 -35.86 30.62 37.24
N ILE B 74 -35.01 31.13 36.34
CA ILE B 74 -35.02 30.68 34.93
C ILE B 74 -33.59 30.67 34.36
N ALA B 75 -32.78 29.70 34.75
CA ALA B 75 -31.39 29.64 34.29
C ALA B 75 -31.36 29.61 32.77
N GLY B 76 -30.50 30.42 32.15
CA GLY B 76 -30.28 30.37 30.70
C GLY B 76 -31.13 31.35 29.91
N LEU B 77 -31.94 32.14 30.58
CA LEU B 77 -32.86 33.00 29.87
C LEU B 77 -32.11 33.90 28.91
N SER B 78 -31.08 34.59 29.39
CA SER B 78 -30.29 35.43 28.49
C SER B 78 -29.66 34.69 27.28
N HIS B 79 -29.22 33.44 27.45
CA HIS B 79 -28.76 32.58 26.32
C HIS B 79 -29.88 32.25 25.32
N PHE B 80 -30.97 31.72 25.86
CA PHE B 80 -32.18 31.45 25.10
C PHE B 80 -32.74 32.64 24.34
N LEU B 81 -32.59 33.84 24.89
CA LEU B 81 -33.10 35.02 24.24
C LEU B 81 -32.32 35.29 22.95
N GLU B 82 -31.00 35.24 23.09
CA GLU B 82 -30.01 35.19 22.00
C GLU B 82 -30.40 34.21 20.86
N HIS B 83 -30.75 32.96 21.20
CA HIS B 83 -31.25 32.01 20.19
C HIS B 83 -32.50 32.48 19.50
N MET B 84 -33.33 33.24 20.22
CA MET B 84 -34.64 33.63 19.67
C MET B 84 -34.64 34.83 18.71
N LEU B 85 -33.74 35.78 18.87
CA LEU B 85 -33.79 36.99 18.05
C LEU B 85 -33.57 36.74 16.55
N PHE B 86 -33.07 35.54 16.24
CA PHE B 86 -32.91 35.15 14.84
C PHE B 86 -34.25 34.73 14.22
N LEU B 87 -35.16 34.28 15.07
CA LEU B 87 -36.39 33.67 14.64
C LEU B 87 -37.55 34.58 14.30
N GLY B 88 -37.28 35.81 13.82
CA GLY B 88 -38.34 36.71 13.32
C GLY B 88 -38.64 37.95 14.13
N THR B 89 -38.99 39.03 13.45
CA THR B 89 -39.29 40.32 14.10
C THR B 89 -40.55 40.94 13.50
N LYS B 90 -41.03 42.01 14.15
CA LYS B 90 -42.19 42.80 13.72
C LYS B 90 -42.11 43.20 12.22
N LYS B 91 -41.03 43.82 11.80
CA LYS B 91 -40.85 44.19 10.41
C LYS B 91 -40.69 43.00 9.45
N TYR B 92 -40.16 41.89 9.95
CA TYR B 92 -39.77 40.72 9.13
C TYR B 92 -40.15 39.50 9.89
N PRO B 93 -41.43 39.08 9.77
CA PRO B 93 -41.98 37.96 10.51
C PRO B 93 -41.53 36.60 10.00
N LYS B 94 -41.27 36.44 8.71
CA LYS B 94 -40.90 35.10 8.22
C LYS B 94 -39.79 34.59 9.11
N GLU B 95 -40.09 33.54 9.85
CA GLU B 95 -39.22 33.06 10.92
C GLU B 95 -37.72 32.94 10.58
N ASN B 96 -37.37 32.69 9.33
CA ASN B 96 -35.98 32.63 8.90
C ASN B 96 -35.67 33.68 7.81
N GLU B 97 -36.45 34.75 7.74
CA GLU B 97 -36.14 35.80 6.78
C GLU B 97 -34.67 36.22 6.95
N TYR B 98 -34.24 36.43 8.19
CA TYR B 98 -32.86 36.82 8.45
C TYR B 98 -31.86 35.83 7.86
N SER B 99 -31.80 34.61 8.35
CA SER B 99 -30.73 33.76 7.88
C SER B 99 -30.89 33.31 6.40
N GLN B 100 -32.08 33.46 5.82
CA GLN B 100 -32.26 33.20 4.39
C GLN B 100 -31.66 34.31 3.54
N PHE B 101 -31.91 35.55 3.94
CA PHE B 101 -31.30 36.69 3.30
C PHE B 101 -29.79 36.58 3.36
N LEU B 102 -29.27 36.26 4.53
CA LEU B 102 -27.84 36.20 4.63
C LEU B 102 -27.24 35.16 3.71
N SER B 103 -27.92 34.03 3.51
CA SER B 103 -27.31 33.03 2.62
C SER B 103 -27.61 33.27 1.14
N GLU B 104 -28.69 33.98 0.83
CA GLU B 104 -28.99 34.33 -0.57
C GLU B 104 -28.07 35.42 -1.08
N HIS B 105 -27.36 36.07 -0.17
CA HIS B 105 -26.38 37.08 -0.54
C HIS B 105 -25.06 36.83 0.13
N ALA B 106 -24.58 35.58 0.03
CA ALA B 106 -23.19 35.26 0.35
C ALA B 106 -22.73 35.69 1.77
N GLY B 107 -23.57 35.41 2.77
CA GLY B 107 -23.26 35.83 4.13
C GLY B 107 -23.54 34.80 5.21
N SER B 108 -23.17 35.13 6.44
CA SER B 108 -23.36 34.24 7.55
C SER B 108 -23.46 35.06 8.81
N SER B 109 -24.12 34.49 9.82
CA SER B 109 -24.40 35.17 11.10
C SER B 109 -24.33 34.20 12.24
N ASN B 110 -24.07 34.71 13.43
CA ASN B 110 -23.92 33.90 14.62
C ASN B 110 -23.83 34.80 15.84
N ALA B 111 -23.94 34.26 17.04
CA ALA B 111 -23.88 35.12 18.22
C ALA B 111 -23.30 34.36 19.36
N PHE B 112 -23.04 35.01 20.49
CA PHE B 112 -22.65 34.28 21.71
C PHE B 112 -23.05 35.04 22.97
N THR B 113 -23.07 34.38 24.10
CA THR B 113 -23.51 34.96 25.38
C THR B 113 -22.49 34.67 26.48
N SER B 114 -21.83 35.68 27.05
CA SER B 114 -20.96 35.44 28.22
C SER B 114 -21.70 35.84 29.47
N GLY B 115 -20.97 36.06 30.57
CA GLY B 115 -21.57 36.48 31.85
C GLY B 115 -22.14 37.89 31.80
N GLU B 116 -21.50 38.75 31.01
CA GLU B 116 -21.88 40.16 30.89
C GLU B 116 -22.13 40.64 29.44
N HIS B 117 -22.05 39.74 28.45
CA HIS B 117 -22.19 40.16 27.05
C HIS B 117 -23.06 39.26 26.21
N THR B 118 -23.91 39.88 25.42
CA THR B 118 -24.52 39.17 24.35
C THR B 118 -24.12 39.88 23.08
N ASN B 119 -23.44 39.13 22.24
CA ASN B 119 -22.76 39.65 21.10
C ASN B 119 -23.37 38.99 19.87
N TYR B 120 -23.75 39.80 18.90
CA TYR B 120 -24.40 39.31 17.71
C TYR B 120 -23.68 39.85 16.49
N TYR B 121 -23.24 38.98 15.60
CA TYR B 121 -22.57 39.43 14.38
C TYR B 121 -23.09 38.79 13.07
N PHE B 122 -22.76 39.43 11.95
CA PHE B 122 -23.04 38.90 10.62
C PHE B 122 -22.08 39.45 9.57
N ASP B 123 -21.94 38.73 8.46
CA ASP B 123 -21.45 39.33 7.23
C ASP B 123 -22.31 39.01 6.00
N VAL B 124 -21.94 39.58 4.86
CA VAL B 124 -22.80 39.66 3.70
C VAL B 124 -22.01 40.35 2.60
N SER B 125 -22.36 39.98 1.36
CA SER B 125 -21.86 40.59 0.12
C SER B 125 -21.93 42.11 0.23
N HIS B 126 -20.80 42.80 0.09
CA HIS B 126 -20.71 44.24 0.40
C HIS B 126 -21.82 45.09 -0.23
N GLU B 127 -22.36 44.61 -1.35
CA GLU B 127 -23.45 45.27 -2.05
C GLU B 127 -24.79 45.24 -1.33
N HIS B 128 -24.98 44.37 -0.35
CA HIS B 128 -26.26 44.35 0.40
C HIS B 128 -26.05 44.51 1.91
N LEU B 129 -25.18 45.46 2.29
CA LEU B 129 -24.98 45.81 3.68
C LEU B 129 -26.26 46.39 4.24
N GLU B 130 -26.92 47.25 3.47
CA GLU B 130 -28.18 47.87 3.93
C GLU B 130 -29.28 46.86 4.29
N GLY B 131 -29.62 45.99 3.35
CA GLY B 131 -30.61 44.94 3.58
C GLY B 131 -30.34 44.20 4.88
N ALA B 132 -29.15 43.61 4.96
CA ALA B 132 -28.77 42.75 6.09
C ALA B 132 -28.87 43.51 7.39
N LEU B 133 -28.36 44.75 7.39
CA LEU B 133 -28.28 45.56 8.60
C LEU B 133 -29.66 45.93 9.10
N ASP B 134 -30.54 46.30 8.16
CA ASP B 134 -31.90 46.62 8.54
C ASP B 134 -32.53 45.40 9.26
N ARG B 135 -32.43 44.23 8.64
CA ARG B 135 -33.03 42.99 9.17
C ARG B 135 -32.55 42.69 10.59
N PHE B 136 -31.33 43.18 10.85
CA PHE B 136 -30.54 42.86 12.01
C PHE B 136 -30.89 43.82 13.10
N ALA B 137 -31.11 45.08 12.74
CA ALA B 137 -31.42 46.11 13.72
C ALA B 137 -32.74 45.76 14.40
N GLN B 138 -33.66 45.19 13.62
CA GLN B 138 -34.97 44.75 14.12
C GLN B 138 -34.94 43.76 15.31
N PHE B 139 -33.80 43.09 15.53
CA PHE B 139 -33.59 42.19 16.69
C PHE B 139 -33.67 43.01 17.94
N PHE B 140 -33.34 44.29 17.81
CA PHE B 140 -33.26 45.15 18.96
C PHE B 140 -34.35 46.18 18.97
N LEU B 141 -35.49 45.92 18.34
CA LEU B 141 -36.57 46.90 18.33
C LEU B 141 -37.89 46.25 18.61
N SER B 142 -38.08 45.07 18.04
CA SER B 142 -39.32 44.32 18.21
C SER B 142 -39.15 42.85 17.79
N PRO B 143 -38.40 42.07 18.58
CA PRO B 143 -38.34 40.64 18.24
C PRO B 143 -39.73 40.04 18.44
N LEU B 144 -40.13 39.03 17.68
CA LEU B 144 -41.49 38.49 17.84
C LEU B 144 -41.63 37.63 19.10
N PHE B 145 -40.57 36.91 19.46
CA PHE B 145 -40.67 35.77 20.40
C PHE B 145 -41.89 34.86 20.20
N ASP B 146 -42.13 34.44 18.96
CA ASP B 146 -43.25 33.58 18.59
C ASP B 146 -43.53 32.38 19.53
N GLU B 147 -44.76 32.23 20.03
CA GLU B 147 -45.01 31.19 21.08
C GLU B 147 -44.61 29.80 20.59
N SER B 148 -44.92 29.51 19.32
CA SER B 148 -44.62 28.20 18.78
C SER B 148 -43.14 28.04 18.39
N ALA B 149 -42.42 29.14 18.17
CA ALA B 149 -40.97 29.05 17.92
C ALA B 149 -40.19 28.84 19.22
N LYS B 150 -40.58 29.58 20.26
CA LYS B 150 -40.08 29.35 21.63
C LYS B 150 -40.19 27.88 22.02
N ASP B 151 -41.31 27.26 21.68
CA ASP B 151 -41.50 25.84 21.93
C ASP B 151 -40.58 24.87 21.18
N ARG B 152 -40.00 25.30 20.07
CA ARG B 152 -39.16 24.43 19.28
C ARG B 152 -37.70 24.61 19.67
N GLU B 153 -37.29 25.86 19.68
CA GLU B 153 -35.90 26.25 19.87
C GLU B 153 -35.38 25.96 21.31
N VAL B 154 -36.28 25.81 22.29
CA VAL B 154 -35.87 25.35 23.61
C VAL B 154 -35.09 24.00 23.49
N ASN B 155 -35.49 23.18 22.51
CA ASN B 155 -34.79 21.95 22.24
C ASN B 155 -33.40 22.14 21.69
N ALA B 156 -33.22 23.18 20.86
CA ALA B 156 -31.91 23.44 20.27
C ALA B 156 -30.97 23.76 21.39
N VAL B 157 -31.46 24.55 22.36
CA VAL B 157 -30.65 24.93 23.53
C VAL B 157 -30.33 23.66 24.28
N ASP B 158 -31.38 22.88 24.65
CA ASP B 158 -31.23 21.62 25.37
C ASP B 158 -30.23 20.68 24.73
N SER B 159 -30.27 20.59 23.41
CA SER B 159 -29.21 19.88 22.67
C SER B 159 -27.80 20.44 22.92
N GLU B 160 -27.68 21.77 22.88
CA GLU B 160 -26.42 22.47 23.10
C GLU B 160 -25.90 22.01 24.47
N HIS B 161 -26.78 21.92 25.46
CA HIS B 161 -26.35 21.57 26.77
C HIS B 161 -25.89 20.14 26.81
N GLU B 162 -26.70 19.19 26.29
CA GLU B 162 -26.31 17.74 26.22
C GLU B 162 -24.94 17.48 25.60
N LYS B 163 -24.67 18.10 24.45
CA LYS B 163 -23.34 18.11 23.86
C LYS B 163 -22.25 18.38 24.94
N ASN B 164 -22.45 19.42 25.76
CA ASN B 164 -21.46 19.84 26.75
C ASN B 164 -21.48 19.00 27.99
N VAL B 165 -22.54 18.24 28.23
CA VAL B 165 -22.66 17.50 29.51
C VAL B 165 -21.44 16.59 29.80
N MET B 166 -21.00 15.91 28.75
CA MET B 166 -19.84 15.01 28.85
C MET B 166 -18.50 15.61 28.32
N ASN B 167 -18.46 16.91 27.96
CA ASN B 167 -17.19 17.59 27.75
C ASN B 167 -16.55 17.97 29.10
N ASP B 168 -15.29 17.58 29.31
CA ASP B 168 -14.64 17.83 30.60
C ASP B 168 -14.37 19.30 30.94
N ALA B 169 -14.10 20.13 29.93
CA ALA B 169 -13.91 21.56 30.10
C ALA B 169 -15.10 22.24 30.77
N TRP B 170 -16.33 21.91 30.36
CA TRP B 170 -17.56 22.48 30.94
C TRP B 170 -17.87 21.89 32.29
N ARG B 171 -17.73 20.59 32.40
CA ARG B 171 -17.90 19.96 33.70
C ARG B 171 -17.17 20.77 34.78
N LEU B 172 -15.89 21.05 34.51
CA LEU B 172 -14.99 21.89 35.31
C LEU B 172 -15.40 23.38 35.45
N PHE B 173 -15.76 23.97 34.32
CA PHE B 173 -16.21 25.33 34.24
C PHE B 173 -17.35 25.50 35.22
N GLN B 174 -18.32 24.58 35.19
CA GLN B 174 -19.48 24.74 36.05
C GLN B 174 -19.13 24.34 37.44
N LEU B 175 -18.21 23.39 37.58
CA LEU B 175 -17.79 22.96 38.91
C LEU B 175 -17.23 24.12 39.74
N GLU B 176 -16.33 24.91 39.14
CA GLU B 176 -15.85 26.13 39.81
C GLU B 176 -17.04 27.03 40.25
N LYS B 177 -17.99 27.30 39.35
CA LYS B 177 -19.14 28.08 39.72
C LYS B 177 -19.91 27.51 40.94
N ALA B 178 -19.91 26.18 41.09
CA ALA B 178 -20.75 25.53 42.10
C ALA B 178 -20.04 25.31 43.43
N THR B 179 -18.79 25.76 43.53
CA THR B 179 -18.02 25.58 44.77
C THR B 179 -17.67 26.90 45.45
N GLY B 180 -18.07 28.01 44.84
CA GLY B 180 -17.99 29.30 45.50
C GLY B 180 -19.33 29.59 46.11
N ASN B 181 -19.47 30.81 46.63
CA ASN B 181 -20.69 31.33 47.22
C ASN B 181 -21.97 31.02 46.38
N PRO B 182 -22.95 30.28 46.94
CA PRO B 182 -24.15 30.04 46.14
C PRO B 182 -24.97 31.30 45.90
N LYS B 183 -24.97 32.23 46.84
CA LYS B 183 -25.82 33.44 46.70
C LYS B 183 -25.26 34.43 45.68
N HIS B 184 -24.06 34.16 45.18
CA HIS B 184 -23.41 34.97 44.16
C HIS B 184 -23.88 34.61 42.75
N PRO B 185 -24.25 35.61 41.95
CA PRO B 185 -24.69 35.28 40.60
C PRO B 185 -23.61 34.58 39.73
N PHE B 186 -22.44 34.30 40.27
CA PHE B 186 -21.42 33.64 39.50
C PHE B 186 -21.77 32.18 39.38
N SER B 187 -22.45 31.70 40.41
CA SER B 187 -22.80 30.30 40.55
C SER B 187 -23.95 29.88 39.66
N LYS B 188 -24.31 30.72 38.70
CA LYS B 188 -25.53 30.52 37.92
C LYS B 188 -25.28 29.54 36.80
N PHE B 189 -26.29 28.76 36.44
CA PHE B 189 -26.19 27.93 35.23
C PHE B 189 -26.39 28.83 34.01
N GLY B 190 -25.40 28.87 33.13
CA GLY B 190 -25.41 29.75 31.97
C GLY B 190 -26.13 29.22 30.74
N THR B 191 -25.89 27.97 30.40
CA THR B 191 -26.43 27.41 29.17
C THR B 191 -27.94 27.30 29.21
N GLY B 192 -28.52 26.86 30.33
CA GLY B 192 -29.95 26.56 30.41
C GLY B 192 -30.28 25.28 29.67
N ASN B 193 -31.50 24.78 29.85
CA ASN B 193 -31.99 23.59 29.16
C ASN B 193 -33.49 23.41 29.32
N LYS B 194 -34.01 22.30 28.78
CA LYS B 194 -35.43 21.95 28.79
C LYS B 194 -36.06 22.15 30.17
N TYR B 195 -35.41 21.61 31.21
CA TYR B 195 -35.92 21.79 32.56
C TYR B 195 -35.89 23.26 33.00
N THR B 196 -34.76 23.95 32.83
CA THR B 196 -34.70 25.33 33.37
C THR B 196 -35.64 26.27 32.63
N LEU B 197 -35.73 26.07 31.31
CA LEU B 197 -36.36 26.97 30.36
C LEU B 197 -37.77 26.57 29.94
N GLU B 198 -38.19 25.34 30.20
CA GLU B 198 -39.58 24.96 29.86
C GLU B 198 -40.27 24.22 30.99
N THR B 199 -39.73 23.06 31.35
CA THR B 199 -40.37 22.17 32.32
C THR B 199 -40.62 22.83 33.68
N ARG B 200 -39.57 23.46 34.24
CA ARG B 200 -39.64 24.01 35.60
C ARG B 200 -40.45 25.32 35.63
N PRO B 201 -40.26 26.19 34.64
CA PRO B 201 -41.14 27.36 34.65
C PRO B 201 -42.63 27.02 34.48
N ASN B 202 -42.95 25.94 33.76
CA ASN B 202 -44.36 25.58 33.57
C ASN B 202 -44.98 25.12 34.84
N GLN B 203 -44.35 24.15 35.50
CA GLN B 203 -44.65 23.74 36.86
C GLN B 203 -44.71 24.93 37.81
N GLU B 204 -43.78 25.87 37.72
CA GLU B 204 -43.72 27.01 38.67
C GLU B 204 -44.75 28.05 38.37
N GLY B 205 -45.55 27.83 37.34
CA GLY B 205 -46.58 28.77 36.93
C GLY B 205 -46.11 30.03 36.18
N ILE B 206 -44.82 30.13 35.87
CA ILE B 206 -44.32 31.23 35.03
C ILE B 206 -44.71 31.07 33.53
N ASP B 207 -44.72 32.19 32.79
CA ASP B 207 -44.88 32.18 31.31
C ASP B 207 -43.61 32.69 30.65
N VAL B 208 -42.93 31.78 29.96
CA VAL B 208 -41.58 32.05 29.50
C VAL B 208 -41.49 33.16 28.43
N ARG B 209 -42.34 33.11 27.43
CA ARG B 209 -42.34 34.14 26.40
C ARG B 209 -42.39 35.55 26.96
N GLN B 210 -43.20 35.74 28.00
CA GLN B 210 -43.28 37.01 28.68
C GLN B 210 -41.94 37.37 29.28
N GLU B 211 -41.35 36.40 29.96
CA GLU B 211 -40.13 36.68 30.68
C GLU B 211 -39.01 37.06 29.72
N LEU B 212 -38.98 36.40 28.56
CA LEU B 212 -38.17 36.88 27.45
C LEU B 212 -38.37 38.38 27.22
N LEU B 213 -39.55 38.73 26.73
CA LEU B 213 -40.00 40.11 26.57
C LEU B 213 -39.66 41.03 27.74
N LYS B 214 -40.04 40.70 29.02
CA LYS B 214 -39.56 41.54 30.16
C LYS B 214 -38.06 41.70 30.06
N PHE B 215 -37.38 40.57 29.92
CA PHE B 215 -35.94 40.61 29.93
C PHE B 215 -35.45 41.52 28.82
N HIS B 216 -35.99 41.30 27.63
CA HIS B 216 -35.55 42.08 26.48
C HIS B 216 -35.83 43.58 26.74
N SER B 217 -37.07 43.82 27.15
CA SER B 217 -37.48 45.14 27.39
C SER B 217 -36.59 45.80 28.43
N ALA B 218 -36.27 45.06 29.49
CA ALA B 218 -35.56 45.60 30.65
C ALA B 218 -34.11 45.94 30.35
N TYR B 219 -33.45 45.04 29.62
CA TYR B 219 -31.99 45.06 29.50
C TYR B 219 -31.45 45.35 28.12
N TYR B 220 -32.25 45.21 27.08
CA TYR B 220 -31.76 45.49 25.77
C TYR B 220 -31.96 46.96 25.53
N SER B 221 -31.29 47.75 26.34
CA SER B 221 -31.38 49.18 26.26
C SER B 221 -30.20 49.68 25.50
N SER B 222 -30.42 50.76 24.76
CA SER B 222 -29.37 51.41 24.00
C SER B 222 -28.19 51.93 24.80
N ASN B 223 -28.36 52.26 26.07
CA ASN B 223 -27.26 52.83 26.82
C ASN B 223 -26.23 51.76 27.10
N LEU B 224 -26.66 50.52 26.94
CA LEU B 224 -25.88 49.30 27.15
C LEU B 224 -25.40 48.62 25.85
N MET B 225 -25.55 49.28 24.71
CA MET B 225 -25.11 48.71 23.42
C MET B 225 -23.91 49.44 22.79
N ALA B 226 -23.14 48.66 22.03
CA ALA B 226 -22.06 49.15 21.19
C ALA B 226 -22.23 48.48 19.84
N VAL B 227 -22.00 49.22 18.78
CA VAL B 227 -22.22 48.70 17.44
C VAL B 227 -21.01 48.99 16.58
N VAL B 228 -20.60 48.02 15.78
CA VAL B 228 -19.57 48.24 14.76
C VAL B 228 -20.09 47.81 13.41
N VAL B 229 -19.92 48.73 12.45
CA VAL B 229 -20.39 48.51 11.08
C VAL B 229 -19.25 48.79 10.10
N LEU B 230 -18.84 47.77 9.35
CA LEU B 230 -17.77 47.88 8.37
C LEU B 230 -18.31 47.68 6.96
N GLY B 231 -17.98 48.61 6.08
CA GLY B 231 -18.27 48.39 4.67
C GLY B 231 -17.39 49.18 3.73
N ARG B 232 -17.70 49.02 2.44
CA ARG B 232 -17.15 49.84 1.38
C ARG B 232 -17.63 51.28 1.37
N GLU B 233 -18.87 51.52 1.75
CA GLU B 233 -19.39 52.89 1.89
C GLU B 233 -18.39 53.88 2.53
N SER B 234 -18.45 55.15 2.12
CA SER B 234 -17.69 56.21 2.80
C SER B 234 -18.03 56.29 4.29
N LEU B 235 -17.18 56.95 5.10
CA LEU B 235 -17.49 57.16 6.51
C LEU B 235 -18.79 57.95 6.69
N ASP B 236 -18.98 59.00 5.88
CA ASP B 236 -20.22 59.79 5.89
C ASP B 236 -21.48 58.96 5.60
N ASP B 237 -21.42 58.03 4.65
CA ASP B 237 -22.60 57.23 4.32
C ASP B 237 -22.98 56.19 5.36
N LEU B 238 -21.96 55.47 5.85
CA LEU B 238 -22.11 54.55 6.99
C LEU B 238 -22.62 55.28 8.20
N THR B 239 -22.25 56.55 8.37
CA THR B 239 -22.93 57.36 9.36
C THR B 239 -24.47 57.44 9.17
N ASN B 240 -24.97 58.08 8.11
CA ASN B 240 -26.45 58.20 7.98
C ASN B 240 -27.18 56.86 8.05
N LEU B 241 -26.47 55.80 7.63
CA LEU B 241 -27.02 54.44 7.61
C LEU B 241 -27.17 53.86 9.00
N VAL B 242 -26.17 54.06 9.87
CA VAL B 242 -26.29 53.63 11.27
C VAL B 242 -27.34 54.48 11.93
N VAL B 243 -27.26 55.78 11.73
CA VAL B 243 -28.18 56.70 12.40
C VAL B 243 -29.62 56.39 12.00
N LYS B 244 -29.82 56.08 10.74
CA LYS B 244 -31.16 55.82 10.28
C LYS B 244 -31.67 54.58 10.99
N LEU B 245 -30.80 53.58 11.18
CA LEU B 245 -31.29 52.29 11.65
C LEU B 245 -31.31 52.10 13.16
N PHE B 246 -30.36 52.71 13.85
CA PHE B 246 -30.20 52.47 15.28
C PHE B 246 -30.68 53.61 16.20
N SER B 247 -31.02 54.76 15.62
CA SER B 247 -31.52 55.89 16.38
C SER B 247 -32.75 55.51 17.14
N GLU B 248 -33.54 54.60 16.59
CA GLU B 248 -34.80 54.24 17.22
C GLU B 248 -34.66 53.37 18.48
N VAL B 249 -33.60 52.57 18.65
CA VAL B 249 -33.46 51.74 19.88
C VAL B 249 -33.70 52.58 21.12
N GLU B 250 -34.53 52.09 22.03
CA GLU B 250 -34.89 52.89 23.24
C GLU B 250 -33.74 53.00 24.22
N ASN B 251 -33.66 54.10 24.96
CA ASN B 251 -32.72 54.17 26.07
C ASN B 251 -33.47 53.99 27.41
N LYS B 252 -33.42 52.79 27.97
CA LYS B 252 -34.15 52.52 29.20
C LYS B 252 -33.34 53.00 30.37
N ASN B 253 -32.08 53.31 30.09
CA ASN B 253 -31.19 53.80 31.12
C ASN B 253 -30.68 52.82 32.11
N VAL B 254 -30.61 51.57 31.72
CA VAL B 254 -30.25 50.53 32.67
C VAL B 254 -28.89 50.84 33.31
N PRO B 255 -28.82 50.72 34.64
CA PRO B 255 -27.55 50.72 35.39
C PRO B 255 -26.74 49.47 35.04
N LEU B 256 -25.46 49.66 34.76
CA LEU B 256 -24.60 48.58 34.32
C LEU B 256 -24.13 47.76 35.52
N PRO B 257 -24.47 46.45 35.57
CA PRO B 257 -24.18 45.58 36.75
C PRO B 257 -22.71 45.55 37.24
N GLU B 258 -22.45 45.77 38.52
CA GLU B 258 -21.11 45.57 39.09
C GLU B 258 -21.22 44.36 40.04
N PHE B 259 -20.24 43.47 40.09
CA PHE B 259 -20.17 42.39 41.10
C PHE B 259 -18.92 42.58 41.91
N PRO B 260 -18.97 43.44 42.96
CA PRO B 260 -17.75 43.94 43.58
C PRO B 260 -17.24 42.93 44.62
N GLU B 261 -18.16 42.14 45.16
CA GLU B 261 -17.78 41.13 46.10
C GLU B 261 -17.37 39.85 45.40
N HIS B 262 -16.16 39.37 45.69
CA HIS B 262 -15.66 38.18 45.03
C HIS B 262 -16.48 36.94 45.41
N PRO B 263 -16.81 36.07 44.43
CA PRO B 263 -17.53 34.83 44.70
C PRO B 263 -16.77 33.84 45.56
N PHE B 264 -15.47 34.00 45.69
CA PHE B 264 -14.73 33.18 46.63
C PHE B 264 -14.44 33.91 47.92
N GLN B 265 -15.13 33.55 49.00
CA GLN B 265 -14.97 34.27 50.27
C GLN B 265 -13.93 33.58 51.13
N GLU B 266 -13.84 34.03 52.40
CA GLU B 266 -12.98 33.40 53.40
C GLU B 266 -13.01 31.88 53.31
N GLU B 267 -14.21 31.31 53.48
CA GLU B 267 -14.38 29.86 53.57
C GLU B 267 -14.16 29.10 52.26
N HIS B 268 -14.17 29.81 51.15
CA HIS B 268 -13.99 29.16 49.87
C HIS B 268 -12.51 28.98 49.53
N LEU B 269 -11.64 29.30 50.49
CA LEU B 269 -10.20 29.32 50.25
C LEU B 269 -9.52 28.28 51.11
N LYS B 270 -8.29 27.92 50.72
CA LYS B 270 -7.56 26.75 51.26
C LYS B 270 -8.45 25.51 51.14
N GLN B 271 -9.00 25.25 49.95
CA GLN B 271 -9.84 24.10 49.68
C GLN B 271 -9.21 23.32 48.57
N LEU B 272 -9.25 21.99 48.68
CA LEU B 272 -8.73 21.07 47.69
C LEU B 272 -9.91 20.27 47.17
N TYR B 273 -10.01 20.15 45.85
CA TYR B 273 -11.11 19.44 45.17
C TYR B 273 -10.59 18.23 44.43
N LYS B 274 -11.26 17.10 44.58
CA LYS B 274 -10.88 15.91 43.84
C LYS B 274 -11.99 15.56 42.90
N ILE B 275 -11.64 15.41 41.63
CA ILE B 275 -12.65 15.39 40.56
C ILE B 275 -12.43 14.27 39.56
N VAL B 276 -13.50 13.54 39.27
CA VAL B 276 -13.44 12.47 38.27
C VAL B 276 -13.74 13.04 36.85
N PRO B 277 -12.80 12.85 35.92
CA PRO B 277 -13.05 13.32 34.57
C PRO B 277 -13.76 12.25 33.79
N ILE B 278 -14.21 12.55 32.57
CA ILE B 278 -14.74 11.54 31.63
C ILE B 278 -13.61 10.95 30.84
N LYS B 279 -12.92 11.80 30.07
CA LYS B 279 -11.64 11.42 29.46
C LYS B 279 -10.62 10.93 30.54
N ASP B 280 -9.58 10.20 30.12
CA ASP B 280 -8.49 9.82 31.05
C ASP B 280 -7.44 10.95 31.11
N ILE B 281 -7.75 12.00 31.88
CA ILE B 281 -6.88 13.18 31.96
C ILE B 281 -6.40 13.35 33.38
N ARG B 282 -5.14 13.76 33.57
CA ARG B 282 -4.62 14.19 34.89
C ARG B 282 -4.36 15.68 34.82
N ASN B 283 -4.82 16.43 35.81
CA ASN B 283 -4.70 17.89 35.74
C ASN B 283 -4.77 18.55 37.08
N LEU B 284 -4.02 19.62 37.23
CA LEU B 284 -4.01 20.32 38.50
C LEU B 284 -4.41 21.77 38.25
N TYR B 285 -5.40 22.27 38.97
CA TYR B 285 -5.81 23.63 38.74
C TYR B 285 -5.58 24.42 40.00
N VAL B 286 -4.44 25.11 40.06
CA VAL B 286 -4.23 26.08 41.14
C VAL B 286 -4.92 27.38 40.74
N THR B 287 -5.57 28.04 41.68
CA THR B 287 -6.34 29.22 41.31
C THR B 287 -6.39 30.18 42.50
N PHE B 288 -6.15 31.48 42.29
CA PHE B 288 -6.23 32.47 43.37
C PHE B 288 -7.21 33.54 42.98
N PRO B 289 -8.03 34.02 43.93
CA PRO B 289 -8.96 35.07 43.61
C PRO B 289 -8.31 36.46 43.72
N ILE B 290 -8.66 37.37 42.84
CA ILE B 290 -8.04 38.71 42.84
C ILE B 290 -9.08 39.81 42.52
N PRO B 291 -8.76 41.09 42.84
CA PRO B 291 -9.67 42.18 42.46
C PRO B 291 -9.70 42.40 40.94
N ASP B 292 -10.68 43.16 40.45
CA ASP B 292 -10.80 43.29 39.02
C ASP B 292 -9.75 44.19 38.36
N LEU B 293 -8.70 43.56 37.83
CA LEU B 293 -7.56 44.30 37.27
C LEU B 293 -7.86 45.09 35.99
N GLN B 294 -9.08 44.98 35.45
CA GLN B 294 -9.38 45.64 34.19
C GLN B 294 -9.03 47.14 34.19
N LYS B 295 -9.44 47.87 35.22
CA LYS B 295 -9.12 49.32 35.29
C LYS B 295 -7.62 49.70 35.16
N TYR B 296 -6.73 48.77 35.49
CA TYR B 296 -5.29 48.96 35.24
C TYR B 296 -4.87 48.38 33.92
N TYR B 297 -5.66 48.56 32.87
CA TYR B 297 -5.33 47.97 31.58
C TYR B 297 -4.08 48.64 31.04
N LYS B 298 -3.91 49.91 31.38
CA LYS B 298 -2.80 50.72 30.86
C LYS B 298 -1.47 50.13 31.30
N SER B 299 -1.35 49.72 32.56
CA SER B 299 -0.12 49.10 33.09
C SER B 299 -0.07 47.56 33.05
N ASN B 300 -1.23 46.96 33.24
CA ASN B 300 -1.45 45.52 33.08
C ASN B 300 -0.59 44.67 33.99
N PRO B 301 -0.90 44.67 35.28
CA PRO B 301 0.03 43.90 36.05
C PRO B 301 -0.17 42.39 35.85
N GLY B 302 -1.39 41.96 35.57
CA GLY B 302 -1.71 40.53 35.54
C GLY B 302 -0.96 39.84 34.44
N HIS B 303 -0.94 40.50 33.27
CA HIS B 303 -0.26 40.02 32.10
C HIS B 303 1.23 39.89 32.36
N TYR B 304 1.82 40.90 33.03
CA TYR B 304 3.24 40.87 33.40
C TYR B 304 3.55 39.62 34.22
N LEU B 305 2.72 39.35 35.22
CA LEU B 305 2.94 38.18 36.06
C LEU B 305 2.58 36.91 35.36
N GLY B 306 1.70 37.00 34.37
CA GLY B 306 1.36 35.84 33.57
C GLY B 306 2.54 35.52 32.68
N HIS B 307 3.08 36.55 32.06
CA HIS B 307 4.25 36.37 31.20
C HIS B 307 5.34 35.61 31.95
N LEU B 308 5.61 36.00 33.20
CA LEU B 308 6.65 35.35 33.93
C LEU B 308 6.28 33.91 34.38
N ILE B 309 5.20 33.75 35.16
CA ILE B 309 4.78 32.45 35.62
C ILE B 309 4.49 31.49 34.47
N GLY B 310 4.14 32.05 33.31
CA GLY B 310 3.72 31.25 32.18
C GLY B 310 4.89 30.78 31.36
N HIS B 311 6.03 31.42 31.55
CA HIS B 311 7.14 31.27 30.62
C HIS B 311 7.65 29.85 30.54
N GLU B 312 8.11 29.49 29.35
CA GLU B 312 8.57 28.12 29.09
C GLU B 312 10.07 28.02 28.72
N GLY B 313 10.79 29.12 28.96
CA GLY B 313 12.22 29.20 28.63
C GLY B 313 13.07 28.68 29.78
N PRO B 314 14.40 28.53 29.54
CA PRO B 314 15.30 28.05 30.59
C PRO B 314 15.07 28.82 31.89
N GLY B 315 14.95 28.10 32.99
CA GLY B 315 14.93 28.71 34.29
C GLY B 315 13.52 28.85 34.76
N SER B 316 12.56 28.61 33.87
CA SER B 316 11.15 28.74 34.25
C SER B 316 10.64 27.66 35.19
N LEU B 317 9.54 27.96 35.85
CA LEU B 317 8.76 26.96 36.58
C LEU B 317 8.45 25.72 35.73
N LEU B 318 7.96 25.94 34.52
CA LEU B 318 7.58 24.85 33.67
C LEU B 318 8.75 23.94 33.53
N SER B 319 9.93 24.52 33.35
CA SER B 319 11.16 23.75 33.08
C SER B 319 11.50 22.83 34.20
N GLU B 320 11.58 23.37 35.42
CA GLU B 320 11.89 22.52 36.57
C GLU B 320 10.83 21.45 36.71
N LEU B 321 9.55 21.81 36.69
CA LEU B 321 8.51 20.79 36.85
C LEU B 321 8.59 19.70 35.77
N LYS B 322 8.85 20.12 34.54
CA LYS B 322 9.03 19.23 33.38
C LYS B 322 10.24 18.32 33.56
N SER B 323 11.33 18.90 34.04
CA SER B 323 12.57 18.18 34.25
C SER B 323 12.48 17.18 35.37
N LYS B 324 11.60 17.39 36.33
CA LYS B 324 11.42 16.38 37.39
C LYS B 324 10.43 15.29 36.96
N GLY B 325 9.97 15.34 35.69
CA GLY B 325 8.94 14.43 35.19
C GLY B 325 7.57 14.52 35.88
N TRP B 326 7.18 15.73 36.24
CA TRP B 326 5.95 15.94 36.98
C TRP B 326 4.86 16.53 36.09
N VAL B 327 5.26 17.39 35.15
CA VAL B 327 4.28 18.00 34.27
C VAL B 327 4.80 18.05 32.82
N ASN B 328 3.89 18.28 31.86
CA ASN B 328 4.25 18.48 30.46
C ASN B 328 3.99 19.91 30.03
N THR B 329 2.79 20.39 30.33
CA THR B 329 2.35 21.69 29.89
C THR B 329 1.90 22.47 31.14
N LEU B 330 2.00 23.80 31.06
CA LEU B 330 1.57 24.71 32.11
C LEU B 330 0.90 25.91 31.44
N VAL B 331 -0.26 26.37 31.90
CA VAL B 331 -0.69 27.72 31.52
C VAL B 331 -0.90 28.50 32.79
N GLY B 332 -0.71 29.82 32.70
CA GLY B 332 -0.84 30.64 33.91
C GLY B 332 -1.01 32.08 33.57
N GLY B 333 -1.67 32.84 34.42
CA GLY B 333 -1.95 34.22 34.09
C GLY B 333 -3.31 34.59 34.65
N GLN B 334 -3.84 35.75 34.23
CA GLN B 334 -5.10 36.24 34.77
C GLN B 334 -6.22 35.67 33.96
N LYS B 335 -7.33 35.34 34.59
CA LYS B 335 -8.45 34.74 33.93
C LYS B 335 -9.55 35.74 34.15
N GLU B 336 -10.36 35.99 33.13
CA GLU B 336 -11.44 36.95 33.18
C GLU B 336 -12.60 36.57 34.09
N GLY B 337 -13.16 37.50 34.86
CA GLY B 337 -14.28 37.11 35.74
C GLY B 337 -15.58 37.82 35.43
N ALA B 338 -15.65 39.07 35.90
CA ALA B 338 -16.69 40.06 35.58
C ALA B 338 -16.24 41.40 36.11
N ARG B 339 -17.11 42.39 36.01
CA ARG B 339 -16.74 43.72 36.43
C ARG B 339 -16.71 43.68 37.94
N GLY B 340 -15.53 43.50 38.53
CA GLY B 340 -15.42 43.48 39.99
C GLY B 340 -14.69 42.30 40.57
N PHE B 341 -14.40 41.28 39.77
CA PHE B 341 -13.61 40.13 40.23
C PHE B 341 -12.94 39.34 39.10
N MET B 342 -11.69 38.96 39.35
CA MET B 342 -10.90 38.15 38.44
C MET B 342 -10.19 37.00 39.19
N PHE B 343 -9.42 36.23 38.42
CA PHE B 343 -8.73 35.06 38.92
C PHE B 343 -7.35 35.13 38.37
N PHE B 344 -6.44 34.51 39.08
CA PHE B 344 -5.14 34.26 38.55
C PHE B 344 -5.03 32.77 38.67
N ILE B 345 -4.55 32.14 37.61
CA ILE B 345 -4.48 30.71 37.62
C ILE B 345 -3.10 30.23 37.27
N ILE B 346 -2.79 29.02 37.70
CA ILE B 346 -1.66 28.27 37.19
C ILE B 346 -2.21 26.86 37.08
N ASN B 347 -2.39 26.40 35.85
CA ASN B 347 -2.77 25.00 35.66
C ASN B 347 -1.64 24.28 35.01
N VAL B 348 -1.45 23.02 35.36
CA VAL B 348 -0.58 22.15 34.61
C VAL B 348 -1.37 20.86 34.31
N ASP B 349 -0.86 20.04 33.40
CA ASP B 349 -1.29 18.66 33.37
C ASP B 349 -0.29 17.78 34.10
N LEU B 350 -0.77 16.73 34.72
CA LEU B 350 0.07 15.88 35.50
C LEU B 350 0.52 14.67 34.71
N THR B 351 1.75 14.22 34.97
CA THR B 351 2.20 12.87 34.62
C THR B 351 1.73 11.90 35.69
N GLU B 352 2.09 10.63 35.54
CA GLU B 352 1.76 9.60 36.53
C GLU B 352 2.46 9.90 37.84
N GLU B 353 3.77 10.10 37.73
CA GLU B 353 4.62 10.46 38.84
C GLU B 353 4.16 11.82 39.46
N GLY B 354 3.88 12.83 38.63
CA GLY B 354 3.36 14.10 39.12
C GLY B 354 2.06 14.02 39.93
N LEU B 355 1.18 13.08 39.61
CA LEU B 355 -0.06 12.89 40.37
C LEU B 355 0.25 12.48 41.81
N LEU B 356 1.29 11.67 41.96
CA LEU B 356 1.82 11.32 43.29
C LEU B 356 2.53 12.45 44.05
N HIS B 357 2.69 13.61 43.47
CA HIS B 357 3.54 14.62 44.07
C HIS B 357 2.89 15.95 43.94
N VAL B 358 1.57 16.01 44.16
CA VAL B 358 0.85 17.27 43.98
C VAL B 358 1.31 18.35 44.98
N GLU B 359 1.38 17.97 46.25
CA GLU B 359 1.88 18.86 47.28
C GLU B 359 3.23 19.48 46.88
N ASP B 360 4.14 18.66 46.35
CA ASP B 360 5.44 19.15 45.90
C ASP B 360 5.33 20.17 44.77
N ILE B 361 4.64 19.77 43.71
CA ILE B 361 4.54 20.61 42.51
C ILE B 361 4.15 22.00 42.94
N ILE B 362 3.14 22.06 43.82
CA ILE B 362 2.61 23.32 44.34
C ILE B 362 3.63 24.11 45.19
N LEU B 363 4.39 23.41 46.03
CA LEU B 363 5.50 24.05 46.73
C LEU B 363 6.38 24.76 45.71
N HIS B 364 6.85 24.05 44.70
CA HIS B 364 7.54 24.68 43.58
C HIS B 364 6.82 25.90 42.98
N MET B 365 5.49 25.89 42.94
CA MET B 365 4.81 27.01 42.36
C MET B 365 5.02 28.20 43.25
N PHE B 366 4.96 27.96 44.55
CA PHE B 366 5.20 29.02 45.49
C PHE B 366 6.67 29.46 45.57
N GLN B 367 7.59 28.56 45.28
CA GLN B 367 8.99 28.92 45.25
C GLN B 367 9.25 29.86 44.08
N TYR B 368 8.56 29.68 42.96
CA TYR B 368 8.76 30.58 41.83
C TYR B 368 8.23 31.92 42.25
N ILE B 369 7.04 31.90 42.84
CA ILE B 369 6.42 33.15 43.17
C ILE B 369 7.31 33.87 44.14
N GLN B 370 7.91 33.13 45.09
CA GLN B 370 8.80 33.74 46.04
C GLN B 370 10.05 34.40 45.38
N LYS B 371 10.65 33.71 44.41
CA LYS B 371 11.70 34.30 43.58
C LYS B 371 11.29 35.65 43.02
N LEU B 372 10.06 35.78 42.57
CA LEU B 372 9.68 36.98 41.88
C LEU B 372 9.63 38.05 42.94
N ARG B 373 9.00 37.73 44.08
CA ARG B 373 8.97 38.67 45.21
C ARG B 373 10.37 39.10 45.59
N ALA B 374 11.31 38.15 45.68
CA ALA B 374 12.69 38.45 46.07
C ALA B 374 13.46 39.40 45.16
N GLU B 375 13.14 39.39 43.86
CA GLU B 375 13.86 40.21 42.87
C GLU B 375 13.11 41.51 42.61
N GLY B 376 11.80 41.49 42.86
CA GLY B 376 10.91 42.63 42.58
C GLY B 376 10.83 42.99 41.09
N PRO B 377 9.73 43.62 40.70
CA PRO B 377 9.34 44.05 39.37
C PRO B 377 10.49 44.41 38.40
N GLN B 378 10.64 43.63 37.35
CA GLN B 378 11.71 43.85 36.36
C GLN B 378 11.29 44.77 35.19
N GLU B 379 11.87 45.98 35.16
CA GLU B 379 11.45 46.97 34.18
C GLU B 379 11.83 46.57 32.78
N TRP B 380 12.95 45.91 32.60
CA TRP B 380 13.35 45.58 31.25
C TRP B 380 12.35 44.56 30.69
N VAL B 381 11.91 43.64 31.54
CA VAL B 381 10.94 42.65 31.14
C VAL B 381 9.65 43.32 30.64
N PHE B 382 9.18 44.32 31.36
CA PHE B 382 8.02 45.08 30.94
C PHE B 382 8.31 45.84 29.65
N GLN B 383 9.45 46.53 29.57
CA GLN B 383 9.83 47.23 28.34
C GLN B 383 9.81 46.27 27.18
N GLU B 384 10.39 45.08 27.36
CA GLU B 384 10.42 44.10 26.30
C GLU B 384 9.02 43.78 25.82
N LEU B 385 8.13 43.46 26.76
CA LEU B 385 6.72 43.21 26.47
C LEU B 385 6.05 44.35 25.74
N LYS B 386 6.27 45.58 26.18
CA LYS B 386 5.80 46.77 25.43
C LYS B 386 6.26 46.82 23.94
N ASP B 387 7.55 46.65 23.66
CA ASP B 387 8.07 46.77 22.30
C ASP B 387 7.64 45.67 21.38
N LEU B 388 7.52 44.47 21.94
CA LEU B 388 6.94 43.35 21.24
C LEU B 388 5.53 43.67 20.81
N ASN B 389 4.72 44.19 21.73
CA ASN B 389 3.35 44.56 21.42
C ASN B 389 3.31 45.64 20.40
N ALA B 390 4.04 46.71 20.63
CA ALA B 390 4.19 47.78 19.62
C ALA B 390 4.43 47.27 18.18
N VAL B 391 5.26 46.23 18.04
CA VAL B 391 5.60 45.67 16.71
C VAL B 391 4.50 44.78 16.23
N ALA B 392 4.07 43.86 17.08
CA ALA B 392 2.86 43.07 16.83
C ALA B 392 1.81 43.98 16.20
N PHE B 393 1.62 45.15 16.78
CA PHE B 393 0.56 46.03 16.37
C PHE B 393 0.89 46.78 15.08
N ARG B 394 2.15 47.20 14.93
CA ARG B 394 2.53 47.90 13.70
C ARG B 394 2.16 46.99 12.50
N PHE B 395 2.37 45.67 12.63
CA PHE B 395 2.33 44.74 11.51
C PHE B 395 1.30 43.67 11.78
N LYS B 396 0.15 44.11 12.31
CA LYS B 396 -0.99 43.24 12.64
C LYS B 396 -1.51 42.73 11.29
N ASP B 397 -2.02 41.52 11.25
CA ASP B 397 -2.55 40.98 9.99
C ASP B 397 -3.93 41.59 9.81
N LYS B 398 -4.35 41.85 8.57
CA LYS B 398 -5.72 42.28 8.33
C LYS B 398 -6.78 41.21 8.76
N GLU B 399 -7.77 41.60 9.57
CA GLU B 399 -8.70 40.63 10.09
C GLU B 399 -9.83 40.29 9.10
N ARG B 400 -10.47 39.14 9.30
CA ARG B 400 -11.73 38.84 8.61
C ARG B 400 -12.78 39.78 9.22
N PRO B 401 -13.53 40.54 8.39
CA PRO B 401 -14.49 41.56 8.88
C PRO B 401 -15.43 41.09 10.01
N ARG B 402 -16.01 39.91 9.84
CA ARG B 402 -17.00 39.42 10.74
C ARG B 402 -16.46 39.25 12.16
N GLY B 403 -15.32 38.60 12.29
CA GLY B 403 -14.70 38.48 13.58
C GLY B 403 -14.26 39.84 14.08
N TYR B 404 -13.72 40.67 13.18
CA TYR B 404 -13.23 41.99 13.55
C TYR B 404 -14.35 42.78 14.20
N THR B 405 -15.50 42.91 13.53
CA THR B 405 -16.61 43.74 14.04
C THR B 405 -17.10 43.26 15.38
N SER B 406 -17.25 41.95 15.52
CA SER B 406 -17.66 41.37 16.78
C SER B 406 -16.73 41.64 17.94
N LYS B 407 -15.45 41.34 17.76
CA LYS B 407 -14.44 41.70 18.75
C LYS B 407 -14.54 43.19 19.16
N ILE B 408 -14.58 44.09 18.16
CA ILE B 408 -14.49 45.51 18.40
C ILE B 408 -15.75 45.94 19.12
N ALA B 409 -16.90 45.46 18.65
CA ALA B 409 -18.18 45.81 19.27
C ALA B 409 -18.14 45.42 20.74
N GLY B 410 -17.43 44.35 21.05
CA GLY B 410 -17.24 43.91 22.41
C GLY B 410 -16.41 44.86 23.25
N ILE B 411 -15.30 45.36 22.71
CA ILE B 411 -14.39 46.15 23.56
C ILE B 411 -14.65 47.65 23.59
N LEU B 412 -15.73 48.09 22.92
CA LEU B 412 -16.15 49.49 22.97
C LEU B 412 -16.73 49.84 24.31
N HIS B 413 -17.00 48.81 25.12
CA HIS B 413 -17.61 48.99 26.45
C HIS B 413 -16.59 49.33 27.50
N TYR B 414 -15.32 49.30 27.10
CA TYR B 414 -14.22 49.25 28.04
C TYR B 414 -13.21 50.33 27.77
N TYR B 415 -13.30 50.92 26.58
CA TYR B 415 -12.35 51.96 26.16
C TYR B 415 -13.06 53.08 25.40
N PRO B 416 -12.61 54.35 25.58
CA PRO B 416 -12.99 55.51 24.76
C PRO B 416 -12.94 55.20 23.26
N LEU B 417 -13.85 55.75 22.45
CA LEU B 417 -13.90 55.45 20.99
C LEU B 417 -12.53 55.50 20.35
N GLU B 418 -11.72 56.47 20.77
CA GLU B 418 -10.46 56.81 20.10
C GLU B 418 -9.36 55.76 20.38
N GLU B 419 -9.60 54.95 21.42
CA GLU B 419 -8.63 53.98 21.88
C GLU B 419 -8.96 52.51 21.63
N VAL B 420 -10.06 52.19 20.94
CA VAL B 420 -10.52 50.79 20.83
C VAL B 420 -9.57 49.90 20.06
N LEU B 421 -9.07 50.41 18.94
CA LEU B 421 -8.14 49.68 18.10
C LEU B 421 -6.84 49.33 18.83
N THR B 422 -6.26 50.32 19.50
CA THR B 422 -4.99 50.13 20.22
C THR B 422 -5.14 49.41 21.54
N ALA B 423 -6.33 49.48 22.11
CA ALA B 423 -6.48 49.20 23.53
C ALA B 423 -6.06 47.79 23.90
N GLU B 424 -6.59 46.74 23.28
CA GLU B 424 -6.11 45.48 23.83
C GLU B 424 -4.72 45.04 23.28
N TYR B 425 -4.01 45.97 22.67
CA TYR B 425 -2.68 45.70 22.17
C TYR B 425 -1.58 46.36 22.93
N LEU B 426 -1.66 47.66 23.17
CA LEU B 426 -0.47 48.35 23.67
C LEU B 426 -0.43 48.38 25.20
N LEU B 427 0.75 48.49 25.78
CA LEU B 427 0.91 48.64 27.22
C LEU B 427 1.59 49.95 27.35
N GLU B 428 1.38 50.64 28.45
CA GLU B 428 1.81 52.02 28.54
C GLU B 428 2.74 52.43 29.69
N GLU B 429 2.26 52.45 30.93
CA GLU B 429 3.17 52.76 32.05
C GLU B 429 3.48 51.48 32.82
N PHE B 430 4.75 51.34 33.21
CA PHE B 430 5.23 50.25 34.06
C PHE B 430 4.78 50.55 35.48
N ARG B 431 4.01 49.65 36.10
CA ARG B 431 3.52 50.03 37.41
C ARG B 431 3.89 49.08 38.52
N PRO B 432 5.09 49.24 39.10
CA PRO B 432 5.64 48.21 39.96
C PRO B 432 4.80 47.97 41.20
N ASP B 433 4.23 49.05 41.74
CA ASP B 433 3.39 49.00 42.93
C ASP B 433 2.16 48.10 42.72
N LEU B 434 1.71 47.99 41.47
CA LEU B 434 0.52 47.19 41.14
C LEU B 434 0.92 45.77 40.90
N ILE B 435 2.03 45.55 40.19
CA ILE B 435 2.60 44.22 40.06
C ILE B 435 2.71 43.70 41.48
N GLU B 436 3.18 44.56 42.38
CA GLU B 436 3.46 44.16 43.74
C GLU B 436 2.20 44.03 44.59
N MET B 437 1.08 44.57 44.15
CA MET B 437 -0.19 44.40 44.88
C MET B 437 -0.94 43.13 44.50
N VAL B 438 -0.66 42.65 43.29
CA VAL B 438 -1.26 41.45 42.70
C VAL B 438 -0.44 40.24 43.16
N LEU B 439 0.87 40.41 43.24
CA LEU B 439 1.78 39.31 43.54
C LEU B 439 1.55 38.92 44.97
N ASP B 440 1.42 39.95 45.78
CA ASP B 440 1.01 39.86 47.17
C ASP B 440 -0.36 39.18 47.34
N LYS B 441 -1.08 38.94 46.25
CA LYS B 441 -2.39 38.30 46.36
C LYS B 441 -2.26 36.79 46.14
N LEU B 442 -1.12 36.39 45.58
CA LEU B 442 -0.85 34.98 45.28
C LEU B 442 -0.08 34.33 46.42
N ARG B 443 -0.81 33.81 47.40
CA ARG B 443 -0.17 33.13 48.51
C ARG B 443 -1.02 31.96 49.03
N PRO B 444 -0.35 30.98 49.67
CA PRO B 444 -0.94 29.82 50.30
C PRO B 444 -2.31 30.09 50.93
N GLU B 445 -2.38 30.99 51.90
CA GLU B 445 -3.63 31.20 52.65
C GLU B 445 -4.84 31.63 51.83
N ASN B 446 -4.66 31.99 50.57
CA ASN B 446 -5.83 32.16 49.72
C ASN B 446 -5.84 31.40 48.38
N VAL B 447 -5.57 30.10 48.45
CA VAL B 447 -5.46 29.32 47.24
C VAL B 447 -6.53 28.28 47.25
N ARG B 448 -6.92 27.87 46.05
CA ARG B 448 -7.86 26.79 45.81
C ARG B 448 -7.16 25.84 44.90
N VAL B 449 -7.19 24.56 45.21
CA VAL B 449 -6.47 23.55 44.43
C VAL B 449 -7.45 22.51 43.92
N ALA B 450 -7.37 22.15 42.64
CA ALA B 450 -8.24 21.12 42.13
C ALA B 450 -7.43 20.07 41.39
N ILE B 451 -7.56 18.81 41.79
CA ILE B 451 -6.93 17.73 41.07
C ILE B 451 -7.96 16.92 40.27
N VAL B 452 -7.62 16.61 39.04
CA VAL B 452 -8.52 15.83 38.20
C VAL B 452 -7.83 14.53 37.75
N SER B 453 -8.45 13.38 38.07
CA SER B 453 -7.86 12.07 37.83
C SER B 453 -8.89 11.00 37.95
N LYS B 454 -8.80 10.00 37.05
CA LYS B 454 -9.58 8.76 37.10
C LYS B 454 -9.40 7.99 38.37
N SER B 455 -8.26 8.15 39.04
CA SER B 455 -8.02 7.41 40.26
C SER B 455 -8.85 7.93 41.42
N PHE B 456 -9.65 8.97 41.23
CA PHE B 456 -10.60 9.28 42.27
C PHE B 456 -11.93 8.57 42.09
N GLU B 457 -12.03 7.72 41.06
CA GLU B 457 -13.20 6.88 40.82
C GLU B 457 -13.59 6.16 42.11
N GLY B 458 -14.86 6.26 42.49
CA GLY B 458 -15.35 5.59 43.70
C GLY B 458 -15.09 6.26 45.04
N LYS B 459 -14.04 7.09 45.15
CA LYS B 459 -13.71 7.84 46.37
C LYS B 459 -14.39 9.22 46.54
N THR B 460 -15.37 9.54 45.71
CA THR B 460 -16.05 10.84 45.80
C THR B 460 -17.39 10.68 46.52
N ASP B 461 -17.88 11.76 47.14
CA ASP B 461 -19.14 11.71 47.84
C ASP B 461 -20.18 12.68 47.28
N ARG B 462 -19.71 13.74 46.61
CA ARG B 462 -20.59 14.82 46.07
C ARG B 462 -20.83 14.79 44.55
N THR B 463 -22.09 14.92 44.12
CA THR B 463 -22.39 15.03 42.70
C THR B 463 -22.79 16.46 42.41
N GLU B 464 -22.03 17.20 41.59
CA GLU B 464 -22.40 18.54 41.04
C GLU B 464 -23.70 18.50 40.27
N GLU B 465 -24.60 19.44 40.58
CA GLU B 465 -26.01 19.39 40.15
C GLU B 465 -26.27 19.29 38.64
N TRP B 466 -25.57 20.09 37.83
CA TRP B 466 -25.99 20.30 36.42
C TRP B 466 -25.37 19.39 35.42
N TYR B 467 -24.17 18.93 35.72
CA TYR B 467 -23.38 18.12 34.80
C TYR B 467 -23.27 16.72 35.36
N GLY B 468 -23.44 16.61 36.68
CA GLY B 468 -23.32 15.36 37.40
C GLY B 468 -21.92 15.01 37.83
N THR B 469 -20.99 15.93 37.67
CA THR B 469 -19.59 15.74 38.08
C THR B 469 -19.39 15.05 39.45
N GLN B 470 -18.58 13.99 39.50
CA GLN B 470 -18.29 13.28 40.76
C GLN B 470 -17.10 13.96 41.42
N TYR B 471 -17.27 14.51 42.62
CA TYR B 471 -16.15 15.16 43.27
C TYR B 471 -16.21 15.10 44.81
N LYS B 472 -15.14 15.56 45.44
CA LYS B 472 -14.99 15.55 46.87
C LYS B 472 -14.18 16.78 47.20
N GLN B 473 -14.38 17.34 48.39
CA GLN B 473 -13.78 18.59 48.78
C GLN B 473 -13.25 18.51 50.20
N GLU B 474 -11.99 18.91 50.38
CA GLU B 474 -11.37 18.86 51.70
C GLU B 474 -10.78 20.19 52.03
N ALA B 475 -10.57 20.44 53.31
CA ALA B 475 -9.80 21.58 53.73
C ALA B 475 -8.32 21.23 53.61
N ILE B 476 -7.52 22.09 53.02
CA ILE B 476 -6.11 21.78 52.93
C ILE B 476 -5.50 21.97 54.32
N PRO B 477 -4.94 20.89 54.92
CA PRO B 477 -4.49 20.96 56.33
C PRO B 477 -3.43 22.03 56.60
N ASP B 478 -3.50 22.64 57.78
CA ASP B 478 -2.69 23.81 58.09
C ASP B 478 -1.22 23.58 57.93
N GLU B 479 -0.77 22.41 58.38
CA GLU B 479 0.60 21.97 58.19
C GLU B 479 1.07 22.14 56.72
N VAL B 480 0.19 21.84 55.75
CA VAL B 480 0.52 21.97 54.32
C VAL B 480 0.58 23.44 53.87
N ILE B 481 -0.36 24.25 54.39
CA ILE B 481 -0.38 25.68 54.07
C ILE B 481 0.84 26.36 54.66
N LYS B 482 1.20 25.97 55.89
CA LYS B 482 2.37 26.55 56.56
C LYS B 482 3.64 26.21 55.81
N LYS B 483 3.74 24.95 55.37
CA LYS B 483 4.90 24.46 54.59
C LYS B 483 5.10 25.25 53.27
N TRP B 484 4.01 25.74 52.68
CA TRP B 484 4.03 26.49 51.41
C TRP B 484 4.40 27.97 51.65
N GLN B 485 4.00 28.53 52.79
CA GLN B 485 4.36 29.90 53.13
C GLN B 485 5.87 30.07 53.36
N ASN B 486 6.51 29.03 53.89
CA ASN B 486 7.96 29.04 54.15
C ASN B 486 8.78 28.73 52.91
N ALA B 487 8.09 28.55 51.79
CA ALA B 487 8.73 28.34 50.49
C ALA B 487 9.91 29.28 50.29
N ASP B 488 11.11 28.72 50.29
CA ASP B 488 12.27 29.52 50.00
C ASP B 488 12.59 29.51 48.51
N LEU B 489 13.58 30.32 48.15
CA LEU B 489 14.21 30.31 46.84
C LEU B 489 14.84 28.95 46.53
N ASN B 490 15.17 28.76 45.25
CA ASN B 490 15.54 27.49 44.66
C ASN B 490 16.35 27.95 43.41
N GLY B 491 17.65 27.62 43.40
CA GLY B 491 18.58 28.03 42.35
C GLY B 491 18.33 27.46 40.97
N LYS B 492 17.16 26.85 40.80
CA LYS B 492 16.74 26.26 39.52
C LYS B 492 15.85 27.28 38.80
N PHE B 493 15.34 28.20 39.59
CA PHE B 493 14.55 29.31 39.08
C PHE B 493 15.34 30.57 38.74
N LYS B 494 15.37 30.85 37.44
CA LYS B 494 15.83 32.12 36.91
C LYS B 494 14.70 32.93 36.26
N LEU B 495 14.91 34.25 36.25
CA LEU B 495 14.10 35.12 35.41
C LEU B 495 14.55 34.80 34.00
N PRO B 496 13.72 35.12 32.98
CA PRO B 496 14.07 34.84 31.57
C PRO B 496 15.23 35.69 31.12
N THR B 497 16.09 35.16 30.25
CA THR B 497 17.14 35.98 29.69
C THR B 497 16.55 36.93 28.62
N LYS B 498 17.34 37.87 28.10
CA LYS B 498 16.79 38.85 27.17
C LYS B 498 16.36 38.18 25.88
N ASN B 499 15.08 38.18 25.58
CA ASN B 499 14.56 37.51 24.39
C ASN B 499 15.40 37.79 23.17
N GLU B 500 16.07 36.75 22.69
CA GLU B 500 16.98 36.83 21.53
C GLU B 500 16.25 37.17 20.22
N PHE B 501 15.08 36.56 19.99
CA PHE B 501 14.47 36.54 18.65
C PHE B 501 13.63 37.74 18.21
N ILE B 502 13.64 38.81 19.02
CA ILE B 502 13.01 40.09 18.59
C ILE B 502 13.58 40.38 17.22
N PRO B 503 12.70 40.61 16.27
CA PRO B 503 13.17 40.91 14.94
C PRO B 503 13.44 42.41 14.83
N THR B 504 14.69 42.78 14.58
CA THR B 504 15.03 44.19 14.33
C THR B 504 14.71 44.62 12.88
N ASN B 505 15.11 43.84 11.88
CA ASN B 505 15.01 44.34 10.50
C ASN B 505 13.70 44.04 9.67
N PHE B 506 12.94 45.10 9.33
CA PHE B 506 11.59 44.98 8.77
C PHE B 506 11.49 45.49 7.38
N GLU B 507 12.62 45.63 6.72
CA GLU B 507 12.63 46.06 5.34
C GLU B 507 11.73 45.16 4.51
N ILE B 508 10.81 45.75 3.76
CA ILE B 508 10.11 45.05 2.68
C ILE B 508 10.97 45.12 1.40
N LEU B 509 11.42 43.98 0.86
CA LEU B 509 12.29 44.04 -0.33
C LEU B 509 11.42 44.39 -1.54
N PRO B 510 11.94 45.22 -2.46
CA PRO B 510 11.06 45.63 -3.57
C PRO B 510 10.69 44.47 -4.53
N LEU B 511 9.55 44.61 -5.20
CA LEU B 511 9.04 43.57 -6.09
C LEU B 511 10.04 43.26 -7.20
N GLU B 512 10.48 42.02 -7.34
CA GLU B 512 11.44 41.70 -8.40
C GLU B 512 10.90 41.90 -9.84
N LYS B 513 11.79 42.09 -10.84
CA LYS B 513 11.39 42.21 -12.26
C LYS B 513 10.65 40.94 -12.69
N GLU B 514 11.34 39.81 -12.55
CA GLU B 514 10.78 38.48 -12.86
C GLU B 514 9.76 37.97 -11.77
N ALA B 515 8.81 38.79 -11.34
CA ALA B 515 7.95 38.33 -10.23
C ALA B 515 6.55 37.97 -10.66
N THR B 516 6.07 36.82 -10.20
CA THR B 516 4.76 36.32 -10.62
C THR B 516 3.56 36.59 -9.69
N PRO B 517 2.33 36.51 -10.25
CA PRO B 517 1.09 36.61 -9.48
C PRO B 517 0.76 35.34 -8.68
N TYR B 518 1.16 34.19 -9.21
CA TYR B 518 0.96 32.91 -8.55
C TYR B 518 2.31 32.28 -8.25
N PRO B 519 2.32 31.19 -7.46
CA PRO B 519 3.63 30.63 -7.22
C PRO B 519 4.22 29.99 -8.46
N ALA B 520 5.45 30.36 -8.78
CA ALA B 520 6.25 29.62 -9.73
C ALA B 520 6.99 28.46 -9.07
N LEU B 521 7.10 27.38 -9.83
CA LEU B 521 8.00 26.28 -9.51
C LEU B 521 9.42 26.75 -9.90
N ILE B 522 10.37 26.70 -9.00
CA ILE B 522 11.64 27.33 -9.28
C ILE B 522 12.84 26.42 -8.97
N LYS B 523 12.57 25.24 -8.42
CA LYS B 523 13.56 24.19 -8.33
C LYS B 523 12.75 22.91 -8.51
N ASP B 524 13.23 22.02 -9.38
CA ASP B 524 12.53 20.76 -9.74
C ASP B 524 13.47 19.54 -9.78
N THR B 525 14.17 19.29 -8.68
CA THR B 525 15.12 18.21 -8.65
C THR B 525 14.52 16.96 -8.01
N ALA B 526 15.26 15.86 -8.11
CA ALA B 526 14.79 14.56 -7.63
C ALA B 526 14.58 14.57 -6.12
N MET B 527 15.15 15.60 -5.50
CA MET B 527 15.21 15.75 -4.06
C MET B 527 14.13 16.73 -3.57
N SER B 528 13.80 17.74 -4.39
CA SER B 528 12.85 18.76 -3.97
C SER B 528 12.23 19.59 -5.08
N LYS B 529 10.92 19.75 -5.00
CA LYS B 529 10.17 20.76 -5.77
C LYS B 529 9.91 22.00 -4.89
N LEU B 530 10.19 23.20 -5.42
CA LEU B 530 10.04 24.41 -4.63
C LEU B 530 9.11 25.38 -5.30
N TRP B 531 7.94 25.59 -4.71
CA TRP B 531 7.06 26.65 -5.15
C TRP B 531 7.36 27.96 -4.41
N PHE B 532 7.43 29.04 -5.17
CA PHE B 532 7.81 30.33 -4.61
C PHE B 532 6.92 31.44 -5.11
N LYS B 533 6.57 32.40 -4.24
CA LYS B 533 5.94 33.63 -4.69
C LYS B 533 6.28 34.83 -3.82
N GLN B 534 6.98 35.82 -4.36
CA GLN B 534 7.18 37.05 -3.59
C GLN B 534 5.82 37.75 -3.40
N ASP B 535 5.57 38.22 -2.17
CA ASP B 535 4.26 38.67 -1.75
C ASP B 535 3.89 39.92 -2.50
N ASP B 536 2.81 39.90 -3.26
CA ASP B 536 2.49 41.13 -3.98
C ASP B 536 1.33 41.94 -3.41
N LYS B 537 0.70 41.46 -2.34
CA LYS B 537 -0.50 42.14 -1.86
C LYS B 537 -0.35 42.85 -0.50
N PHE B 538 0.39 42.27 0.45
CA PHE B 538 0.25 42.67 1.86
C PHE B 538 1.35 43.55 2.45
N PHE B 539 2.57 43.37 1.96
CA PHE B 539 3.69 44.25 2.28
C PHE B 539 4.02 44.31 3.75
N LEU B 540 3.96 43.15 4.40
CA LEU B 540 4.46 43.06 5.78
C LEU B 540 5.82 42.34 5.87
N PRO B 541 6.64 42.64 6.90
CA PRO B 541 7.93 41.94 6.99
C PRO B 541 7.74 40.50 7.51
N LYS B 542 6.99 39.72 6.75
CA LYS B 542 6.63 38.37 7.16
C LYS B 542 6.78 37.35 6.04
N ALA B 543 7.01 36.08 6.39
CA ALA B 543 7.05 35.06 5.36
C ALA B 543 6.42 33.78 5.84
N ASN B 544 5.89 33.00 4.91
CA ASN B 544 5.40 31.66 5.20
C ASN B 544 6.24 30.61 4.52
N LEU B 545 6.81 29.68 5.29
CA LEU B 545 7.62 28.65 4.67
C LEU B 545 7.00 27.28 4.94
N ASN B 546 6.48 26.63 3.90
CA ASN B 546 5.78 25.38 4.12
C ASN B 546 6.52 24.28 3.43
N PHE B 547 6.66 23.12 4.08
CA PHE B 547 7.35 21.96 3.50
C PHE B 547 6.61 20.66 3.75
N GLU B 548 6.26 19.90 2.72
CA GLU B 548 6.04 18.46 2.99
C GLU B 548 7.32 17.67 2.71
N PHE B 549 7.63 16.72 3.59
CA PHE B 549 8.71 15.77 3.43
C PHE B 549 8.05 14.43 3.27
N PHE B 550 7.89 13.98 2.02
CA PHE B 550 7.30 12.67 1.76
C PHE B 550 8.29 11.58 2.10
N SER B 551 7.76 10.55 2.76
CA SER B 551 8.39 9.28 2.87
C SER B 551 7.32 8.27 3.20
N PRO B 552 7.25 7.16 2.43
CA PRO B 552 6.28 6.07 2.66
C PRO B 552 6.30 5.63 4.10
N PHE B 553 7.43 5.89 4.74
CA PHE B 553 7.74 5.33 6.01
C PHE B 553 7.02 5.92 7.20
N ALA B 554 6.31 7.03 6.97
CA ALA B 554 5.61 7.73 8.02
C ALA B 554 4.32 7.03 8.39
N TYR B 555 3.71 6.38 7.39
CA TYR B 555 2.40 5.81 7.57
C TYR B 555 2.30 4.38 7.03
N VAL B 556 3.44 3.74 6.78
CA VAL B 556 3.41 2.40 6.16
C VAL B 556 2.56 1.39 6.93
N ASP B 557 2.56 1.51 8.27
CA ASP B 557 1.83 0.59 9.13
C ASP B 557 1.62 1.19 10.52
N PRO B 558 0.60 0.73 11.25
CA PRO B 558 0.42 1.15 12.61
C PRO B 558 1.69 1.53 13.42
N LEU B 559 2.58 0.58 13.66
CA LEU B 559 3.81 0.87 14.42
C LEU B 559 4.59 2.07 13.92
N HIS B 560 4.67 2.18 12.60
CA HIS B 560 5.35 3.28 11.98
C HIS B 560 4.65 4.62 12.11
N SER B 561 3.34 4.67 11.94
CA SER B 561 2.59 5.88 12.31
C SER B 561 2.96 6.32 13.69
N ASN B 562 2.72 5.42 14.64
CA ASN B 562 3.10 5.64 16.02
C ASN B 562 4.44 6.30 16.23
N MET B 563 5.46 5.74 15.60
CA MET B 563 6.79 6.27 15.78
C MET B 563 6.94 7.62 15.08
N ALA B 564 6.52 7.70 13.80
CA ALA B 564 6.46 8.99 13.12
C ALA B 564 5.80 10.04 14.01
N TYR B 565 4.77 9.66 14.76
CA TYR B 565 4.16 10.60 15.70
C TYR B 565 5.02 10.93 16.91
N LEU B 566 5.46 9.94 17.67
CA LEU B 566 6.25 10.14 18.90
C LEU B 566 7.48 10.92 18.62
N TYR B 567 8.08 10.61 17.49
CA TYR B 567 9.31 11.25 17.04
C TYR B 567 9.16 12.77 17.02
N LEU B 568 8.15 13.24 16.29
CA LEU B 568 7.85 14.66 16.19
C LEU B 568 7.45 15.32 17.50
N GLU B 569 6.66 14.65 18.33
CA GLU B 569 6.28 15.13 19.67
C GLU B 569 7.49 15.32 20.53
N LEU B 570 8.36 14.31 20.59
CA LEU B 570 9.52 14.39 21.46
C LEU B 570 10.41 15.46 20.93
N LEU B 571 10.43 15.63 19.60
CA LEU B 571 11.32 16.59 19.01
C LEU B 571 10.83 17.95 19.43
N LYS B 572 9.54 18.21 19.13
CA LYS B 572 8.87 19.47 19.53
C LYS B 572 9.11 19.78 21.00
N ASP B 573 9.03 18.74 21.83
CA ASP B 573 9.13 18.88 23.25
C ASP B 573 10.51 19.32 23.61
N SER B 574 11.56 18.67 23.10
CA SER B 574 12.94 19.08 23.43
C SER B 574 13.26 20.47 22.87
N LEU B 575 12.77 20.76 21.67
CA LEU B 575 12.88 22.10 21.11
C LEU B 575 12.12 23.20 21.81
N ASN B 576 11.09 22.87 22.59
CA ASN B 576 10.18 23.90 23.14
C ASN B 576 10.83 25.01 24.00
N GLU B 577 11.83 24.68 24.81
CA GLU B 577 12.52 25.71 25.56
C GLU B 577 13.16 26.78 24.68
N TYR B 578 13.84 26.34 23.64
CA TYR B 578 14.37 27.22 22.63
C TYR B 578 13.31 27.97 21.84
N ALA B 579 12.26 27.30 21.38
CA ALA B 579 11.37 27.88 20.36
C ALA B 579 10.37 28.80 20.95
N TYR B 580 10.34 28.84 22.27
CA TYR B 580 9.31 29.55 22.95
C TYR B 580 9.58 31.02 22.88
N ALA B 581 10.85 31.40 22.94
CA ALA B 581 11.20 32.80 22.98
C ALA B 581 10.91 33.28 21.60
N ALA B 582 11.23 32.44 20.61
CA ALA B 582 10.99 32.74 19.21
C ALA B 582 9.52 33.01 18.98
N GLU B 583 8.67 32.10 19.47
CA GLU B 583 7.23 32.24 19.33
C GLU B 583 6.70 33.54 19.95
N LEU B 584 7.22 33.90 21.11
CA LEU B 584 6.86 35.15 21.73
C LEU B 584 7.23 36.31 20.87
N ALA B 585 8.27 36.16 20.06
CA ALA B 585 8.78 37.25 19.29
C ALA B 585 8.18 37.14 17.91
N GLY B 586 6.96 36.61 17.89
CA GLY B 586 6.12 36.59 16.69
C GLY B 586 6.65 35.80 15.50
N LEU B 587 7.44 34.78 15.80
CA LEU B 587 8.06 33.93 14.78
C LEU B 587 7.80 32.50 15.21
N SER B 588 6.90 31.79 14.55
CA SER B 588 6.51 30.50 15.09
C SER B 588 6.56 29.37 14.07
N TYR B 589 6.33 28.14 14.54
CA TYR B 589 6.41 26.96 13.68
C TYR B 589 5.44 25.88 14.10
N ASP B 590 5.05 25.10 13.10
CA ASP B 590 4.20 23.97 13.32
C ASP B 590 4.77 22.75 12.59
N LEU B 591 4.93 21.65 13.31
CA LEU B 591 5.58 20.49 12.74
C LEU B 591 4.78 19.29 13.19
N GLN B 592 4.18 18.57 12.22
CA GLN B 592 3.52 17.28 12.51
C GLN B 592 3.61 16.25 11.44
N ASN B 593 3.31 15.00 11.82
CA ASN B 593 3.30 13.88 10.89
C ASN B 593 2.05 13.90 10.06
N THR B 594 2.16 13.38 8.84
CA THR B 594 1.01 13.28 7.96
C THR B 594 0.94 11.83 7.47
N ILE B 595 -0.07 11.56 6.67
CA ILE B 595 -0.28 10.26 6.04
C ILE B 595 0.84 9.93 5.05
N TYR B 596 1.57 10.97 4.64
CA TYR B 596 2.57 10.87 3.58
C TYR B 596 4.01 11.07 4.02
N GLY B 597 4.20 11.31 5.33
CA GLY B 597 5.49 11.73 5.88
C GLY B 597 5.06 13.08 6.40
N MET B 598 6.04 13.93 6.78
CA MET B 598 6.02 15.10 7.69
C MET B 598 5.64 16.45 7.11
N TYR B 599 5.18 17.35 7.98
CA TYR B 599 4.83 18.73 7.60
C TYR B 599 5.51 19.69 8.55
N LEU B 600 6.04 20.77 7.98
CA LEU B 600 6.68 21.80 8.76
C LEU B 600 6.32 23.11 8.16
N SER B 601 5.75 23.97 9.00
CA SER B 601 5.54 25.35 8.64
C SER B 601 6.24 26.27 9.60
N VAL B 602 6.76 27.35 9.06
CA VAL B 602 7.39 28.37 9.85
C VAL B 602 6.76 29.63 9.36
N LYS B 603 6.16 30.37 10.27
CA LYS B 603 5.47 31.61 9.89
C LYS B 603 5.84 32.72 10.84
N GLY B 604 5.84 33.96 10.37
CA GLY B 604 6.08 35.10 11.25
C GLY B 604 6.96 36.14 10.57
N TYR B 605 7.65 36.94 11.37
CA TYR B 605 8.52 37.97 10.81
C TYR B 605 9.69 37.26 10.21
N ASN B 606 9.99 37.66 8.97
CA ASN B 606 10.93 36.98 8.13
C ASN B 606 12.38 37.16 8.52
N ASP B 607 12.66 38.19 9.32
CA ASP B 607 14.00 38.45 9.87
C ASP B 607 14.77 37.30 10.61
N LYS B 608 14.26 36.71 11.70
CA LYS B 608 15.03 35.63 12.37
C LYS B 608 14.61 34.24 11.84
N GLN B 609 13.94 34.24 10.70
CA GLN B 609 13.33 33.04 10.14
C GLN B 609 14.35 31.92 9.75
N PRO B 610 15.36 32.23 8.90
CA PRO B 610 16.38 31.19 8.71
C PRO B 610 16.96 30.58 10.00
N ILE B 611 17.27 31.36 11.03
CA ILE B 611 17.95 30.80 12.23
C ILE B 611 17.18 29.63 12.85
N LEU B 612 15.87 29.83 12.95
CA LEU B 612 14.99 28.86 13.59
C LEU B 612 14.81 27.64 12.69
N LEU B 613 14.60 27.90 11.41
CA LEU B 613 14.52 26.81 10.45
C LEU B 613 15.76 25.90 10.57
N LYS B 614 16.96 26.49 10.55
CA LYS B 614 18.17 25.72 10.55
C LYS B 614 18.14 24.92 11.82
N LYS B 615 17.70 25.51 12.93
CA LYS B 615 17.69 24.76 14.21
C LYS B 615 16.81 23.49 14.15
N ILE B 616 15.59 23.67 13.66
CA ILE B 616 14.62 22.58 13.51
C ILE B 616 15.14 21.45 12.62
N ILE B 617 15.63 21.77 11.42
CA ILE B 617 16.16 20.74 10.53
C ILE B 617 17.33 20.06 11.23
N GLU B 618 18.35 20.84 11.53
CA GLU B 618 19.49 20.35 12.25
C GLU B 618 19.02 19.44 13.34
N LYS B 619 18.10 19.92 14.16
CA LYS B 619 17.73 19.17 15.36
C LYS B 619 17.10 17.83 15.01
N MET B 620 16.31 17.77 13.95
CA MET B 620 15.65 16.50 13.64
C MET B 620 16.65 15.47 13.14
N ALA B 621 17.63 15.94 12.37
CA ALA B 621 18.64 15.07 11.80
C ALA B 621 19.67 14.50 12.81
N THR B 622 19.81 15.11 13.99
CA THR B 622 20.82 14.71 15.01
C THR B 622 20.22 14.52 16.40
N PHE B 623 18.97 14.12 16.41
CA PHE B 623 18.15 14.12 17.63
C PHE B 623 18.56 13.03 18.65
N GLU B 624 19.01 13.43 19.82
CA GLU B 624 19.18 12.48 20.92
C GLU B 624 17.84 12.35 21.59
N ILE B 625 17.27 11.14 21.65
CA ILE B 625 16.01 10.97 22.40
C ILE B 625 16.30 10.87 23.89
N ASP B 626 15.41 11.31 24.76
CA ASP B 626 15.65 11.13 26.16
C ASP B 626 14.75 10.05 26.71
N GLU B 627 15.30 9.00 27.33
CA GLU B 627 14.46 7.88 27.79
C GLU B 627 13.26 8.36 28.61
N LYS B 628 13.49 9.17 29.65
CA LYS B 628 12.43 9.64 30.55
C LYS B 628 11.36 10.36 29.77
N ARG B 629 11.77 11.35 28.97
CA ARG B 629 10.85 12.09 28.08
C ARG B 629 9.98 11.15 27.20
N PHE B 630 10.66 10.23 26.52
CA PHE B 630 10.07 9.23 25.63
C PHE B 630 8.97 8.49 26.33
N GLU B 631 9.26 8.06 27.54
CA GLU B 631 8.31 7.28 28.33
C GLU B 631 7.01 8.06 28.67
N ILE B 632 7.14 9.34 29.07
CA ILE B 632 6.00 10.20 29.48
C ILE B 632 5.07 10.50 28.30
N ILE B 633 5.70 10.83 27.18
CA ILE B 633 5.04 11.21 25.97
C ILE B 633 4.30 10.01 25.43
N LYS B 634 4.95 8.85 25.40
CA LYS B 634 4.30 7.62 24.96
C LYS B 634 3.06 7.32 25.77
N GLU B 635 3.15 7.43 27.08
CA GLU B 635 2.02 7.16 27.94
C GLU B 635 0.91 8.15 27.68
N ALA B 636 1.25 9.43 27.51
CA ALA B 636 0.28 10.50 27.25
C ALA B 636 -0.47 10.18 25.99
N TYR B 637 0.30 9.73 25.01
CA TYR B 637 -0.21 9.37 23.72
C TYR B 637 -1.11 8.14 23.73
N MET B 638 -0.71 7.10 24.46
CA MET B 638 -1.58 5.98 24.78
C MET B 638 -2.93 6.54 25.24
N ARG B 639 -2.96 7.20 26.40
CA ARG B 639 -4.18 7.85 26.93
C ARG B 639 -4.95 8.63 25.88
N SER B 640 -4.24 9.43 25.11
CA SER B 640 -4.85 10.26 24.10
C SER B 640 -5.61 9.40 23.07
N LEU B 641 -4.97 8.33 22.57
CA LEU B 641 -5.64 7.38 21.67
C LEU B 641 -6.91 6.81 22.31
N ASN B 642 -6.81 6.33 23.55
CA ASN B 642 -7.94 5.81 24.34
C ASN B 642 -9.08 6.79 24.58
N ASN B 643 -8.72 8.06 24.76
CA ASN B 643 -9.68 9.06 25.11
C ASN B 643 -10.59 9.36 23.97
N PHE B 644 -10.27 8.92 22.78
CA PHE B 644 -11.19 9.09 21.68
C PHE B 644 -12.60 8.46 21.92
N ARG B 645 -12.68 7.38 22.72
CA ARG B 645 -14.00 6.75 23.04
C ARG B 645 -15.00 7.76 23.65
N ALA B 646 -14.48 8.95 23.96
CA ALA B 646 -15.20 9.98 24.70
C ALA B 646 -15.35 11.28 23.95
N GLU B 647 -15.08 11.32 22.65
CA GLU B 647 -15.44 12.48 21.86
C GLU B 647 -16.91 12.44 21.59
N GLN B 648 -17.37 13.38 20.78
CA GLN B 648 -18.76 13.45 20.38
C GLN B 648 -19.19 12.44 19.28
N PRO B 649 -20.46 12.01 19.29
CA PRO B 649 -21.01 11.18 18.20
C PRO B 649 -20.71 11.56 16.73
N HIS B 650 -20.32 12.78 16.40
CA HIS B 650 -19.94 13.09 15.01
C HIS B 650 -18.39 13.09 14.71
N HIS B 652 -16.85 11.35 15.65
CA HIS B 652 -17.01 9.88 15.60
C HIS B 652 -17.60 9.36 14.31
N ALA B 653 -18.75 9.91 13.92
CA ALA B 653 -19.35 9.56 12.65
C ALA B 653 -18.36 9.91 11.52
N MET B 654 -17.91 11.16 11.52
CA MET B 654 -16.88 11.65 10.60
C MET B 654 -15.65 10.72 10.49
N TYR B 655 -15.22 10.20 11.64
CA TYR B 655 -14.05 9.33 11.76
C TYR B 655 -14.19 8.04 10.96
N TYR B 656 -15.17 7.24 11.33
CA TYR B 656 -15.52 6.05 10.57
C TYR B 656 -15.71 6.32 9.06
N LEU B 657 -16.32 7.46 8.72
CA LEU B 657 -16.45 7.76 7.32
C LEU B 657 -15.06 7.90 6.71
N ARG B 658 -14.14 8.60 7.37
CA ARG B 658 -12.77 8.73 6.87
C ARG B 658 -12.24 7.32 6.69
N LEU B 659 -12.46 6.45 7.66
CA LEU B 659 -11.80 5.17 7.63
C LEU B 659 -12.34 4.30 6.52
N LEU B 660 -13.61 4.46 6.26
CA LEU B 660 -14.28 3.65 5.28
C LEU B 660 -13.94 4.05 3.87
N MET B 661 -13.65 5.32 3.64
CA MET B 661 -13.58 5.83 2.28
C MET B 661 -12.19 5.91 1.71
N THR B 662 -11.16 5.92 2.57
CA THR B 662 -9.72 5.97 2.15
C THR B 662 -9.05 4.59 2.11
N GLU B 663 -8.16 4.45 1.13
CA GLU B 663 -7.48 3.21 0.82
C GLU B 663 -6.73 2.75 2.05
N VAL B 664 -5.85 3.59 2.59
CA VAL B 664 -5.15 3.29 3.85
C VAL B 664 -5.56 4.20 4.98
N ALA B 665 -5.92 3.60 6.10
CA ALA B 665 -6.29 4.34 7.29
C ALA B 665 -6.19 3.45 8.51
N TRP B 666 -5.26 3.80 9.39
CA TRP B 666 -5.05 3.06 10.60
C TRP B 666 -6.02 3.50 11.65
N THR B 667 -6.66 2.55 12.33
CA THR B 667 -7.62 2.91 13.36
C THR B 667 -6.94 3.18 14.69
N LYS B 668 -7.65 3.84 15.61
CA LYS B 668 -7.13 4.14 16.94
C LYS B 668 -6.80 2.82 17.62
N ASP B 669 -7.66 1.81 17.44
CA ASP B 669 -7.49 0.50 18.07
C ASP B 669 -6.25 -0.19 17.53
N GLU B 670 -5.98 0.04 16.25
CA GLU B 670 -4.76 -0.46 15.61
C GLU B 670 -3.50 0.25 16.15
N LEU B 671 -3.46 1.58 16.00
CA LEU B 671 -2.44 2.42 16.61
C LEU B 671 -2.14 2.12 18.09
N LYS B 672 -3.17 1.79 18.89
CA LYS B 672 -3.00 1.52 20.33
C LYS B 672 -2.49 0.12 20.62
N GLU B 673 -2.77 -0.80 19.70
CA GLU B 673 -2.22 -2.15 19.76
C GLU B 673 -0.70 -2.06 19.56
N ALA B 674 -0.28 -1.38 18.51
CA ALA B 674 1.14 -1.21 18.16
C ALA B 674 1.97 -0.31 19.09
N LEU B 675 1.30 0.52 19.87
CA LEU B 675 2.02 1.41 20.76
C LEU B 675 2.85 0.67 21.78
N ASP B 676 2.40 -0.51 22.20
CA ASP B 676 3.09 -1.30 23.24
C ASP B 676 4.43 -1.82 22.78
N ASP B 677 4.64 -1.81 21.47
CA ASP B 677 5.85 -2.37 20.92
C ASP B 677 6.73 -1.34 20.21
N VAL B 678 6.55 -0.07 20.58
CA VAL B 678 7.50 1.01 20.27
C VAL B 678 8.35 1.03 21.52
N THR B 679 9.53 0.41 21.42
CA THR B 679 10.49 0.37 22.50
C THR B 679 11.50 1.43 22.14
N LEU B 680 12.19 2.02 23.12
CA LEU B 680 13.16 3.09 22.79
C LEU B 680 14.14 2.79 21.63
N PRO B 681 14.82 1.60 21.64
CA PRO B 681 15.73 1.31 20.54
C PRO B 681 15.03 1.30 19.19
N ARG B 682 13.86 0.69 19.12
CA ARG B 682 13.11 0.61 17.86
C ARG B 682 12.79 1.96 17.21
N LEU B 683 12.59 2.98 18.06
CA LEU B 683 12.35 4.40 17.67
C LEU B 683 13.65 5.06 17.21
N LYS B 684 14.71 4.92 18.01
CA LYS B 684 16.06 5.33 17.66
C LYS B 684 16.42 4.81 16.27
N ALA B 685 16.28 3.50 16.06
CA ALA B 685 16.44 2.87 14.74
C ALA B 685 15.56 3.52 13.66
N PHE B 686 14.26 3.64 13.95
CA PHE B 686 13.27 4.34 13.11
C PHE B 686 13.72 5.69 12.51
N ILE B 687 14.31 6.56 13.33
CA ILE B 687 14.53 7.94 12.86
C ILE B 687 15.41 8.05 11.61
N PRO B 688 16.69 7.61 11.68
CA PRO B 688 17.56 7.80 10.52
C PRO B 688 17.03 7.03 9.30
N GLN B 689 16.33 5.93 9.59
CA GLN B 689 15.60 5.19 8.56
C GLN B 689 14.58 6.12 7.88
N LEU B 690 13.73 6.79 8.66
CA LEU B 690 12.73 7.73 8.10
C LEU B 690 13.34 8.79 7.18
N LEU B 691 14.53 9.24 7.58
CA LEU B 691 15.18 10.35 6.95
C LEU B 691 16.06 9.98 5.76
N SER B 692 16.42 8.69 5.64
CA SER B 692 17.45 8.27 4.67
C SER B 692 17.04 8.56 3.22
N ARG B 693 15.74 8.49 2.97
CA ARG B 693 15.17 8.80 1.65
C ARG B 693 13.86 9.62 1.75
N LEU B 694 13.85 10.76 1.05
CA LEU B 694 12.75 11.74 1.07
C LEU B 694 12.63 12.54 -0.23
N HIS B 695 11.44 13.04 -0.52
CA HIS B 695 11.27 14.16 -1.45
C HIS B 695 10.77 15.34 -0.62
N ILE B 696 11.04 16.57 -1.06
CA ILE B 696 10.55 17.72 -0.34
C ILE B 696 9.81 18.63 -1.27
N GLU B 697 8.50 18.83 -1.02
CA GLU B 697 7.74 19.82 -1.75
C GLU B 697 7.45 20.99 -0.82
N ALA B 698 7.89 22.16 -1.26
CA ALA B 698 7.85 23.36 -0.46
C ALA B 698 7.16 24.51 -1.17
N LEU B 699 6.60 25.41 -0.37
CA LEU B 699 6.00 26.63 -0.90
C LEU B 699 6.50 27.71 0.01
N LEU B 700 7.25 28.65 -0.53
CA LEU B 700 7.78 29.74 0.27
C LEU B 700 7.16 31.02 -0.22
N HIS B 701 6.35 31.64 0.61
CA HIS B 701 5.53 32.78 0.21
C HIS B 701 5.78 33.98 1.13
N GLY B 702 5.93 35.17 0.58
CA GLY B 702 6.00 36.31 1.46
C GLY B 702 7.03 37.35 1.10
N ASN B 703 7.68 37.89 2.11
CA ASN B 703 8.68 38.90 1.91
C ASN B 703 10.02 38.23 1.78
N ILE B 704 10.21 37.44 0.72
CA ILE B 704 11.55 36.98 0.34
C ILE B 704 11.66 36.92 -1.14
N THR B 705 12.90 36.88 -1.61
CA THR B 705 13.20 36.95 -3.03
C THR B 705 13.49 35.57 -3.63
N LYS B 706 13.38 35.48 -4.96
CA LYS B 706 13.61 34.24 -5.69
C LYS B 706 14.92 33.64 -5.19
N GLN B 707 15.99 34.40 -5.26
CA GLN B 707 17.26 33.80 -4.96
C GLN B 707 17.38 33.55 -3.44
N ALA B 708 16.75 34.39 -2.61
CA ALA B 708 16.67 34.16 -1.13
C ALA B 708 15.99 32.86 -0.77
N ALA B 709 14.95 32.53 -1.53
CA ALA B 709 14.22 31.27 -1.39
C ALA B 709 15.05 30.07 -1.76
N LEU B 710 15.70 30.18 -2.91
CA LEU B 710 16.63 29.16 -3.38
C LEU B 710 17.62 28.79 -2.29
N GLY B 711 18.29 29.81 -1.73
CA GLY B 711 19.15 29.64 -0.56
C GLY B 711 18.49 29.02 0.66
N ILE B 712 17.20 29.29 0.89
CA ILE B 712 16.45 28.64 1.98
C ILE B 712 16.37 27.12 1.74
N MET B 713 15.63 26.78 0.70
CA MET B 713 15.54 25.41 0.24
C MET B 713 16.89 24.70 0.30
N GLN B 714 17.95 25.38 -0.14
CA GLN B 714 19.30 24.79 -0.19
C GLN B 714 19.76 24.39 1.19
N MET B 715 19.64 25.29 2.15
CA MET B 715 20.17 25.02 3.46
C MET B 715 19.43 23.85 4.05
N VAL B 716 18.11 23.85 3.85
CA VAL B 716 17.22 22.77 4.29
C VAL B 716 17.73 21.40 3.87
N GLU B 717 17.74 21.16 2.55
CA GLU B 717 18.45 20.05 1.92
C GLU B 717 19.82 19.77 2.53
N ASP B 718 20.71 20.75 2.44
CA ASP B 718 22.10 20.54 2.82
C ASP B 718 22.30 19.97 4.20
N THR B 719 21.57 20.51 5.16
CA THR B 719 21.50 19.99 6.51
C THR B 719 21.03 18.53 6.56
N LEU B 720 20.10 18.18 5.68
CA LEU B 720 19.61 16.83 5.66
C LEU B 720 20.68 15.87 5.08
N ILE B 721 21.17 16.21 3.89
CA ILE B 721 22.26 15.48 3.23
C ILE B 721 23.42 15.31 4.21
N GLU B 722 23.72 16.38 4.95
CA GLU B 722 24.86 16.37 5.83
C GLU B 722 24.69 15.56 7.10
N HIS B 723 23.63 15.82 7.87
CA HIS B 723 23.46 15.17 9.16
C HIS B 723 22.72 13.83 9.13
N ALA B 724 21.98 13.55 8.07
CA ALA B 724 21.17 12.33 8.01
C ALA B 724 21.35 11.57 6.70
N HIS B 725 22.31 12.02 5.90
CA HIS B 725 22.70 11.32 4.66
C HIS B 725 21.52 11.07 3.73
N THR B 726 20.57 11.99 3.72
CA THR B 726 19.39 11.90 2.87
C THR B 726 19.76 11.75 1.39
N LYS B 727 19.09 10.82 0.72
CA LYS B 727 19.22 10.64 -0.74
C LYS B 727 17.81 10.82 -1.33
N PRO B 728 17.72 11.12 -2.64
CA PRO B 728 16.36 11.29 -3.16
C PRO B 728 15.53 9.98 -3.23
N LEU B 729 14.20 10.12 -3.11
CA LEU B 729 13.20 9.02 -3.19
C LEU B 729 12.92 8.68 -4.64
N LEU B 730 12.41 7.49 -4.91
CA LEU B 730 12.06 7.14 -6.29
C LEU B 730 10.74 7.78 -6.71
N PRO B 731 10.64 8.20 -7.98
CA PRO B 731 9.40 8.79 -8.45
C PRO B 731 8.19 7.90 -8.22
N SER B 732 8.31 6.60 -8.48
CA SER B 732 7.18 5.67 -8.39
C SER B 732 6.74 5.44 -6.94
N GLN B 733 7.68 5.65 -6.03
CA GLN B 733 7.50 5.37 -4.62
C GLN B 733 6.97 6.63 -3.96
N LEU B 734 6.18 7.42 -4.68
CA LEU B 734 5.77 8.73 -4.20
C LEU B 734 4.27 8.94 -4.18
N VAL B 735 3.47 7.90 -4.00
CA VAL B 735 2.04 8.08 -4.32
C VAL B 735 1.14 8.55 -3.17
N ARG B 736 0.19 9.42 -3.58
CA ARG B 736 -1.13 9.71 -3.00
C ARG B 736 -2.01 8.47 -2.77
N TYR B 737 -2.98 8.57 -1.87
CA TYR B 737 -3.98 7.51 -1.68
C TYR B 737 -5.30 7.73 -2.45
N ARG B 738 -6.11 6.66 -2.53
CA ARG B 738 -7.34 6.64 -3.33
C ARG B 738 -8.61 6.55 -2.48
N GLU B 739 -9.69 7.16 -2.96
CA GLU B 739 -11.01 6.91 -2.36
C GLU B 739 -11.63 5.57 -2.85
N VAL B 740 -12.40 4.90 -1.98
CA VAL B 740 -13.22 3.74 -2.36
C VAL B 740 -14.25 4.19 -3.40
N GLN B 741 -14.46 3.41 -4.45
CA GLN B 741 -15.47 3.72 -5.49
C GLN B 741 -16.81 2.97 -5.30
N LEU B 742 -17.83 3.66 -4.83
CA LEU B 742 -19.11 3.02 -4.51
C LEU B 742 -19.85 2.54 -5.76
N PRO B 743 -20.53 1.37 -5.69
CA PRO B 743 -21.32 1.00 -6.83
C PRO B 743 -22.61 1.86 -7.00
N ASP B 744 -23.01 2.05 -8.26
CA ASP B 744 -24.30 2.61 -8.68
C ASP B 744 -25.49 2.01 -7.96
N ARG B 745 -26.47 2.85 -7.64
CA ARG B 745 -27.64 2.48 -6.85
C ARG B 745 -27.32 1.76 -5.54
N GLY B 746 -26.07 1.75 -5.10
CA GLY B 746 -25.73 1.06 -3.84
C GLY B 746 -25.98 1.86 -2.56
N TRP B 747 -26.23 1.16 -1.44
CA TRP B 747 -26.31 1.83 -0.14
C TRP B 747 -25.89 1.02 1.07
N PHE B 748 -24.76 1.42 1.65
CA PHE B 748 -24.16 0.79 2.83
C PHE B 748 -24.36 1.61 4.11
N VAL B 749 -24.43 0.92 5.23
CA VAL B 749 -24.59 1.51 6.53
C VAL B 749 -23.60 0.82 7.41
N TYR B 750 -22.76 1.57 8.10
CA TYR B 750 -21.91 1.03 9.18
C TYR B 750 -22.41 1.63 10.49
N GLN B 751 -22.40 0.85 11.57
CA GLN B 751 -22.81 1.36 12.88
C GLN B 751 -21.94 1.00 14.12
N GLN B 752 -21.83 1.96 15.04
CA GLN B 752 -21.16 1.77 16.32
C GLN B 752 -21.97 2.42 17.43
N ARG B 753 -21.54 2.23 18.67
CA ARG B 753 -22.04 3.05 19.76
C ARG B 753 -20.98 3.99 20.24
N ASN B 754 -21.40 4.95 21.02
CA ASN B 754 -20.50 5.84 21.69
C ASN B 754 -20.73 5.40 23.12
N GLU B 755 -19.71 4.93 23.83
CA GLU B 755 -20.01 4.41 25.17
C GLU B 755 -20.24 5.53 26.18
N VAL B 756 -20.05 6.78 25.78
CA VAL B 756 -19.96 7.90 26.71
C VAL B 756 -21.07 8.98 26.63
N HIS B 757 -21.45 9.39 25.43
CA HIS B 757 -22.48 10.41 25.27
C HIS B 757 -23.81 9.75 25.08
N ASN B 758 -24.81 10.11 25.86
CA ASN B 758 -26.14 9.58 25.56
C ASN B 758 -26.90 10.38 24.51
N ASN B 759 -26.22 10.70 23.43
CA ASN B 759 -26.85 11.28 22.25
C ASN B 759 -26.36 10.45 21.08
N SER B 760 -27.00 10.55 19.93
CA SER B 760 -26.56 9.75 18.82
C SER B 760 -26.01 10.67 17.74
N GLY B 761 -25.38 10.10 16.71
CA GLY B 761 -24.78 10.87 15.62
C GLY B 761 -24.91 10.11 14.30
N ILE B 762 -24.56 10.76 13.19
CA ILE B 762 -24.77 10.20 11.87
C ILE B 762 -24.12 11.05 10.80
N GLU B 763 -23.29 10.47 9.95
CA GLU B 763 -23.00 11.12 8.69
C GLU B 763 -23.69 10.36 7.57
N ILE B 764 -24.35 11.09 6.67
CA ILE B 764 -24.83 10.51 5.41
C ILE B 764 -23.98 11.04 4.29
N TYR B 765 -23.41 10.16 3.46
CA TYR B 765 -22.52 10.61 2.38
C TYR B 765 -22.93 10.13 0.97
N TYR B 766 -23.17 11.09 0.09
CA TYR B 766 -23.60 10.87 -1.29
C TYR B 766 -22.43 11.10 -2.25
N GLN B 767 -21.72 10.03 -2.56
CA GLN B 767 -20.56 10.17 -3.41
C GLN B 767 -21.04 10.57 -4.78
N THR B 768 -20.32 11.46 -5.45
CA THR B 768 -20.69 11.93 -6.79
C THR B 768 -19.79 11.58 -7.98
N ASP B 769 -18.65 12.26 -8.15
CA ASP B 769 -17.60 11.76 -9.02
C ASP B 769 -16.28 12.38 -8.64
N MET B 770 -15.29 12.25 -9.52
CA MET B 770 -13.97 12.84 -9.35
C MET B 770 -14.08 14.34 -9.51
N GLN B 771 -13.26 15.10 -8.79
CA GLN B 771 -13.36 16.54 -8.87
C GLN B 771 -12.91 16.96 -10.25
N SER B 772 -13.66 17.90 -10.85
CA SER B 772 -13.32 18.57 -12.12
C SER B 772 -13.99 19.94 -11.99
N THR B 773 -13.70 20.88 -12.89
CA THR B 773 -14.41 22.16 -12.94
C THR B 773 -15.92 21.97 -12.84
N SER B 774 -16.48 21.15 -13.72
CA SER B 774 -17.94 21.05 -13.81
C SER B 774 -18.54 20.24 -12.66
N GLU B 775 -17.99 19.04 -12.45
CA GLU B 775 -18.43 18.17 -11.40
C GLU B 775 -18.32 18.86 -10.01
N ASN B 776 -17.32 19.73 -9.82
CA ASN B 776 -17.24 20.58 -8.61
C ASN B 776 -18.30 21.64 -8.48
N MET B 777 -18.59 22.35 -9.57
CA MET B 777 -19.55 23.43 -9.48
C MET B 777 -20.99 22.95 -9.40
N PHE B 778 -21.33 21.88 -10.11
CA PHE B 778 -22.64 21.25 -9.91
C PHE B 778 -22.84 21.09 -8.39
N LEU B 779 -21.93 20.36 -7.77
CA LEU B 779 -21.96 20.03 -6.36
C LEU B 779 -21.94 21.25 -5.46
N GLU B 780 -21.00 22.15 -5.67
CA GLU B 780 -20.92 23.36 -4.85
C GLU B 780 -22.21 24.19 -4.84
N LEU B 781 -22.79 24.39 -6.03
CA LEU B 781 -24.00 25.18 -6.20
C LEU B 781 -25.24 24.47 -5.60
N PHE B 782 -25.38 23.18 -5.84
CA PHE B 782 -26.43 22.46 -5.18
C PHE B 782 -26.29 22.60 -3.65
N ALA B 783 -25.06 22.44 -3.18
CA ALA B 783 -24.78 22.61 -1.76
C ALA B 783 -25.28 23.98 -1.27
N GLN B 784 -25.02 25.02 -2.09
CA GLN B 784 -25.33 26.42 -1.77
C GLN B 784 -26.80 26.57 -1.60
N ILE B 785 -27.55 26.01 -2.55
CA ILE B 785 -29.00 26.16 -2.57
C ILE B 785 -29.61 25.51 -1.37
N ILE B 786 -29.22 24.28 -1.09
CA ILE B 786 -29.83 23.54 0.00
C ILE B 786 -29.36 24.03 1.37
N SER B 787 -28.21 24.69 1.41
CA SER B 787 -27.53 24.95 2.70
C SER B 787 -28.42 25.34 3.87
N GLU B 788 -29.18 26.41 3.67
CA GLU B 788 -29.90 26.95 4.79
C GLU B 788 -31.29 26.35 4.91
N PRO B 789 -31.90 25.93 3.78
CA PRO B 789 -33.09 25.10 3.91
C PRO B 789 -32.82 23.85 4.77
N ALA B 790 -31.69 23.21 4.53
CA ALA B 790 -31.21 22.11 5.35
C ALA B 790 -31.19 22.40 6.86
N PHE B 791 -30.59 23.54 7.24
CA PHE B 791 -30.57 23.97 8.62
C PHE B 791 -32.02 24.29 9.11
N ASN B 792 -32.77 25.00 8.27
CA ASN B 792 -34.11 25.39 8.66
C ASN B 792 -35.06 24.23 8.83
N THR B 793 -35.07 23.30 7.88
CA THR B 793 -35.91 22.13 8.06
C THR B 793 -35.38 21.25 9.20
N LEU B 794 -34.14 20.80 9.11
CA LEU B 794 -33.66 19.77 10.04
C LEU B 794 -33.48 20.28 11.46
N ARG B 795 -32.95 21.49 11.63
CA ARG B 795 -32.81 22.03 12.99
C ARG B 795 -34.03 22.90 13.36
N THR B 796 -34.17 24.07 12.73
CA THR B 796 -35.19 25.05 13.13
C THR B 796 -36.60 24.49 13.26
N LYS B 797 -37.13 23.88 12.21
CA LYS B 797 -38.47 23.29 12.24
C LYS B 797 -38.54 21.98 13.02
N GLU B 798 -37.81 20.96 12.57
CA GLU B 798 -37.96 19.61 13.11
C GLU B 798 -37.24 19.41 14.43
N GLN B 799 -36.35 20.34 14.78
CA GLN B 799 -35.52 20.25 16.00
C GLN B 799 -34.80 18.92 16.19
N LEU B 800 -34.13 18.45 15.15
CA LEU B 800 -33.43 17.18 15.27
C LEU B 800 -32.20 17.22 16.19
N GLY B 801 -31.79 18.41 16.63
CA GLY B 801 -30.63 18.52 17.48
C GLY B 801 -29.89 19.77 17.14
N TYR B 802 -28.88 20.08 17.95
CA TYR B 802 -28.22 21.38 17.88
C TYR B 802 -27.22 21.44 16.73
N ILE B 803 -26.50 20.34 16.53
CA ILE B 803 -25.60 20.21 15.37
C ILE B 803 -26.28 19.55 14.18
N VAL B 804 -26.50 20.34 13.15
CA VAL B 804 -27.03 19.85 11.87
C VAL B 804 -26.19 20.50 10.81
N PHE B 805 -25.78 19.78 9.78
CA PHE B 805 -24.79 20.31 8.85
C PHE B 805 -24.94 19.67 7.47
N SER B 806 -24.70 20.45 6.43
CA SER B 806 -24.64 19.90 5.07
C SER B 806 -23.43 20.51 4.39
N GLY B 807 -23.17 20.14 3.14
CA GLY B 807 -22.13 20.79 2.35
C GLY B 807 -21.32 19.72 1.66
N PRO B 808 -20.36 20.14 0.78
CA PRO B 808 -19.42 19.25 0.06
C PRO B 808 -18.52 18.38 0.96
N ARG B 809 -18.19 17.15 0.55
CA ARG B 809 -17.06 16.45 1.15
C ARG B 809 -16.04 16.33 0.04
N ARG B 810 -14.79 16.73 0.28
CA ARG B 810 -13.72 16.50 -0.71
C ARG B 810 -12.62 15.76 -0.04
N ALA B 811 -12.18 14.66 -0.65
CA ALA B 811 -11.10 13.82 -0.12
C ALA B 811 -10.45 12.96 -1.24
N ASN B 812 -9.12 12.83 -1.20
CA ASN B 812 -8.33 12.08 -2.21
C ASN B 812 -8.74 12.35 -3.63
N GLY B 813 -9.27 13.54 -3.89
CA GLY B 813 -9.65 13.94 -5.24
C GLY B 813 -11.05 13.55 -5.69
N ILE B 814 -11.83 12.98 -4.78
CA ILE B 814 -13.19 12.63 -5.09
C ILE B 814 -14.05 13.54 -4.23
N GLN B 815 -15.33 13.64 -4.54
CA GLN B 815 -16.19 14.49 -3.75
C GLN B 815 -17.60 13.95 -3.64
N GLY B 816 -18.36 14.47 -2.69
CA GLY B 816 -19.76 14.10 -2.57
C GLY B 816 -20.51 15.13 -1.79
N LEU B 817 -21.66 14.74 -1.29
CA LEU B 817 -22.44 15.62 -0.46
C LEU B 817 -22.55 14.95 0.89
N ARG B 818 -22.40 15.71 1.97
CA ARG B 818 -22.52 15.12 3.31
C ARG B 818 -23.58 15.76 4.13
N PHE B 819 -24.17 15.00 5.03
CA PHE B 819 -25.04 15.56 6.02
C PHE B 819 -24.50 15.08 7.34
N ILE B 820 -24.37 15.97 8.32
CA ILE B 820 -24.01 15.54 9.67
C ILE B 820 -25.08 15.94 10.64
N ILE B 821 -25.42 15.06 11.57
CA ILE B 821 -26.42 15.41 12.56
C ILE B 821 -26.09 14.75 13.85
N GLN B 822 -26.20 15.53 14.93
CA GLN B 822 -26.22 14.99 16.29
C GLN B 822 -27.64 15.10 16.85
N SER B 823 -28.10 14.03 17.52
CA SER B 823 -29.50 13.99 17.91
C SER B 823 -29.81 13.17 19.13
N GLU B 824 -30.86 13.57 19.83
CA GLU B 824 -31.53 12.76 20.84
C GLU B 824 -32.21 11.54 20.16
N LYS B 825 -32.45 11.59 18.83
CA LYS B 825 -33.21 10.56 18.04
C LYS B 825 -32.31 9.46 17.44
N PRO B 826 -32.87 8.30 17.08
CA PRO B 826 -32.03 7.28 16.44
C PRO B 826 -31.77 7.52 14.92
N PRO B 827 -30.71 6.94 14.36
CA PRO B 827 -30.47 7.25 12.97
C PRO B 827 -31.20 6.29 12.03
N TYR B 829 -33.96 6.66 11.01
CA TYR B 829 -34.88 7.76 11.35
C TYR B 829 -34.38 9.15 10.99
N LEU B 830 -33.23 9.51 11.56
CA LEU B 830 -32.57 10.72 11.14
C LEU B 830 -32.51 10.66 9.59
N GLU B 831 -32.20 9.46 9.08
CA GLU B 831 -32.14 9.19 7.63
C GLU B 831 -33.40 9.56 6.86
N SER B 832 -34.55 9.12 7.33
CA SER B 832 -35.76 9.42 6.58
C SER B 832 -35.97 10.94 6.54
N ARG B 833 -35.67 11.65 7.62
CA ARG B 833 -35.85 13.09 7.63
C ARG B 833 -34.92 13.79 6.66
N VAL B 834 -33.68 13.30 6.55
CA VAL B 834 -32.76 13.81 5.54
C VAL B 834 -33.26 13.44 4.13
N GLU B 835 -33.94 12.31 4.01
CA GLU B 835 -34.36 11.91 2.69
C GLU B 835 -35.62 12.63 2.33
N ALA B 836 -36.44 12.90 3.33
CA ALA B 836 -37.70 13.57 3.15
C ALA B 836 -37.41 14.99 2.75
N PHE B 837 -36.64 15.68 3.58
CA PHE B 837 -36.08 16.95 3.22
C PHE B 837 -35.65 17.00 1.75
N LEU B 838 -34.85 16.03 1.32
CA LEU B 838 -34.25 16.05 -0.03
C LEU B 838 -35.26 16.22 -1.19
N ILE B 839 -36.42 15.59 -1.08
CA ILE B 839 -37.56 15.73 -2.00
C ILE B 839 -38.21 17.16 -1.98
N THR B 840 -38.41 17.66 -0.78
CA THR B 840 -38.75 19.05 -0.51
C THR B 840 -37.86 20.00 -1.30
N MET B 841 -36.57 19.68 -1.36
CA MET B 841 -35.64 20.43 -2.14
C MET B 841 -35.88 20.23 -3.63
N GLU B 842 -36.20 19.01 -4.06
CA GLU B 842 -36.56 18.77 -5.46
C GLU B 842 -37.72 19.69 -5.84
N LYS B 843 -38.80 19.68 -5.06
CA LYS B 843 -39.94 20.53 -5.35
C LYS B 843 -39.52 21.99 -5.33
N SER B 844 -38.69 22.38 -4.37
CA SER B 844 -38.22 23.77 -4.25
C SER B 844 -37.48 24.37 -5.41
N ILE B 845 -36.62 23.58 -6.04
CA ILE B 845 -35.89 24.03 -7.22
C ILE B 845 -36.83 24.14 -8.42
N GLU B 846 -37.79 23.21 -8.54
CA GLU B 846 -38.74 23.27 -9.65
C GLU B 846 -39.62 24.52 -9.63
N ASP B 847 -39.87 24.99 -8.42
CA ASP B 847 -40.64 26.20 -8.21
C ASP B 847 -39.79 27.47 -8.07
N MET B 848 -38.54 27.41 -7.61
CA MET B 848 -37.82 28.69 -7.44
C MET B 848 -37.63 29.45 -8.75
N THR B 849 -37.88 30.77 -8.69
CA THR B 849 -37.77 31.68 -9.85
C THR B 849 -36.37 31.82 -10.43
N GLU B 850 -36.29 32.23 -11.69
CA GLU B 850 -34.99 32.39 -12.31
C GLU B 850 -34.20 33.41 -11.50
N GLU B 851 -34.88 34.43 -11.00
CA GLU B 851 -34.16 35.48 -10.28
C GLU B 851 -33.73 35.03 -8.87
N ALA B 852 -34.46 34.05 -8.31
CA ALA B 852 -34.07 33.40 -7.04
C ALA B 852 -32.78 32.63 -7.25
N PHE B 853 -32.83 31.73 -8.23
CA PHE B 853 -31.71 30.94 -8.68
C PHE B 853 -30.45 31.76 -8.97
N GLN B 854 -30.60 32.93 -9.58
CA GLN B 854 -29.39 33.66 -9.93
C GLN B 854 -28.79 34.38 -8.75
N LYS B 855 -29.61 34.59 -7.73
CA LYS B 855 -29.17 35.09 -6.44
C LYS B 855 -28.11 34.15 -5.84
N HIS B 856 -28.42 32.84 -5.81
CA HIS B 856 -27.54 31.73 -5.33
C HIS B 856 -26.21 31.63 -6.08
N ILE B 857 -26.29 31.62 -7.40
CA ILE B 857 -25.10 31.62 -8.23
C ILE B 857 -24.23 32.77 -7.77
N GLN B 858 -24.85 33.93 -7.60
CA GLN B 858 -24.13 35.11 -7.16
C GLN B 858 -23.54 34.97 -5.73
N ALA B 859 -24.23 34.24 -4.88
CA ALA B 859 -23.72 33.99 -3.53
C ALA B 859 -22.48 33.15 -3.62
N LEU B 860 -22.58 31.96 -4.20
CA LEU B 860 -21.41 31.10 -4.42
C LEU B 860 -20.24 31.86 -5.05
N ALA B 861 -20.58 32.66 -6.06
CA ALA B 861 -19.62 33.51 -6.75
C ALA B 861 -18.82 34.36 -5.77
N ILE B 862 -19.51 35.25 -5.04
CA ILE B 862 -18.86 36.22 -4.16
C ILE B 862 -18.03 35.50 -3.10
N ARG B 863 -18.62 34.43 -2.59
CA ARG B 863 -18.01 33.58 -1.58
C ARG B 863 -16.67 32.95 -2.05
N ARG B 864 -16.64 32.31 -3.23
CA ARG B 864 -15.42 31.71 -3.79
C ARG B 864 -14.35 32.72 -4.18
N LEU B 865 -14.79 33.88 -4.64
CA LEU B 865 -13.91 34.93 -5.15
C LEU B 865 -13.46 35.95 -4.11
N ASP B 866 -14.02 35.87 -2.91
CA ASP B 866 -13.62 36.74 -1.82
C ASP B 866 -12.10 36.71 -1.69
N LYS B 867 -11.43 37.86 -1.84
CA LYS B 867 -9.95 37.94 -1.85
C LYS B 867 -9.41 37.58 -0.48
N PRO B 868 -8.17 37.03 -0.43
CA PRO B 868 -7.48 36.85 0.87
C PRO B 868 -7.08 38.15 1.60
N LYS B 869 -7.38 38.21 2.91
CA LYS B 869 -7.10 39.37 3.77
C LYS B 869 -5.67 39.43 4.35
N LYS B 870 -5.12 38.30 4.80
CA LYS B 870 -3.73 38.21 5.29
C LYS B 870 -2.96 37.25 4.45
N LEU B 871 -1.63 37.37 4.49
CA LEU B 871 -0.73 36.50 3.72
C LEU B 871 -1.01 35.00 3.92
N SER B 872 -1.14 34.54 5.16
CA SER B 872 -1.43 33.12 5.40
C SER B 872 -2.80 32.63 4.90
N ALA B 873 -3.78 33.51 4.74
CA ALA B 873 -5.00 33.08 4.05
C ALA B 873 -4.67 32.64 2.62
N GLU B 874 -3.80 33.41 1.96
CA GLU B 874 -3.38 33.16 0.58
C GLU B 874 -2.44 31.96 0.44
N SER B 875 -1.52 31.78 1.39
CA SER B 875 -0.65 30.60 1.45
C SER B 875 -1.42 29.29 1.59
N ALA B 876 -2.53 29.32 2.32
CA ALA B 876 -3.37 28.16 2.48
C ALA B 876 -4.04 27.82 1.15
N LYS B 877 -4.45 28.86 0.44
CA LYS B 877 -5.04 28.74 -0.89
C LYS B 877 -4.07 28.05 -1.87
N TYR B 878 -2.78 28.37 -1.84
CA TYR B 878 -1.87 27.62 -2.68
C TYR B 878 -1.49 26.30 -2.03
N TRP B 879 -1.33 26.29 -0.71
CA TRP B 879 -1.07 25.03 -0.02
C TRP B 879 -2.02 23.96 -0.54
N GLY B 880 -3.32 24.25 -0.47
CA GLY B 880 -4.39 23.38 -0.97
C GLY B 880 -4.05 22.80 -2.33
N GLU B 881 -3.90 23.67 -3.33
CA GLU B 881 -3.44 23.30 -4.66
C GLU B 881 -2.23 22.41 -4.69
N ILE B 882 -1.23 22.71 -3.87
CA ILE B 882 0.03 21.94 -3.87
C ILE B 882 -0.08 20.52 -3.25
N ILE B 883 -0.61 20.39 -2.03
CA ILE B 883 -0.74 19.06 -1.44
C ILE B 883 -1.80 18.24 -2.14
N SER B 884 -2.86 18.89 -2.57
CA SER B 884 -3.93 18.15 -3.26
C SER B 884 -3.41 17.65 -4.61
N GLN B 885 -2.17 18.01 -4.90
CA GLN B 885 -1.49 17.70 -6.16
C GLN B 885 -2.28 18.10 -7.40
N GLN B 886 -3.18 19.07 -7.27
CA GLN B 886 -3.91 19.62 -8.43
C GLN B 886 -3.22 20.81 -9.12
N TYR B 887 -2.53 21.66 -8.34
CA TYR B 887 -1.71 22.77 -8.88
C TYR B 887 -2.50 23.80 -9.72
N ASN B 888 -3.79 23.93 -9.47
CA ASN B 888 -4.62 24.83 -10.24
C ASN B 888 -4.80 26.19 -9.52
N PHE B 889 -3.77 27.02 -9.59
CA PHE B 889 -3.67 28.24 -8.78
C PHE B 889 -4.67 29.29 -9.15
N ASP B 890 -5.12 29.26 -10.41
CA ASP B 890 -6.17 30.15 -10.91
C ASP B 890 -7.60 29.58 -10.76
N ARG B 891 -7.78 28.57 -9.89
CA ARG B 891 -9.03 27.82 -9.79
C ARG B 891 -10.29 28.70 -9.77
N ASP B 892 -10.28 29.69 -8.87
CA ASP B 892 -11.49 30.44 -8.53
C ASP B 892 -12.03 31.19 -9.74
N ASN B 893 -11.13 31.68 -10.58
CA ASN B 893 -11.59 32.35 -11.78
C ASN B 893 -12.25 31.43 -12.85
N THR B 894 -11.57 30.33 -13.18
CA THR B 894 -12.12 29.29 -14.02
C THR B 894 -13.47 28.86 -13.44
N GLU B 895 -13.44 28.37 -12.20
CA GLU B 895 -14.63 27.79 -11.60
C GLU B 895 -15.83 28.77 -11.51
N VAL B 896 -15.56 30.04 -11.20
CA VAL B 896 -16.68 30.98 -11.08
C VAL B 896 -17.25 31.35 -12.46
N ALA B 897 -16.37 31.55 -13.45
CA ALA B 897 -16.78 31.82 -14.82
C ALA B 897 -17.64 30.66 -15.30
N TYR B 898 -17.13 29.43 -15.18
CA TYR B 898 -17.95 28.28 -15.50
C TYR B 898 -19.29 28.25 -14.74
N LEU B 899 -19.26 28.46 -13.41
CA LEU B 899 -20.47 28.49 -12.53
C LEU B 899 -21.59 29.30 -13.14
N LYS B 900 -21.24 30.54 -13.50
CA LYS B 900 -22.17 31.50 -14.09
C LYS B 900 -22.97 31.00 -15.32
N THR B 901 -22.51 29.90 -15.93
CA THR B 901 -23.13 29.15 -17.06
C THR B 901 -24.23 28.16 -16.70
N LEU B 902 -24.34 27.81 -15.43
CA LEU B 902 -25.25 26.73 -15.05
C LEU B 902 -26.72 27.20 -14.94
N THR B 903 -27.64 26.43 -15.50
CA THR B 903 -29.07 26.79 -15.46
C THR B 903 -29.82 25.93 -14.44
N LYS B 904 -30.99 26.37 -14.00
CA LYS B 904 -31.85 25.60 -13.05
C LYS B 904 -32.01 24.14 -13.56
N GLU B 905 -32.34 24.01 -14.84
CA GLU B 905 -32.31 22.77 -15.63
C GLU B 905 -31.08 21.84 -15.42
N ASP B 906 -29.85 22.39 -15.51
CA ASP B 906 -28.62 21.59 -15.24
C ASP B 906 -28.56 20.99 -13.84
N ILE B 907 -28.74 21.84 -12.82
CA ILE B 907 -28.77 21.42 -11.43
C ILE B 907 -29.76 20.31 -11.20
N ILE B 908 -30.98 20.50 -11.69
CA ILE B 908 -31.99 19.45 -11.57
C ILE B 908 -31.49 18.11 -12.13
N LYS B 909 -31.03 18.13 -13.40
CA LYS B 909 -30.51 16.92 -14.07
C LYS B 909 -29.44 16.27 -13.22
N PHE B 910 -28.51 17.08 -12.74
CA PHE B 910 -27.49 16.64 -11.80
C PHE B 910 -28.09 15.93 -10.57
N TYR B 911 -29.18 16.51 -10.06
CA TYR B 911 -29.94 15.92 -8.95
C TYR B 911 -30.58 14.54 -9.26
N LYS B 912 -31.37 14.47 -10.33
CA LYS B 912 -31.97 13.20 -10.81
C LYS B 912 -30.94 12.14 -11.13
N GLU B 913 -29.78 12.52 -11.63
CA GLU B 913 -28.73 11.56 -11.94
C GLU B 913 -27.89 11.05 -10.76
N MET B 914 -27.68 11.88 -9.74
CA MET B 914 -26.72 11.56 -8.66
C MET B 914 -27.29 11.40 -7.28
N LEU B 915 -28.28 12.22 -6.94
CA LEU B 915 -28.69 12.37 -5.56
C LEU B 915 -30.03 11.81 -5.24
N ALA B 916 -31.03 12.05 -6.09
CA ALA B 916 -32.41 11.59 -5.84
C ALA B 916 -32.49 10.12 -5.48
N VAL B 917 -33.46 9.79 -4.63
CA VAL B 917 -33.68 8.44 -4.08
C VAL B 917 -33.51 7.28 -5.06
N ASP B 918 -33.63 7.57 -6.34
CA ASP B 918 -33.71 6.56 -7.38
C ASP B 918 -32.86 7.01 -8.56
N ALA B 919 -31.72 7.60 -8.27
CA ALA B 919 -30.82 8.03 -9.33
C ALA B 919 -30.23 6.79 -9.96
N PRO B 920 -30.05 6.80 -11.29
CA PRO B 920 -29.24 5.71 -11.88
C PRO B 920 -27.86 5.56 -11.18
N ARG B 921 -27.35 6.68 -10.66
CA ARG B 921 -25.98 6.72 -10.19
C ARG B 921 -25.88 7.08 -8.70
N ARG B 922 -26.92 6.85 -7.93
CA ARG B 922 -26.81 7.16 -6.50
C ARG B 922 -25.83 6.21 -5.80
N HIS B 923 -24.77 6.79 -5.21
CA HIS B 923 -23.81 6.07 -4.35
C HIS B 923 -23.97 6.59 -2.95
N LYS B 924 -24.29 5.74 -1.98
CA LYS B 924 -24.55 6.27 -0.65
C LYS B 924 -23.99 5.49 0.54
N VAL B 925 -23.17 6.13 1.38
CA VAL B 925 -22.75 5.52 2.65
C VAL B 925 -23.39 6.27 3.79
N SER B 926 -23.61 5.56 4.90
CA SER B 926 -24.19 6.14 6.08
C SER B 926 -23.54 5.56 7.31
N VAL B 927 -22.95 6.43 8.12
CA VAL B 927 -22.40 6.00 9.42
C VAL B 927 -23.43 6.30 10.49
N HIS B 928 -23.63 5.39 11.44
CA HIS B 928 -24.61 5.58 12.50
C HIS B 928 -23.91 5.41 13.84
N VAL B 929 -23.70 6.50 14.56
CA VAL B 929 -23.25 6.27 15.89
C VAL B 929 -24.48 6.32 16.78
N LEU B 930 -24.80 5.19 17.41
CA LEU B 930 -25.92 5.08 18.36
C LEU B 930 -25.47 5.65 19.66
N ALA B 931 -26.39 6.33 20.32
CA ALA B 931 -26.27 6.77 21.71
C ALA B 931 -25.85 5.67 22.68
N ARG B 932 -25.29 6.11 23.80
CA ARG B 932 -25.03 5.25 24.94
C ARG B 932 -26.19 4.28 25.26
N GLU B 933 -27.44 4.75 25.28
CA GLU B 933 -28.60 3.91 25.65
C GLU B 933 -29.29 3.10 24.52
N MET B 934 -29.14 3.46 23.26
CA MET B 934 -29.94 2.78 22.24
C MET B 934 -29.65 1.29 22.09
N ASN B 950 -48.74 16.77 10.09
CA ASN B 950 -47.70 17.35 10.96
C ASN B 950 -46.49 17.91 10.17
N LEU B 951 -45.84 17.04 9.39
CA LEU B 951 -44.53 17.28 8.72
C LEU B 951 -44.34 16.39 7.46
N SER B 952 -43.54 16.86 6.51
CA SER B 952 -43.46 16.25 5.18
C SER B 952 -43.06 14.78 5.21
N GLN B 953 -43.42 14.07 4.15
CA GLN B 953 -43.42 12.60 4.03
C GLN B 953 -42.08 12.02 3.52
N ALA B 954 -41.59 10.99 4.21
CA ALA B 954 -40.32 10.38 3.87
C ALA B 954 -40.54 9.37 2.76
N PRO B 955 -39.54 9.21 1.85
CA PRO B 955 -39.56 8.16 0.81
C PRO B 955 -39.17 6.76 1.31
N ALA B 956 -39.77 5.73 0.72
CA ALA B 956 -39.40 4.35 1.02
C ALA B 956 -37.97 4.04 0.53
N LEU B 957 -37.10 3.62 1.44
CA LEU B 957 -35.69 3.36 1.08
C LEU B 957 -35.40 1.86 0.93
N PRO B 958 -34.46 1.50 0.02
CA PRO B 958 -34.01 0.11 -0.03
C PRO B 958 -33.44 -0.34 1.33
N GLN B 959 -33.32 -1.64 1.55
CA GLN B 959 -32.62 -2.18 2.70
C GLN B 959 -31.13 -2.06 2.37
N PRO B 960 -30.35 -1.46 3.28
CA PRO B 960 -28.91 -1.36 3.02
C PRO B 960 -28.17 -2.67 3.20
N GLU B 961 -27.02 -2.80 2.57
CA GLU B 961 -26.06 -3.84 2.94
C GLU B 961 -25.31 -3.28 4.15
N VAL B 962 -25.49 -3.93 5.30
CA VAL B 962 -24.83 -3.50 6.55
C VAL B 962 -23.33 -3.84 6.48
N ILE B 963 -22.43 -2.91 6.78
CA ILE B 963 -21.01 -3.22 6.79
C ILE B 963 -20.62 -3.88 8.09
N GLN B 964 -20.20 -5.12 7.97
CA GLN B 964 -19.83 -5.92 9.12
C GLN B 964 -18.41 -5.67 9.53
N ASN B 965 -17.55 -5.42 8.56
CA ASN B 965 -16.15 -5.31 8.84
C ASN B 965 -15.57 -4.34 7.83
N MET B 966 -14.79 -3.37 8.33
CA MET B 966 -14.27 -2.23 7.53
C MET B 966 -13.31 -2.58 6.42
N THR B 967 -12.34 -3.44 6.70
CA THR B 967 -11.38 -3.80 5.67
C THR B 967 -12.07 -4.67 4.63
N GLU B 968 -12.91 -5.60 5.09
CA GLU B 968 -13.72 -6.42 4.16
C GLU B 968 -14.52 -5.58 3.17
N PHE B 969 -15.15 -4.53 3.68
CA PHE B 969 -15.84 -3.53 2.89
C PHE B 969 -14.93 -3.00 1.78
N LYS B 970 -13.83 -2.37 2.18
CA LYS B 970 -12.85 -1.77 1.26
C LYS B 970 -12.35 -2.78 0.21
N ARG B 971 -11.96 -3.97 0.65
CA ARG B 971 -11.39 -4.99 -0.23
C ARG B 971 -12.37 -5.34 -1.37
N GLY B 972 -13.64 -5.58 -1.05
CA GLY B 972 -14.64 -5.90 -2.08
C GLY B 972 -15.29 -4.74 -2.82
N LEU B 973 -14.46 -3.78 -3.22
CA LEU B 973 -14.88 -2.56 -3.91
C LEU B 973 -13.70 -1.93 -4.64
N PRO B 974 -13.97 -1.26 -5.80
CA PRO B 974 -12.93 -0.62 -6.58
C PRO B 974 -12.41 0.65 -5.90
N LEU B 975 -11.19 1.06 -6.24
CA LEU B 975 -10.64 2.34 -5.78
C LEU B 975 -10.61 3.26 -6.96
N PHE B 976 -11.07 4.50 -6.82
CA PHE B 976 -11.03 5.50 -7.89
C PHE B 976 -9.61 5.70 -8.45
N PRO B 977 -9.49 6.41 -9.56
CA PRO B 977 -8.15 6.93 -9.96
C PRO B 977 -7.68 8.11 -9.11
N LEU B 978 -6.37 8.35 -9.09
CA LEU B 978 -5.79 9.55 -8.51
C LEU B 978 -6.01 10.72 -9.46
N VAL B 979 -6.26 11.93 -8.95
CA VAL B 979 -6.65 13.06 -9.86
C VAL B 979 -5.46 13.57 -10.68
N LYS B 980 -5.66 13.87 -11.98
CA LYS B 980 -4.54 14.41 -12.81
C LYS B 980 -4.19 15.93 -12.60
N PRO B 981 -2.86 16.28 -12.60
CA PRO B 981 -2.40 17.67 -12.29
C PRO B 981 -2.59 18.85 -13.33
N HIS B 982 -3.80 19.46 -13.45
CA HIS B 982 -4.08 20.68 -14.29
C HIS B 982 -2.98 21.77 -14.16
ZN ZN C . 11.82 -28.35 -32.68
ZN ZN D . -26.61 28.80 21.84
#